data_4Z7W
#
_entry.id   4Z7W
#
_cell.length_a   66.623
_cell.length_b   200.518
_cell.length_c   87.183
_cell.angle_alpha   90.00
_cell.angle_beta   100.63
_cell.angle_gamma   90.00
#
_symmetry.space_group_name_H-M   'P 1 21 1'
#
loop_
_entity.id
_entity.type
_entity.pdbx_description
1 polymer 'MHC class II HLA-DQ-alpha chain'
2 polymer 'MHC class II HLA-DQ-beta-1'
3 polymer 'T-CELL RECEPTOR, T316 ALPHA CHAIN'
4 polymer 'T-CELL RECEPTOR, T316 BETA CHAIN'
5 polymer DQ8-glia-alpha1
6 branched alpha-D-mannopyranose-(1-6)-alpha-D-mannopyranose-(1-3)-2-acetamido-2-deoxy-beta-D-glucopyranose-(1-4)-[alpha-L-fucopyranose-(1-3)][alpha-L-fucopyranose-(1-6)]2-acetamido-2-deoxy-beta-D-glucopyranose
7 non-polymer 2-acetamido-2-deoxy-beta-D-glucopyranose
8 non-polymer 'SULFATE ION'
9 water water
#
loop_
_entity_poly.entity_id
_entity_poly.type
_entity_poly.pdbx_seq_one_letter_code
_entity_poly.pdbx_strand_id
1 'polypeptide(L)'
;EDIVADHVASYGVNLYQSYGPSGQYSHEFDGDEEFYVDLERKETVWQLPLFRRFRRFDPQFALTNIAVLKHNLNIVIKRS
NSTAATNEVPEVTVFSKSPVTLGQPNTLICLVDNIFPPVVNITWLSNGHSVTEGVSETSFLSKSDHSFFKISYLTFLPSA
DEIYDCKVEHWGLDEPLLKHWEPETSGDDDDK
;
A,C
2 'polypeptide(L)'
;GGSIEGRGGSGASRDSPEDFVYQFKGMCYFTNGTERVRLVTRYIYNREEYARFDSDVGVYRAVTPLGPPAAEYWNSQKEV
LERTRAELDTVCRHNYQLELRTTLQRRVEPTVTISPSRTEALNHHNLLVCSVTDFYPAQIKVRWFRNDQEETTGVVSTPL
IRNGDWTFQILVMLEMTPQRGDVYTCHVEHPSLQNPIIVEWRAQSTGGDDDDK
;
B,D
3 'polypeptide(L)'
;QSVTQPDIHITVSEGASLELRCNYSYGATPYLFWYVQSPGQGLQLLLKYFSGDTLVQGIKGFEAEFKRSQSSFNLRKPSV
HWSDAAEYFCAVGETGANNLFFGTGTRLTVIPYIQNPDPAVYQLRDSKSSDKSVCLFTDFDSQTNVSQSKDSDVYITDKC
VLDMRSMDFKSNSAVAWSNKSDFACANAFNNSIIPEDTFFPSPESS
;
E,G
4 'polypeptide(L)'
;GVTQTPKFQVLKTGQSMTLQCAQDMNHNSMYWYRQDPGMGLRLIYYSASEGTTDKGEVPNGYNVSRLNKREFSLRLESAA
PSQTSVYFCASSEARRYNEQFFGPGTRLTVLEDLKNVFPPEVAVFEPSEAEISHTQKATLVCLATGFYPDHVELSWWVNG
KEVHSGVCTDPQPLKEQPALNDSRYALSSRLRVSATFWQNPRNHFRCQVQFYGLSENDEWTQDRAKPVTQIVSAEAWGRA
D
;
F,H
5 'polypeptide(L)' APSGEGSFQPSQENPQGS I,J
#
# COMPACT_ATOMS: atom_id res chain seq x y z
N ILE A 3 3.15 34.64 -15.74
CA ILE A 3 3.55 34.80 -14.35
C ILE A 3 3.10 36.19 -13.82
N VAL A 4 3.03 37.21 -14.70
CA VAL A 4 2.62 38.56 -14.35
C VAL A 4 1.11 38.73 -14.56
N ALA A 5 0.41 39.17 -13.49
CA ALA A 5 -1.05 39.39 -13.47
C ALA A 5 -1.44 40.44 -12.43
N ASP A 6 -2.59 41.14 -12.65
CA ASP A 6 -3.12 42.16 -11.74
C ASP A 6 -3.61 41.52 -10.43
N HIS A 7 -4.30 40.36 -10.53
CA HIS A 7 -4.83 39.62 -9.39
C HIS A 7 -4.55 38.13 -9.53
N VAL A 8 -3.87 37.54 -8.52
CA VAL A 8 -3.53 36.12 -8.48
C VAL A 8 -4.45 35.44 -7.47
N ALA A 9 -5.15 34.39 -7.91
CA ALA A 9 -6.09 33.65 -7.06
C ALA A 9 -5.84 32.14 -7.11
N SER A 10 -6.24 31.42 -6.05
CA SER A 10 -6.11 29.97 -5.95
C SER A 10 -7.42 29.39 -5.44
N TYR A 11 -8.12 28.61 -6.28
CA TYR A 11 -9.42 28.02 -5.91
C TYR A 11 -9.41 26.46 -6.03
N GLY A 12 -8.70 25.74 -5.16
CA GLY A 12 -7.87 26.28 -4.08
C GLY A 12 -6.54 25.58 -3.90
N VAL A 13 -5.98 25.68 -2.69
CA VAL A 13 -4.72 25.07 -2.30
C VAL A 13 -5.07 23.75 -1.59
N ASN A 14 -4.93 22.65 -2.32
CA ASN A 14 -5.22 21.30 -1.87
C ASN A 14 -3.94 20.67 -1.32
N LEU A 15 -3.96 20.21 -0.07
CA LEU A 15 -2.81 19.63 0.60
C LEU A 15 -3.16 18.34 1.32
N TYR A 16 -2.30 17.33 1.18
CA TYR A 16 -2.40 16.02 1.83
C TYR A 16 -1.00 15.46 2.05
N GLN A 17 -0.75 14.94 3.26
CA GLN A 17 0.53 14.37 3.65
C GLN A 17 0.34 13.04 4.40
N SER A 18 1.34 12.15 4.33
CA SER A 18 1.35 10.84 4.96
C SER A 18 1.35 10.92 6.49
N TYR A 19 1.99 11.96 7.07
CA TYR A 19 2.05 12.18 8.52
C TYR A 19 0.67 12.52 9.07
N GLY A 20 0.15 11.62 9.92
CA GLY A 20 -1.17 11.74 10.52
C GLY A 20 -2.07 10.56 10.24
N PRO A 21 -2.63 10.41 9.00
CA PRO A 21 -2.49 11.29 7.83
C PRO A 21 -3.38 12.53 7.93
N SER A 22 -2.78 13.71 7.66
CA SER A 22 -3.47 15.00 7.72
C SER A 22 -3.57 15.66 6.36
N GLY A 23 -4.55 16.57 6.22
CA GLY A 23 -4.82 17.31 5.00
C GLY A 23 -5.32 18.72 5.25
N GLN A 24 -5.32 19.55 4.19
CA GLN A 24 -5.77 20.94 4.24
C GLN A 24 -6.36 21.40 2.90
N TYR A 25 -7.44 22.19 2.97
CA TYR A 25 -8.10 22.79 1.81
C TYR A 25 -8.48 24.22 2.13
N SER A 26 -7.97 25.17 1.32
CA SER A 26 -8.21 26.61 1.49
C SER A 26 -8.18 27.35 0.16
N HIS A 27 -8.89 28.49 0.09
CA HIS A 27 -8.91 29.36 -1.09
C HIS A 27 -8.16 30.65 -0.78
N GLU A 28 -7.34 31.11 -1.74
CA GLU A 28 -6.55 32.33 -1.56
C GLU A 28 -6.78 33.34 -2.69
N PHE A 29 -6.68 34.64 -2.35
CA PHE A 29 -6.79 35.76 -3.29
C PHE A 29 -5.80 36.83 -2.91
N ASP A 30 -4.87 37.14 -3.85
CA ASP A 30 -3.78 38.11 -3.76
C ASP A 30 -2.89 37.85 -2.52
N GLY A 31 -2.68 36.57 -2.20
CA GLY A 31 -1.84 36.14 -1.09
C GLY A 31 -2.53 36.00 0.26
N ASP A 32 -3.82 36.36 0.34
CA ASP A 32 -4.61 36.27 1.57
C ASP A 32 -5.62 35.13 1.52
N GLU A 33 -5.80 34.44 2.66
CA GLU A 33 -6.72 33.31 2.80
C GLU A 33 -8.18 33.77 2.92
N GLU A 34 -9.03 33.31 1.99
CA GLU A 34 -10.47 33.60 1.97
C GLU A 34 -11.19 32.77 3.04
N PHE A 35 -10.92 31.44 3.05
CA PHE A 35 -11.49 30.47 3.97
C PHE A 35 -10.66 29.19 4.01
N TYR A 36 -11.00 28.29 4.95
CA TYR A 36 -10.41 26.95 5.07
C TYR A 36 -11.54 25.98 5.46
N VAL A 37 -11.52 24.77 4.88
CA VAL A 37 -12.55 23.78 5.17
C VAL A 37 -12.05 22.87 6.29
N ASP A 38 -12.79 22.85 7.42
CA ASP A 38 -12.50 21.99 8.57
C ASP A 38 -12.98 20.60 8.16
N LEU A 39 -12.05 19.78 7.62
CA LEU A 39 -12.31 18.45 7.06
C LEU A 39 -12.91 17.46 8.07
N GLU A 40 -12.54 17.57 9.36
CA GLU A 40 -13.08 16.68 10.40
C GLU A 40 -14.50 17.09 10.79
N ARG A 41 -14.77 18.39 11.01
CA ARG A 41 -16.08 18.91 11.39
C ARG A 41 -17.04 19.08 10.19
N LYS A 42 -16.52 19.00 8.95
CA LYS A 42 -17.22 19.13 7.65
C LYS A 42 -17.92 20.50 7.54
N GLU A 43 -17.16 21.60 7.78
CA GLU A 43 -17.68 22.97 7.73
C GLU A 43 -16.66 23.95 7.12
N THR A 44 -17.18 25.01 6.48
CA THR A 44 -16.39 26.08 5.85
C THR A 44 -16.24 27.23 6.85
N VAL A 45 -14.99 27.61 7.15
CA VAL A 45 -14.68 28.69 8.09
C VAL A 45 -14.06 29.87 7.32
N TRP A 46 -14.85 30.94 7.09
CA TRP A 46 -14.41 32.15 6.39
C TRP A 46 -13.62 33.05 7.33
N GLN A 47 -12.54 33.67 6.83
CA GLN A 47 -11.61 34.50 7.60
C GLN A 47 -12.12 35.94 7.84
N LEU A 48 -13.04 36.45 6.99
CA LEU A 48 -13.58 37.81 7.14
C LEU A 48 -15.08 37.80 7.49
N PRO A 49 -15.60 38.82 8.23
CA PRO A 49 -17.04 38.85 8.54
C PRO A 49 -17.90 39.13 7.30
N LEU A 50 -17.30 39.81 6.29
CA LEU A 50 -17.93 40.16 5.02
C LEU A 50 -18.20 38.90 4.19
N PHE A 51 -17.25 37.94 4.23
CA PHE A 51 -17.32 36.67 3.51
C PHE A 51 -18.38 35.73 4.09
N ARG A 52 -18.53 35.72 5.43
CA ARG A 52 -19.49 34.88 6.17
C ARG A 52 -20.95 35.21 5.82
N ARG A 53 -21.25 36.49 5.54
CA ARG A 53 -22.59 36.97 5.26
C ARG A 53 -22.99 36.89 3.77
N PHE A 54 -22.05 37.11 2.84
CA PHE A 54 -22.39 37.16 1.41
C PHE A 54 -21.84 36.00 0.56
N ARG A 55 -20.92 35.18 1.09
CA ARG A 55 -20.34 34.06 0.32
C ARG A 55 -20.50 32.71 1.03
N ARG A 56 -20.71 31.63 0.26
CA ARG A 56 -20.84 30.26 0.78
C ARG A 56 -20.05 29.27 -0.09
N PHE A 57 -19.61 28.16 0.51
CA PHE A 57 -18.85 27.10 -0.15
C PHE A 57 -19.28 25.73 0.36
N ASP A 58 -19.52 24.78 -0.55
CA ASP A 58 -19.93 23.40 -0.23
C ASP A 58 -18.72 22.63 0.33
N PRO A 59 -18.75 22.20 1.62
CA PRO A 59 -17.58 21.50 2.19
C PRO A 59 -17.34 20.12 1.58
N GLN A 60 -18.34 19.55 0.87
CA GLN A 60 -18.27 18.25 0.20
C GLN A 60 -17.22 18.25 -0.91
N PHE A 61 -16.98 19.42 -1.55
CA PHE A 61 -15.99 19.56 -2.61
C PHE A 61 -14.58 19.32 -2.09
N ALA A 62 -14.29 19.76 -0.86
CA ALA A 62 -12.97 19.60 -0.23
C ALA A 62 -12.69 18.14 0.13
N LEU A 63 -13.66 17.46 0.79
CA LEU A 63 -13.57 16.06 1.22
C LEU A 63 -13.30 15.12 0.05
N THR A 64 -13.94 15.38 -1.11
CA THR A 64 -13.77 14.59 -2.34
C THR A 64 -12.42 14.88 -3.01
N ASN A 65 -11.95 16.14 -2.95
CA ASN A 65 -10.68 16.57 -3.54
C ASN A 65 -9.49 15.97 -2.78
N ILE A 66 -9.55 15.99 -1.42
CA ILE A 66 -8.51 15.43 -0.54
C ILE A 66 -8.45 13.89 -0.74
N ALA A 67 -9.59 13.26 -1.05
CA ALA A 67 -9.70 11.82 -1.32
C ALA A 67 -8.95 11.46 -2.61
N VAL A 68 -9.02 12.35 -3.62
CA VAL A 68 -8.32 12.21 -4.92
C VAL A 68 -6.82 12.38 -4.65
N LEU A 69 -6.46 13.37 -3.79
CA LEU A 69 -5.09 13.67 -3.39
C LEU A 69 -4.47 12.51 -2.60
N LYS A 70 -5.28 11.81 -1.79
CA LYS A 70 -4.88 10.64 -1.00
C LYS A 70 -4.53 9.48 -1.95
N HIS A 71 -5.37 9.29 -2.98
CA HIS A 71 -5.23 8.27 -4.02
C HIS A 71 -4.01 8.57 -4.91
N ASN A 72 -3.83 9.84 -5.31
CA ASN A 72 -2.74 10.30 -6.16
C ASN A 72 -1.38 10.22 -5.48
N LEU A 73 -1.29 10.57 -4.18
CA LEU A 73 -0.04 10.55 -3.41
C LEU A 73 0.59 9.14 -3.38
N ASN A 74 -0.22 8.10 -3.14
CA ASN A 74 0.23 6.70 -3.09
C ASN A 74 0.84 6.22 -4.42
N ILE A 75 0.31 6.69 -5.56
CA ILE A 75 0.79 6.32 -6.90
C ILE A 75 2.12 7.04 -7.21
N VAL A 76 2.23 8.33 -6.85
CA VAL A 76 3.43 9.13 -7.12
C VAL A 76 4.61 8.67 -6.20
N ILE A 77 4.32 8.18 -4.97
CA ILE A 77 5.36 7.65 -4.05
C ILE A 77 6.10 6.49 -4.73
N LYS A 78 5.33 5.54 -5.31
CA LYS A 78 5.84 4.36 -6.02
C LYS A 78 6.57 4.76 -7.30
N ARG A 79 6.11 5.84 -7.98
CA ARG A 79 6.71 6.35 -9.21
C ARG A 79 8.04 7.07 -8.92
N SER A 80 8.13 7.76 -7.78
CA SER A 80 9.32 8.48 -7.32
C SER A 80 10.30 7.56 -6.61
N ASN A 81 9.86 6.32 -6.30
CA ASN A 81 10.61 5.26 -5.62
C ASN A 81 10.86 5.66 -4.15
N SER A 82 9.74 5.97 -3.44
CA SER A 82 9.63 6.36 -2.03
C SER A 82 10.57 7.54 -1.67
N THR A 83 10.56 8.61 -2.48
CA THR A 83 11.38 9.81 -2.23
C THR A 83 10.63 10.68 -1.22
N ALA A 84 11.10 10.65 0.04
CA ALA A 84 10.52 11.40 1.15
C ALA A 84 10.84 12.89 1.05
N ALA A 85 10.00 13.74 1.68
CA ALA A 85 10.18 15.19 1.71
C ALA A 85 11.32 15.59 2.62
N THR A 86 12.24 16.43 2.11
CA THR A 86 13.40 16.90 2.88
C THR A 86 13.00 18.12 3.71
N ASN A 87 13.42 18.15 4.99
CA ASN A 87 13.12 19.23 5.94
C ASN A 87 13.83 20.52 5.54
N GLU A 88 13.12 21.65 5.68
CA GLU A 88 13.64 22.98 5.35
C GLU A 88 13.80 23.84 6.61
N VAL A 89 14.80 24.73 6.60
CA VAL A 89 15.08 25.64 7.72
C VAL A 89 14.08 26.80 7.64
N PRO A 90 13.17 26.97 8.63
CA PRO A 90 12.19 28.07 8.53
C PRO A 90 12.75 29.41 9.00
N GLU A 91 12.17 30.50 8.48
CA GLU A 91 12.52 31.89 8.78
C GLU A 91 11.44 32.48 9.70
N VAL A 92 11.82 32.89 10.91
CA VAL A 92 10.88 33.43 11.90
C VAL A 92 11.12 34.94 12.09
N THR A 93 10.02 35.73 11.97
CA THR A 93 10.03 37.18 12.14
C THR A 93 8.86 37.58 13.06
N VAL A 94 9.16 38.40 14.09
CA VAL A 94 8.16 38.87 15.06
C VAL A 94 8.08 40.40 14.99
N PHE A 95 6.86 40.92 14.80
CA PHE A 95 6.56 42.36 14.70
C PHE A 95 5.12 42.64 15.15
N SER A 96 4.87 43.87 15.63
CA SER A 96 3.55 44.30 16.09
C SER A 96 2.66 44.72 14.91
N LYS A 97 1.34 44.56 15.08
CA LYS A 97 0.32 44.91 14.08
C LYS A 97 0.22 46.44 13.93
N SER A 98 0.18 47.15 15.06
CA SER A 98 0.09 48.62 15.12
C SER A 98 1.26 49.18 15.95
N PRO A 99 1.62 50.50 15.87
CA PRO A 99 2.74 51.02 16.67
C PRO A 99 2.50 50.83 18.17
N VAL A 100 3.52 50.26 18.86
CA VAL A 100 3.48 49.94 20.28
C VAL A 100 3.38 51.23 21.14
N THR A 101 2.32 51.29 21.96
CA THR A 101 2.01 52.37 22.89
C THR A 101 1.38 51.75 24.14
N LEU A 102 2.01 51.96 25.32
CA LEU A 102 1.55 51.42 26.60
C LEU A 102 0.14 51.94 26.96
N GLY A 103 -0.82 51.01 27.00
CA GLY A 103 -2.22 51.30 27.29
C GLY A 103 -3.17 50.89 26.18
N GLN A 104 -2.76 51.14 24.93
CA GLN A 104 -3.54 50.82 23.73
C GLN A 104 -3.44 49.31 23.42
N PRO A 105 -4.56 48.63 23.07
CA PRO A 105 -4.48 47.19 22.76
C PRO A 105 -3.77 46.94 21.42
N ASN A 106 -2.84 45.98 21.42
CA ASN A 106 -2.04 45.64 20.25
C ASN A 106 -2.03 44.13 19.99
N THR A 107 -1.53 43.72 18.81
CA THR A 107 -1.44 42.32 18.39
C THR A 107 -0.02 42.02 17.91
N LEU A 108 0.57 40.92 18.40
CA LEU A 108 1.91 40.48 18.01
C LEU A 108 1.80 39.42 16.92
N ILE A 109 2.45 39.66 15.77
CA ILE A 109 2.44 38.77 14.61
C ILE A 109 3.76 37.99 14.53
N CYS A 110 3.67 36.66 14.42
CA CYS A 110 4.83 35.77 14.29
C CYS A 110 4.81 35.11 12.92
N LEU A 111 5.48 35.73 11.94
CA LEU A 111 5.56 35.22 10.57
C LEU A 111 6.60 34.10 10.50
N VAL A 112 6.13 32.88 10.20
CA VAL A 112 6.99 31.71 10.05
C VAL A 112 6.99 31.35 8.57
N ASP A 113 8.04 31.77 7.85
CA ASP A 113 8.21 31.56 6.41
C ASP A 113 9.09 30.34 6.13
N ASN A 114 8.98 29.77 4.91
CA ASN A 114 9.73 28.62 4.40
C ASN A 114 9.51 27.37 5.29
N ILE A 115 8.24 26.96 5.46
CA ILE A 115 7.85 25.78 6.23
C ILE A 115 7.65 24.62 5.28
N PHE A 116 8.52 23.60 5.38
CA PHE A 116 8.39 22.37 4.59
C PHE A 116 9.12 21.21 5.28
N PRO A 117 8.43 20.07 5.55
CA PRO A 117 7.01 19.75 5.26
C PRO A 117 6.03 20.59 6.12
N PRO A 118 4.72 20.70 5.74
CA PRO A 118 3.81 21.55 6.53
C PRO A 118 3.34 20.90 7.85
N VAL A 119 4.28 20.78 8.80
CA VAL A 119 4.09 20.27 10.16
C VAL A 119 4.91 21.18 11.09
N VAL A 120 4.23 22.11 11.80
CA VAL A 120 4.91 23.07 12.67
C VAL A 120 4.06 23.38 13.93
N ASN A 121 4.74 23.62 15.07
CA ASN A 121 4.13 23.99 16.35
C ASN A 121 4.56 25.40 16.71
N ILE A 122 3.61 26.36 16.63
CA ILE A 122 3.91 27.76 16.94
C ILE A 122 3.16 28.15 18.23
N THR A 123 3.93 28.41 19.29
CA THR A 123 3.42 28.79 20.61
C THR A 123 4.08 30.09 21.09
N TRP A 124 3.38 30.83 21.98
CA TRP A 124 3.87 32.09 22.53
C TRP A 124 4.35 31.94 23.97
N LEU A 125 5.34 32.75 24.36
CA LEU A 125 5.91 32.75 25.71
C LEU A 125 6.06 34.18 26.24
N SER A 126 5.49 34.45 27.42
CA SER A 126 5.58 35.76 28.08
C SER A 126 6.36 35.61 29.39
N ASN A 127 7.59 36.16 29.43
CA ASN A 127 8.54 36.13 30.55
C ASN A 127 8.92 34.68 30.94
N GLY A 128 8.94 33.79 29.95
CA GLY A 128 9.29 32.38 30.12
C GLY A 128 8.12 31.43 30.33
N HIS A 129 6.91 31.97 30.50
CA HIS A 129 5.69 31.18 30.71
C HIS A 129 4.84 31.11 29.44
N SER A 130 4.33 29.91 29.11
CA SER A 130 3.51 29.64 27.92
C SER A 130 2.16 30.38 27.97
N VAL A 131 1.76 30.96 26.82
CA VAL A 131 0.51 31.72 26.67
C VAL A 131 -0.42 30.97 25.71
N THR A 132 -1.72 30.91 26.06
CA THR A 132 -2.77 30.26 25.26
C THR A 132 -3.94 31.24 25.05
N GLU A 133 -4.17 32.16 26.01
CA GLU A 133 -5.24 33.17 25.99
C GLU A 133 -4.94 34.24 24.95
N GLY A 134 -5.93 34.51 24.09
CA GLY A 134 -5.83 35.50 23.03
C GLY A 134 -4.86 35.14 21.92
N VAL A 135 -4.71 33.83 21.67
CA VAL A 135 -3.81 33.30 20.63
C VAL A 135 -4.65 32.72 19.49
N SER A 136 -4.51 33.32 18.29
CA SER A 136 -5.17 32.88 17.06
C SER A 136 -4.11 32.46 16.05
N GLU A 137 -4.44 31.48 15.21
CA GLU A 137 -3.49 30.94 14.22
C GLU A 137 -4.17 30.74 12.87
N THR A 138 -3.49 31.15 11.79
CA THR A 138 -3.98 30.98 10.42
C THR A 138 -3.53 29.62 9.90
N SER A 139 -4.10 29.16 8.77
CA SER A 139 -3.73 27.89 8.15
C SER A 139 -2.40 28.04 7.37
N PHE A 140 -1.94 26.95 6.71
CA PHE A 140 -0.71 27.00 5.91
C PHE A 140 -0.97 27.74 4.59
N LEU A 141 -0.36 28.92 4.42
CA LEU A 141 -0.50 29.75 3.23
C LEU A 141 0.54 29.31 2.19
N SER A 142 0.08 29.03 0.96
CA SER A 142 0.91 28.57 -0.16
C SER A 142 1.92 29.62 -0.65
N LYS A 143 3.04 29.12 -1.20
CA LYS A 143 4.12 29.92 -1.78
C LYS A 143 4.43 29.40 -3.20
N SER A 144 5.03 30.26 -4.05
CA SER A 144 5.37 29.94 -5.44
C SER A 144 6.41 28.80 -5.55
N ASP A 145 7.34 28.69 -4.57
CA ASP A 145 8.36 27.65 -4.53
C ASP A 145 7.79 26.33 -3.94
N HIS A 146 6.44 26.25 -3.83
CA HIS A 146 5.61 25.14 -3.36
C HIS A 146 5.87 24.80 -1.87
N SER A 147 6.35 25.80 -1.09
CA SER A 147 6.54 25.67 0.35
C SER A 147 5.38 26.38 1.05
N PHE A 148 5.39 26.47 2.38
CA PHE A 148 4.29 27.11 3.10
C PHE A 148 4.74 28.13 4.13
N PHE A 149 3.83 29.02 4.53
CA PHE A 149 4.07 30.02 5.57
C PHE A 149 2.84 30.14 6.45
N LYS A 150 3.04 30.12 7.77
CA LYS A 150 1.99 30.21 8.79
C LYS A 150 2.18 31.47 9.63
N ILE A 151 1.06 32.11 10.03
CA ILE A 151 1.09 33.33 10.83
C ILE A 151 0.32 33.10 12.14
N SER A 152 0.96 33.41 13.28
CA SER A 152 0.37 33.31 14.61
C SER A 152 0.19 34.69 15.22
N TYR A 153 -0.94 34.91 15.93
CA TYR A 153 -1.26 36.20 16.55
C TYR A 153 -1.37 36.09 18.06
N LEU A 154 -1.07 37.21 18.75
CA LEU A 154 -1.15 37.31 20.21
C LEU A 154 -1.69 38.69 20.60
N THR A 155 -2.96 38.73 21.03
CA THR A 155 -3.62 39.97 21.46
C THR A 155 -3.14 40.25 22.89
N PHE A 156 -2.45 41.38 23.07
CA PHE A 156 -1.87 41.77 24.36
C PHE A 156 -1.96 43.28 24.62
N LEU A 157 -1.60 43.68 25.85
CA LEU A 157 -1.54 45.08 26.29
C LEU A 157 -0.09 45.37 26.70
N PRO A 158 0.65 46.24 25.96
CA PRO A 158 2.06 46.48 26.33
C PRO A 158 2.21 47.19 27.68
N SER A 159 2.95 46.54 28.59
CA SER A 159 3.22 47.00 29.95
C SER A 159 4.63 47.60 30.06
N ALA A 160 4.98 48.16 31.24
CA ALA A 160 6.28 48.77 31.53
C ALA A 160 7.45 47.78 31.35
N ASP A 161 7.25 46.51 31.78
CA ASP A 161 8.25 45.45 31.66
C ASP A 161 7.58 44.09 31.42
N GLU A 162 7.52 43.66 30.15
CA GLU A 162 6.93 42.38 29.75
C GLU A 162 7.58 41.89 28.45
N ILE A 163 8.45 40.87 28.58
CA ILE A 163 9.19 40.28 27.46
C ILE A 163 8.36 39.18 26.80
N TYR A 164 8.37 39.15 25.45
CA TYR A 164 7.65 38.15 24.65
C TYR A 164 8.57 37.38 23.72
N ASP A 165 8.30 36.09 23.55
CA ASP A 165 9.06 35.18 22.68
C ASP A 165 8.13 34.27 21.90
N CYS A 166 8.51 33.94 20.65
CA CYS A 166 7.74 33.07 19.77
C CYS A 166 8.48 31.74 19.59
N LYS A 167 7.94 30.67 20.17
CA LYS A 167 8.51 29.32 20.11
C LYS A 167 8.01 28.60 18.86
N VAL A 168 8.94 28.23 17.96
CA VAL A 168 8.64 27.54 16.71
C VAL A 168 9.33 26.18 16.71
N GLU A 169 8.53 25.11 16.61
CA GLU A 169 9.01 23.72 16.59
C GLU A 169 8.81 23.12 15.20
N HIS A 170 9.92 22.81 14.51
CA HIS A 170 9.93 22.22 13.18
C HIS A 170 11.05 21.18 13.07
N TRP A 171 10.86 20.17 12.21
CA TRP A 171 11.83 19.08 11.98
C TRP A 171 13.12 19.58 11.29
N GLY A 172 13.06 20.78 10.69
CA GLY A 172 14.19 21.43 10.04
C GLY A 172 15.15 22.06 11.03
N LEU A 173 14.76 22.08 12.33
CA LEU A 173 15.55 22.63 13.44
C LEU A 173 15.77 21.56 14.50
N ASP A 174 17.00 21.47 15.04
CA ASP A 174 17.37 20.51 16.09
C ASP A 174 16.76 20.93 17.43
N GLU A 175 16.82 22.24 17.73
CA GLU A 175 16.28 22.86 18.94
C GLU A 175 15.16 23.87 18.56
N PRO A 176 14.12 24.07 19.40
CA PRO A 176 13.05 25.03 19.03
C PRO A 176 13.56 26.46 18.97
N LEU A 177 13.34 27.14 17.82
CA LEU A 177 13.79 28.50 17.58
C LEU A 177 12.91 29.51 18.34
N LEU A 178 13.55 30.43 19.06
CA LEU A 178 12.88 31.46 19.85
C LEU A 178 13.24 32.85 19.32
N LYS A 179 12.22 33.61 18.89
CA LYS A 179 12.39 34.97 18.37
C LYS A 179 11.83 35.95 19.40
N HIS A 180 12.75 36.67 20.08
CA HIS A 180 12.44 37.62 21.14
C HIS A 180 11.86 38.94 20.60
N TRP A 181 11.01 39.58 21.41
CA TRP A 181 10.36 40.86 21.16
C TRP A 181 10.11 41.59 22.48
N GLU A 182 10.42 42.90 22.52
CA GLU A 182 10.23 43.74 23.71
C GLU A 182 9.99 45.21 23.31
N PRO A 183 9.09 45.96 24.02
CA PRO A 183 8.86 47.37 23.64
C PRO A 183 9.97 48.28 24.14
N SER B 16 13.31 14.31 11.57
CA SER B 16 13.50 12.91 11.94
C SER B 16 12.35 12.00 11.42
N PRO B 17 11.03 12.30 11.60
CA PRO B 17 10.00 11.39 11.08
C PRO B 17 9.81 11.51 9.57
N GLU B 18 9.55 10.37 8.91
CA GLU B 18 9.34 10.27 7.47
C GLU B 18 7.98 10.85 7.06
N ASP B 19 7.95 11.70 6.02
CA ASP B 19 6.73 12.31 5.52
C ASP B 19 6.75 12.48 4.00
N PHE B 20 5.60 12.18 3.37
CA PHE B 20 5.39 12.28 1.92
C PHE B 20 4.25 13.29 1.69
N VAL B 21 4.60 14.45 1.11
CA VAL B 21 3.66 15.55 0.89
C VAL B 21 3.17 15.55 -0.58
N TYR B 22 1.88 15.91 -0.77
CA TYR B 22 1.24 16.05 -2.08
C TYR B 22 0.46 17.35 -2.11
N GLN B 23 0.58 18.11 -3.20
CA GLN B 23 -0.08 19.41 -3.37
C GLN B 23 -0.75 19.55 -4.72
N PHE B 24 -1.93 20.19 -4.74
CA PHE B 24 -2.69 20.51 -5.94
C PHE B 24 -3.15 21.96 -5.85
N LYS B 25 -2.66 22.81 -6.76
CA LYS B 25 -2.97 24.23 -6.77
C LYS B 25 -3.66 24.64 -8.06
N GLY B 26 -4.96 24.94 -7.95
CA GLY B 26 -5.78 25.41 -9.06
C GLY B 26 -5.80 26.91 -9.06
N MET B 27 -4.83 27.52 -9.76
CA MET B 27 -4.64 28.97 -9.79
C MET B 27 -5.30 29.67 -10.98
N CYS B 28 -5.78 30.91 -10.75
CA CYS B 28 -6.38 31.81 -11.74
C CYS B 28 -5.60 33.13 -11.75
N TYR B 29 -5.22 33.60 -12.94
CA TYR B 29 -4.47 34.84 -13.12
C TYR B 29 -5.33 35.83 -13.93
N PHE B 30 -5.75 36.93 -13.27
CA PHE B 30 -6.61 37.95 -13.88
C PHE B 30 -5.83 39.22 -14.22
N THR B 31 -6.05 39.75 -15.44
CA THR B 31 -5.43 40.97 -15.95
C THR B 31 -6.49 41.77 -16.72
N ASN B 32 -6.59 43.09 -16.43
CA ASN B 32 -7.53 44.06 -17.00
C ASN B 32 -9.01 43.62 -16.75
N GLY B 33 -9.26 43.11 -15.56
CA GLY B 33 -10.56 42.62 -15.13
C GLY B 33 -10.90 41.25 -15.67
N THR B 34 -11.87 41.18 -16.59
CA THR B 34 -12.35 39.95 -17.22
C THR B 34 -11.71 39.75 -18.62
N GLU B 35 -10.95 40.75 -19.10
CA GLU B 35 -10.28 40.77 -20.41
C GLU B 35 -9.31 39.59 -20.56
N ARG B 36 -8.32 39.46 -19.66
CA ARG B 36 -7.33 38.39 -19.69
C ARG B 36 -7.48 37.49 -18.47
N VAL B 37 -7.62 36.18 -18.70
CA VAL B 37 -7.76 35.16 -17.66
C VAL B 37 -6.94 33.91 -18.06
N ARG B 38 -6.14 33.40 -17.10
CA ARG B 38 -5.26 32.25 -17.30
C ARG B 38 -5.37 31.28 -16.12
N LEU B 39 -5.56 29.98 -16.40
CA LEU B 39 -5.63 28.96 -15.35
C LEU B 39 -4.40 28.05 -15.41
N VAL B 40 -3.82 27.73 -14.24
CA VAL B 40 -2.66 26.83 -14.12
C VAL B 40 -2.91 25.87 -12.96
N THR B 41 -3.27 24.61 -13.26
CA THR B 41 -3.49 23.57 -12.25
C THR B 41 -2.15 22.88 -12.04
N ARG B 42 -1.52 23.10 -10.89
CA ARG B 42 -0.21 22.54 -10.59
C ARG B 42 -0.30 21.30 -9.69
N TYR B 43 0.26 20.18 -10.18
CA TYR B 43 0.32 18.90 -9.47
C TYR B 43 1.73 18.75 -8.93
N ILE B 44 1.88 18.83 -7.60
CA ILE B 44 3.18 18.82 -6.94
C ILE B 44 3.35 17.64 -5.98
N TYR B 45 4.50 16.95 -6.11
CA TYR B 45 4.92 15.88 -5.21
C TYR B 45 6.04 16.47 -4.36
N ASN B 46 5.76 16.63 -3.05
CA ASN B 46 6.60 17.27 -2.04
C ASN B 46 6.75 18.75 -2.44
N ARG B 47 7.86 19.12 -3.10
CA ARG B 47 8.11 20.48 -3.57
C ARG B 47 8.36 20.48 -5.09
N GLU B 48 8.41 19.26 -5.67
CA GLU B 48 8.65 19.05 -7.10
C GLU B 48 7.33 19.02 -7.87
N GLU B 49 7.11 20.03 -8.73
CA GLU B 49 5.94 20.13 -9.60
C GLU B 49 6.22 19.25 -10.81
N TYR B 50 5.45 18.15 -10.96
CA TYR B 50 5.67 17.18 -12.04
C TYR B 50 4.70 17.36 -13.22
N ALA B 51 3.44 17.74 -12.96
CA ALA B 51 2.44 17.93 -14.01
C ALA B 51 1.67 19.24 -13.84
N ARG B 52 1.27 19.85 -14.96
CA ARG B 52 0.51 21.10 -14.97
C ARG B 52 -0.37 21.23 -16.21
N PHE B 53 -1.42 22.06 -16.12
CA PHE B 53 -2.33 22.37 -17.22
C PHE B 53 -2.45 23.88 -17.35
N ASP B 54 -1.93 24.43 -18.45
CA ASP B 54 -2.01 25.85 -18.74
C ASP B 54 -3.11 26.09 -19.75
N SER B 55 -3.98 27.10 -19.52
CA SER B 55 -5.11 27.44 -20.39
C SER B 55 -4.62 27.90 -21.77
N ASP B 56 -3.45 28.57 -21.83
CA ASP B 56 -2.81 29.04 -23.07
C ASP B 56 -2.28 27.86 -23.89
N VAL B 57 -1.86 26.77 -23.21
CA VAL B 57 -1.35 25.54 -23.83
C VAL B 57 -2.55 24.71 -24.34
N GLY B 58 -3.52 24.45 -23.45
CA GLY B 58 -4.74 23.70 -23.76
C GLY B 58 -4.70 22.23 -23.45
N VAL B 59 -3.51 21.69 -23.14
CA VAL B 59 -3.30 20.27 -22.81
C VAL B 59 -2.38 20.11 -21.58
N TYR B 60 -2.44 18.94 -20.93
CA TYR B 60 -1.60 18.59 -19.78
C TYR B 60 -0.16 18.37 -20.23
N ARG B 61 0.81 18.94 -19.49
CA ARG B 61 2.22 18.80 -19.82
C ARG B 61 3.07 18.44 -18.61
N ALA B 62 4.10 17.62 -18.85
CA ALA B 62 5.05 17.17 -17.83
C ALA B 62 6.16 18.20 -17.62
N VAL B 63 6.44 18.54 -16.35
CA VAL B 63 7.45 19.52 -15.96
C VAL B 63 8.77 18.78 -15.65
N THR B 64 8.70 17.70 -14.85
CA THR B 64 9.86 16.89 -14.44
C THR B 64 9.69 15.43 -14.96
N PRO B 65 10.75 14.56 -14.93
CA PRO B 65 10.59 13.18 -15.44
C PRO B 65 9.59 12.29 -14.65
N LEU B 66 8.95 12.86 -13.61
CA LEU B 66 7.95 12.20 -12.79
C LEU B 66 6.51 12.49 -13.32
N GLY B 67 6.41 13.41 -14.27
CA GLY B 67 5.17 13.84 -14.89
C GLY B 67 4.65 13.13 -16.14
N PRO B 68 5.51 12.55 -17.04
CA PRO B 68 4.97 11.91 -18.27
C PRO B 68 3.85 10.87 -18.08
N PRO B 69 3.85 9.91 -17.10
CA PRO B 69 2.72 8.96 -17.05
C PRO B 69 1.37 9.61 -16.72
N ALA B 70 1.37 10.66 -15.87
CA ALA B 70 0.17 11.38 -15.47
C ALA B 70 -0.39 12.25 -16.61
N ALA B 71 0.47 13.07 -17.25
CA ALA B 71 0.12 13.98 -18.34
C ALA B 71 -0.43 13.25 -19.57
N GLU B 72 0.17 12.10 -19.96
CA GLU B 72 -0.25 11.29 -21.10
C GLU B 72 -1.61 10.61 -20.84
N TYR B 73 -1.85 10.17 -19.60
CA TYR B 73 -3.09 9.51 -19.19
C TYR B 73 -4.25 10.52 -19.11
N TRP B 74 -3.99 11.75 -18.64
CA TRP B 74 -5.01 12.79 -18.50
C TRP B 74 -5.39 13.38 -19.87
N ASN B 75 -4.43 13.40 -20.83
CA ASN B 75 -4.68 13.91 -22.19
C ASN B 75 -5.45 12.88 -23.03
N SER B 76 -5.26 11.57 -22.75
CA SER B 76 -5.93 10.49 -23.47
C SER B 76 -7.43 10.45 -23.15
N GLN B 77 -7.80 10.79 -21.91
CA GLN B 77 -9.20 10.80 -21.46
C GLN B 77 -9.88 12.10 -21.93
N LYS B 78 -10.91 11.95 -22.77
CA LYS B 78 -11.67 13.05 -23.37
C LYS B 78 -12.48 13.84 -22.32
N GLU B 79 -13.07 13.16 -21.33
CA GLU B 79 -13.88 13.78 -20.26
C GLU B 79 -13.02 14.64 -19.33
N VAL B 80 -11.78 14.20 -19.04
CA VAL B 80 -10.84 14.90 -18.17
C VAL B 80 -10.37 16.22 -18.83
N LEU B 81 -10.00 16.16 -20.13
CA LEU B 81 -9.54 17.34 -20.88
C LEU B 81 -10.66 18.38 -21.05
N GLU B 82 -11.89 17.93 -21.39
CA GLU B 82 -13.06 18.78 -21.58
C GLU B 82 -13.44 19.51 -20.28
N ARG B 83 -13.28 18.85 -19.13
CA ARG B 83 -13.57 19.40 -17.81
C ARG B 83 -12.57 20.51 -17.43
N THR B 84 -11.26 20.23 -17.60
CA THR B 84 -10.18 21.16 -17.26
C THR B 84 -10.16 22.40 -18.17
N ARG B 85 -10.47 22.23 -19.46
CA ARG B 85 -10.54 23.33 -20.43
C ARG B 85 -11.70 24.28 -20.10
N ALA B 86 -12.82 23.72 -19.59
CA ALA B 86 -14.03 24.43 -19.21
C ALA B 86 -13.91 25.14 -17.85
N GLU B 87 -12.85 24.82 -17.07
CA GLU B 87 -12.62 25.40 -15.74
C GLU B 87 -12.28 26.90 -15.80
N LEU B 88 -11.97 27.46 -16.99
CA LEU B 88 -11.70 28.88 -17.17
C LEU B 88 -12.97 29.70 -16.93
N ASP B 89 -14.15 29.11 -17.21
CA ASP B 89 -15.45 29.76 -17.03
C ASP B 89 -16.19 29.26 -15.78
N THR B 90 -16.10 27.95 -15.49
CA THR B 90 -16.82 27.33 -14.35
C THR B 90 -16.21 27.70 -12.98
N VAL B 91 -14.90 28.05 -12.90
CA VAL B 91 -14.33 28.39 -11.59
C VAL B 91 -13.59 29.76 -11.65
N CYS B 92 -12.66 29.99 -12.61
CA CYS B 92 -11.93 31.27 -12.70
C CYS B 92 -12.86 32.46 -12.95
N ARG B 93 -13.66 32.44 -14.04
CA ARG B 93 -14.58 33.53 -14.39
C ARG B 93 -15.79 33.61 -13.44
N HIS B 94 -16.21 32.47 -12.86
CA HIS B 94 -17.35 32.39 -11.93
C HIS B 94 -17.03 33.06 -10.59
N ASN B 95 -15.87 32.71 -9.98
CA ASN B 95 -15.45 33.24 -8.69
C ASN B 95 -15.04 34.71 -8.76
N TYR B 96 -14.55 35.18 -9.94
CA TYR B 96 -14.16 36.58 -10.13
C TYR B 96 -15.37 37.50 -10.05
N GLN B 97 -16.54 37.03 -10.53
CA GLN B 97 -17.81 37.77 -10.46
C GLN B 97 -18.26 37.90 -9.01
N LEU B 98 -18.00 36.86 -8.19
CA LEU B 98 -18.33 36.83 -6.77
C LEU B 98 -17.31 37.65 -5.96
N GLU B 99 -16.06 37.76 -6.48
CA GLU B 99 -14.96 38.51 -5.87
C GLU B 99 -15.20 40.02 -5.93
N LEU B 100 -15.81 40.51 -7.03
CA LEU B 100 -16.12 41.92 -7.27
C LEU B 100 -17.06 42.49 -6.21
N ARG B 101 -18.03 41.69 -5.74
CA ARG B 101 -19.03 42.07 -4.75
C ARG B 101 -18.47 42.19 -3.33
N THR B 102 -17.36 41.48 -3.02
CA THR B 102 -16.79 41.48 -1.67
C THR B 102 -15.32 41.94 -1.61
N THR B 103 -14.37 41.09 -2.03
CA THR B 103 -12.92 41.30 -1.97
C THR B 103 -12.43 42.53 -2.75
N LEU B 104 -12.84 42.67 -4.03
CA LEU B 104 -12.41 43.78 -4.88
C LEU B 104 -13.07 45.11 -4.50
N GLN B 105 -14.17 45.06 -3.72
CA GLN B 105 -14.90 46.24 -3.22
C GLN B 105 -14.40 46.64 -1.82
N ARG B 106 -13.63 45.74 -1.15
CA ARG B 106 -13.08 45.97 0.19
C ARG B 106 -12.01 47.07 0.16
N ARG B 107 -12.26 48.15 0.92
CA ARG B 107 -11.36 49.31 1.04
C ARG B 107 -11.17 49.64 2.52
N VAL B 108 -9.94 49.48 3.04
CA VAL B 108 -9.61 49.75 4.44
C VAL B 108 -8.68 50.96 4.50
N GLU B 109 -9.10 52.01 5.23
CA GLU B 109 -8.34 53.25 5.40
C GLU B 109 -7.12 53.05 6.33
N PRO B 110 -5.91 53.47 5.90
CA PRO B 110 -4.73 53.28 6.75
C PRO B 110 -4.63 54.28 7.89
N THR B 111 -3.92 53.88 8.97
CA THR B 111 -3.66 54.69 10.16
C THR B 111 -2.19 55.15 10.05
N VAL B 112 -1.98 56.46 9.91
CA VAL B 112 -0.65 57.04 9.73
C VAL B 112 -0.21 57.76 11.02
N THR B 113 0.96 57.37 11.55
CA THR B 113 1.58 57.93 12.76
C THR B 113 3.09 58.04 12.57
N ILE B 114 3.70 59.11 13.14
CA ILE B 114 5.15 59.36 13.06
C ILE B 114 5.76 59.27 14.47
N SER B 115 6.82 58.46 14.62
CA SER B 115 7.55 58.26 15.87
C SER B 115 9.05 58.54 15.68
N PRO B 116 9.66 59.43 16.51
CA PRO B 116 11.10 59.71 16.33
C PRO B 116 11.97 58.68 17.04
N SER B 117 12.83 57.99 16.25
CA SER B 117 13.75 56.96 16.75
C SER B 117 15.18 57.50 16.84
N HIS B 125 17.35 60.90 18.22
CA HIS B 125 16.29 61.76 17.71
C HIS B 125 16.66 62.35 16.32
N ASN B 126 17.44 61.57 15.53
CA ASN B 126 17.89 61.97 14.19
C ASN B 126 17.36 60.98 13.11
N LEU B 127 16.19 60.38 13.37
CA LEU B 127 15.52 59.43 12.46
C LEU B 127 14.02 59.41 12.73
N LEU B 128 13.22 59.57 11.65
CA LEU B 128 11.75 59.57 11.73
C LEU B 128 11.17 58.38 10.98
N VAL B 129 10.24 57.66 11.61
CA VAL B 129 9.59 56.48 11.03
C VAL B 129 8.12 56.78 10.78
N CYS B 130 7.68 56.70 9.51
CA CYS B 130 6.29 56.91 9.12
C CYS B 130 5.60 55.55 9.10
N SER B 131 4.79 55.28 10.13
CA SER B 131 4.09 54.00 10.28
C SER B 131 2.68 54.07 9.68
N VAL B 132 2.54 53.44 8.50
CA VAL B 132 1.27 53.31 7.76
C VAL B 132 0.73 51.93 8.14
N THR B 133 -0.33 51.90 8.96
CA THR B 133 -0.87 50.67 9.54
C THR B 133 -2.30 50.33 9.06
N ASP B 134 -2.56 49.02 8.83
CA ASP B 134 -3.83 48.38 8.45
C ASP B 134 -4.53 49.05 7.26
N PHE B 135 -4.29 48.51 6.05
CA PHE B 135 -4.90 49.01 4.81
C PHE B 135 -5.05 47.90 3.76
N TYR B 136 -6.10 48.02 2.93
CA TYR B 136 -6.42 47.10 1.84
C TYR B 136 -7.08 47.89 0.70
N PRO B 137 -6.68 47.72 -0.60
CA PRO B 137 -5.69 46.77 -1.15
C PRO B 137 -4.22 47.17 -0.93
N ALA B 138 -3.31 46.39 -1.56
CA ALA B 138 -1.85 46.53 -1.49
C ALA B 138 -1.31 47.86 -2.05
N GLN B 139 -2.00 48.44 -3.06
CA GLN B 139 -1.61 49.69 -3.73
C GLN B 139 -1.46 50.84 -2.71
N ILE B 140 -0.21 51.36 -2.57
CA ILE B 140 0.14 52.44 -1.63
C ILE B 140 1.33 53.26 -2.18
N LYS B 141 1.32 54.58 -1.90
CA LYS B 141 2.36 55.53 -2.28
C LYS B 141 2.64 56.46 -1.10
N VAL B 142 3.82 56.30 -0.47
CA VAL B 142 4.22 57.09 0.71
C VAL B 142 5.46 57.93 0.35
N ARG B 143 5.44 59.22 0.70
CA ARG B 143 6.54 60.16 0.45
C ARG B 143 6.86 61.00 1.69
N TRP B 144 8.14 61.31 1.88
CA TRP B 144 8.61 62.15 2.99
C TRP B 144 8.95 63.54 2.47
N PHE B 145 8.38 64.58 3.10
CA PHE B 145 8.58 65.97 2.70
C PHE B 145 9.28 66.79 3.79
N ARG B 146 10.24 67.63 3.37
CA ARG B 146 10.98 68.53 4.25
C ARG B 146 10.39 69.93 4.09
N ASN B 147 9.81 70.48 5.18
CA ASN B 147 9.15 71.79 5.25
C ASN B 147 7.97 71.84 4.24
N ASP B 148 8.13 72.56 3.10
CA ASP B 148 7.08 72.68 2.09
C ASP B 148 7.63 72.45 0.67
N GLN B 149 7.00 71.50 -0.06
CA GLN B 149 7.28 71.07 -1.43
C GLN B 149 8.79 70.83 -1.68
N GLU B 150 9.36 69.91 -0.90
CA GLU B 150 10.75 69.48 -0.99
C GLU B 150 10.81 67.98 -0.68
N GLU B 151 10.55 67.16 -1.73
CA GLU B 151 10.56 65.70 -1.64
C GLU B 151 11.98 65.22 -1.41
N THR B 152 12.23 64.65 -0.23
CA THR B 152 13.54 64.17 0.22
C THR B 152 13.98 62.90 -0.53
N THR B 153 15.29 62.81 -0.83
CA THR B 153 15.89 61.66 -1.49
C THR B 153 16.99 61.10 -0.56
N GLY B 154 16.53 60.46 0.51
CA GLY B 154 17.37 59.85 1.54
C GLY B 154 16.51 59.08 2.53
N VAL B 155 15.43 58.47 2.02
CA VAL B 155 14.45 57.69 2.79
C VAL B 155 14.55 56.21 2.45
N VAL B 156 14.47 55.37 3.49
CA VAL B 156 14.51 53.90 3.37
C VAL B 156 13.16 53.34 3.80
N SER B 157 12.41 52.76 2.84
CA SER B 157 11.10 52.18 3.09
C SER B 157 11.17 50.66 3.16
N THR B 158 10.48 50.08 4.15
CA THR B 158 10.41 48.63 4.35
C THR B 158 9.51 48.02 3.25
N PRO B 159 9.70 46.75 2.81
CA PRO B 159 8.79 46.19 1.79
C PRO B 159 7.36 46.05 2.32
N LEU B 160 6.38 45.85 1.41
CA LEU B 160 4.97 45.70 1.76
C LEU B 160 4.80 44.49 2.70
N ILE B 161 4.55 44.78 4.00
CA ILE B 161 4.39 43.77 5.04
C ILE B 161 2.93 43.28 5.05
N ARG B 162 2.75 41.96 4.97
CA ARG B 162 1.45 41.29 4.97
C ARG B 162 1.15 40.82 6.40
N ASN B 163 0.08 41.36 7.01
CA ASN B 163 -0.32 41.00 8.37
C ASN B 163 -1.01 39.63 8.40
N GLY B 164 -1.63 39.25 7.27
CA GLY B 164 -2.31 37.97 7.12
C GLY B 164 -3.81 38.01 7.32
N ASP B 165 -4.31 39.01 8.07
CA ASP B 165 -5.73 39.17 8.36
C ASP B 165 -6.35 40.26 7.44
N TRP B 166 -6.07 40.15 6.12
CA TRP B 166 -6.54 41.01 5.02
C TRP B 166 -6.21 42.50 5.23
N THR B 167 -5.06 42.79 5.86
CA THR B 167 -4.54 44.14 6.10
C THR B 167 -3.04 44.16 5.82
N PHE B 168 -2.51 45.32 5.42
CA PHE B 168 -1.10 45.51 5.12
C PHE B 168 -0.51 46.66 5.95
N GLN B 169 0.83 46.69 6.08
CA GLN B 169 1.54 47.75 6.78
C GLN B 169 2.88 48.04 6.11
N ILE B 170 3.31 49.30 6.15
CA ILE B 170 4.57 49.74 5.54
C ILE B 170 5.20 50.82 6.43
N LEU B 171 6.48 50.63 6.78
CA LEU B 171 7.25 51.55 7.61
C LEU B 171 8.28 52.27 6.77
N VAL B 172 8.18 53.60 6.67
CA VAL B 172 9.09 54.42 5.86
C VAL B 172 9.98 55.25 6.79
N MET B 173 11.26 54.86 6.90
CA MET B 173 12.27 55.54 7.71
C MET B 173 12.89 56.69 6.93
N LEU B 174 13.31 57.76 7.63
CA LEU B 174 13.92 58.93 7.01
C LEU B 174 15.15 59.40 7.79
N GLU B 175 16.30 59.50 7.11
CA GLU B 175 17.56 60.00 7.68
C GLU B 175 17.41 61.52 7.75
N MET B 176 17.05 61.98 8.95
CA MET B 176 16.68 63.36 9.30
C MET B 176 17.75 64.10 10.12
N THR B 177 17.86 65.43 9.89
CA THR B 177 18.71 66.36 10.64
C THR B 177 17.80 67.55 11.02
N PRO B 178 17.46 67.74 12.32
CA PRO B 178 16.50 68.80 12.68
C PRO B 178 17.12 70.19 12.81
N GLN B 179 16.30 71.22 12.54
CA GLN B 179 16.65 72.64 12.62
C GLN B 179 15.62 73.36 13.52
N ARG B 180 15.82 74.68 13.76
CA ARG B 180 14.96 75.52 14.60
C ARG B 180 13.51 75.58 14.09
N GLY B 181 13.33 75.87 12.80
CA GLY B 181 12.03 75.98 12.17
C GLY B 181 11.77 74.94 11.11
N ASP B 182 11.91 73.66 11.48
CA ASP B 182 11.70 72.52 10.58
C ASP B 182 10.46 71.72 10.96
N VAL B 183 9.56 71.50 9.98
CA VAL B 183 8.33 70.72 10.10
C VAL B 183 8.39 69.60 9.07
N TYR B 184 8.33 68.34 9.51
CA TYR B 184 8.42 67.18 8.62
C TYR B 184 7.05 66.54 8.44
N THR B 185 6.60 66.46 7.16
CA THR B 185 5.29 65.91 6.81
C THR B 185 5.42 64.61 6.01
N CYS B 186 4.48 63.68 6.25
CA CYS B 186 4.41 62.38 5.58
C CYS B 186 3.14 62.32 4.73
N HIS B 187 3.31 62.25 3.40
CA HIS B 187 2.21 62.19 2.43
C HIS B 187 1.92 60.73 2.07
N VAL B 188 0.70 60.26 2.38
CA VAL B 188 0.28 58.87 2.13
C VAL B 188 -0.92 58.85 1.17
N GLU B 189 -0.79 58.09 0.07
CA GLU B 189 -1.82 57.92 -0.94
C GLU B 189 -2.30 56.48 -1.00
N HIS B 190 -3.62 56.28 -0.94
CA HIS B 190 -4.29 54.98 -0.96
C HIS B 190 -5.62 55.07 -1.73
N PRO B 191 -6.03 54.03 -2.50
CA PRO B 191 -7.31 54.14 -3.26
C PRO B 191 -8.58 54.29 -2.39
N SER B 192 -8.52 53.97 -1.08
CA SER B 192 -9.65 54.09 -0.17
C SER B 192 -9.94 55.56 0.19
N LEU B 193 -8.94 56.45 0.07
CA LEU B 193 -9.05 57.88 0.36
C LEU B 193 -9.31 58.70 -0.90
N GLN B 194 -10.16 59.73 -0.79
CA GLN B 194 -10.47 60.67 -1.88
C GLN B 194 -9.39 61.76 -1.92
N ASN B 195 -8.76 62.02 -0.75
CA ASN B 195 -7.68 63.01 -0.57
C ASN B 195 -6.53 62.37 0.25
N PRO B 196 -5.24 62.65 -0.07
CA PRO B 196 -4.13 62.01 0.68
C PRO B 196 -4.04 62.43 2.15
N ILE B 197 -3.46 61.53 2.99
CA ILE B 197 -3.27 61.75 4.43
C ILE B 197 -1.92 62.45 4.64
N ILE B 198 -1.94 63.61 5.32
CA ILE B 198 -0.74 64.38 5.63
C ILE B 198 -0.62 64.49 7.15
N VAL B 199 0.46 63.89 7.70
CA VAL B 199 0.75 63.90 9.14
C VAL B 199 2.06 64.68 9.34
N GLU B 200 2.03 65.70 10.22
CA GLU B 200 3.18 66.57 10.49
C GLU B 200 3.91 66.18 11.78
N TRP B 201 5.18 66.62 11.91
CA TRP B 201 6.04 66.40 13.08
C TRP B 201 6.94 67.62 13.30
N ARG B 202 6.86 68.21 14.51
CA ARG B 202 7.64 69.38 14.89
C ARG B 202 8.72 69.01 15.90
N ILE C 3 4.80 -37.00 -7.48
CA ILE C 3 3.55 -37.04 -6.72
C ILE C 3 3.51 -38.29 -5.80
N VAL C 4 4.15 -39.40 -6.24
CA VAL C 4 4.20 -40.65 -5.48
C VAL C 4 5.45 -40.70 -4.59
N ALA C 5 5.24 -40.91 -3.28
CA ALA C 5 6.30 -40.99 -2.25
C ALA C 5 5.82 -41.79 -1.04
N ASP C 6 6.78 -42.42 -0.33
CA ASP C 6 6.50 -43.21 0.89
C ASP C 6 6.05 -42.31 2.03
N HIS C 7 6.69 -41.15 2.21
CA HIS C 7 6.38 -40.17 3.24
C HIS C 7 6.36 -38.75 2.67
N VAL C 8 5.24 -38.04 2.85
CA VAL C 8 5.04 -36.66 2.38
C VAL C 8 5.09 -35.74 3.60
N ALA C 9 5.97 -34.73 3.55
CA ALA C 9 6.15 -33.78 4.65
C ALA C 9 6.11 -32.35 4.15
N SER C 10 5.76 -31.40 5.05
CA SER C 10 5.69 -29.96 4.77
C SER C 10 6.37 -29.21 5.90
N TYR C 11 7.51 -28.55 5.61
CA TYR C 11 8.26 -27.79 6.62
C TYR C 11 8.44 -26.30 6.25
N GLY C 12 7.38 -25.49 6.26
CA GLY C 12 6.01 -25.87 6.60
C GLY C 12 4.96 -25.25 5.70
N VAL C 13 3.73 -25.16 6.23
CA VAL C 13 2.57 -24.59 5.56
C VAL C 13 2.44 -23.14 6.05
N ASN C 14 2.91 -22.20 5.22
CA ASN C 14 2.90 -20.77 5.50
C ASN C 14 1.63 -20.15 4.92
N LEU C 15 0.86 -19.46 5.76
CA LEU C 15 -0.41 -18.87 5.36
C LEU C 15 -0.54 -17.43 5.88
N TYR C 16 -1.08 -16.53 5.04
CA TYR C 16 -1.33 -15.13 5.35
C TYR C 16 -2.49 -14.63 4.49
N GLN C 17 -3.46 -13.94 5.11
CA GLN C 17 -4.62 -13.40 4.42
C GLN C 17 -4.90 -11.95 4.85
N SER C 18 -5.50 -11.15 3.94
CA SER C 18 -5.82 -9.72 4.15
C SER C 18 -6.84 -9.52 5.29
N TYR C 19 -7.76 -10.48 5.48
CA TYR C 19 -8.79 -10.44 6.52
C TYR C 19 -8.13 -10.57 7.91
N GLY C 20 -8.25 -9.51 8.70
CA GLY C 20 -7.68 -9.42 10.04
C GLY C 20 -6.73 -8.24 10.20
N PRO C 21 -5.49 -8.29 9.65
CA PRO C 21 -4.87 -9.37 8.86
C PRO C 21 -4.36 -10.52 9.75
N SER C 22 -4.70 -11.75 9.37
CA SER C 22 -4.33 -12.96 10.11
C SER C 22 -3.38 -13.85 9.31
N GLY C 23 -2.64 -14.68 10.02
CA GLY C 23 -1.67 -15.63 9.46
C GLY C 23 -1.58 -16.93 10.22
N GLN C 24 -0.92 -17.93 9.61
CA GLN C 24 -0.72 -19.26 10.22
C GLN C 24 0.57 -19.90 9.72
N TYR C 25 1.28 -20.59 10.64
CA TYR C 25 2.51 -21.33 10.35
C TYR C 25 2.47 -22.66 11.10
N SER C 26 2.57 -23.77 10.35
CA SER C 26 2.53 -25.13 10.91
C SER C 26 3.35 -26.11 10.07
N HIS C 27 3.85 -27.19 10.70
CA HIS C 27 4.58 -28.25 10.02
C HIS C 27 3.74 -29.52 9.99
N GLU C 28 3.72 -30.22 8.85
CA GLU C 28 2.94 -31.44 8.67
C GLU C 28 3.79 -32.62 8.20
N PHE C 29 3.41 -33.84 8.62
CA PHE C 29 4.04 -35.10 8.24
C PHE C 29 2.97 -36.16 8.05
N ASP C 30 2.89 -36.71 6.82
CA ASP C 30 1.94 -37.74 6.37
C ASP C 30 0.47 -37.31 6.60
N GLY C 31 0.20 -36.01 6.45
CA GLY C 31 -1.13 -35.42 6.59
C GLY C 31 -1.51 -34.98 8.00
N ASP C 32 -0.63 -35.23 8.99
CA ASP C 32 -0.88 -34.86 10.39
C ASP C 32 0.00 -33.67 10.81
N GLU C 33 -0.58 -32.77 11.62
CA GLU C 33 0.09 -31.57 12.13
C GLU C 33 1.06 -31.89 13.27
N GLU C 34 2.35 -31.55 13.08
CA GLU C 34 3.42 -31.72 14.07
C GLU C 34 3.29 -30.67 15.16
N PHE C 35 3.18 -29.38 14.74
CA PHE C 35 3.06 -28.21 15.61
C PHE C 35 2.51 -27.01 14.84
N TYR C 36 2.20 -25.93 15.57
CA TYR C 36 1.78 -24.64 15.02
C TYR C 36 2.43 -23.53 15.87
N VAL C 37 2.88 -22.46 15.22
CA VAL C 37 3.51 -21.36 15.92
C VAL C 37 2.46 -20.29 16.24
N ASP C 38 2.26 -20.01 17.54
CA ASP C 38 1.35 -18.97 18.00
C ASP C 38 2.07 -17.65 17.77
N LEU C 39 1.79 -17.02 16.61
CA LEU C 39 2.44 -15.79 16.13
C LEU C 39 2.28 -14.59 17.08
N GLU C 40 1.14 -14.48 17.78
CA GLU C 40 0.89 -13.39 18.72
C GLU C 40 1.70 -13.60 20.02
N ARG C 41 1.65 -14.82 20.60
CA ARG C 41 2.35 -15.16 21.86
C ARG C 41 3.85 -15.47 21.65
N LYS C 42 4.28 -15.67 20.38
CA LYS C 42 5.66 -15.98 19.95
C LYS C 42 6.16 -17.30 20.59
N GLU C 43 5.36 -18.38 20.47
CA GLU C 43 5.69 -19.70 21.03
C GLU C 43 5.27 -20.85 20.10
N THR C 44 6.01 -21.96 20.18
CA THR C 44 5.78 -23.18 19.40
C THR C 44 4.92 -24.14 20.23
N VAL C 45 3.76 -24.56 19.69
CA VAL C 45 2.83 -25.46 20.37
C VAL C 45 2.79 -26.82 19.62
N TRP C 46 3.46 -27.84 20.19
CA TRP C 46 3.51 -29.19 19.61
C TRP C 46 2.24 -29.95 19.94
N GLN C 47 1.72 -30.73 18.97
CA GLN C 47 0.46 -31.47 19.08
C GLN C 47 0.58 -32.81 19.85
N LEU C 48 1.79 -33.38 19.96
CA LEU C 48 2.00 -34.64 20.69
C LEU C 48 2.89 -34.45 21.93
N PRO C 49 2.72 -35.26 23.01
CA PRO C 49 3.60 -35.12 24.19
C PRO C 49 5.02 -35.59 23.91
N LEU C 50 5.20 -36.49 22.92
CA LEU C 50 6.48 -37.03 22.48
C LEU C 50 7.32 -35.92 21.81
N PHE C 51 6.65 -35.04 21.03
CA PHE C 51 7.28 -33.94 20.32
C PHE C 51 7.73 -32.83 21.25
N ARG C 52 6.96 -32.54 22.32
CA ARG C 52 7.25 -31.52 23.33
C ARG C 52 8.55 -31.80 24.11
N ARG C 53 8.84 -33.09 24.34
CA ARG C 53 9.96 -33.58 25.12
C ARG C 53 11.28 -33.76 24.34
N PHE C 54 11.21 -34.11 23.05
CA PHE C 54 12.41 -34.41 22.27
C PHE C 54 12.65 -33.48 21.05
N ARG C 55 11.67 -32.65 20.65
CA ARG C 55 11.82 -31.76 19.50
C ARG C 55 11.56 -30.29 19.86
N ARG C 56 12.31 -29.36 19.23
CA ARG C 56 12.16 -27.91 19.43
C ARG C 56 12.19 -27.15 18.10
N PHE C 57 11.58 -25.96 18.06
CA PHE C 57 11.54 -25.09 16.88
C PHE C 57 11.63 -23.62 17.31
N ASP C 58 12.46 -22.84 16.60
CA ASP C 58 12.63 -21.41 16.85
C ASP C 58 11.41 -20.64 16.31
N PRO C 59 10.60 -19.98 17.18
CA PRO C 59 9.40 -19.28 16.68
C PRO C 59 9.71 -18.06 15.82
N GLN C 60 10.97 -17.57 15.86
CA GLN C 60 11.44 -16.42 15.08
C GLN C 60 11.41 -16.70 13.58
N PHE C 61 11.58 -17.98 13.19
CA PHE C 61 11.53 -18.40 11.78
C PHE C 61 10.15 -18.18 11.18
N ALA C 62 9.08 -18.41 11.96
CA ALA C 62 7.70 -18.23 11.51
C ALA C 62 7.35 -16.75 11.31
N LEU C 63 7.69 -15.89 12.31
CA LEU C 63 7.43 -14.45 12.30
C LEU C 63 8.07 -13.76 11.08
N THR C 64 9.29 -14.18 10.72
CA THR C 64 10.04 -13.65 9.58
C THR C 64 9.47 -14.17 8.25
N ASN C 65 8.98 -15.42 8.22
CA ASN C 65 8.41 -16.03 7.03
C ASN C 65 7.05 -15.41 6.68
N ILE C 66 6.19 -15.17 7.70
CA ILE C 66 4.87 -14.53 7.55
C ILE C 66 5.07 -13.07 7.09
N ALA C 67 6.18 -12.42 7.50
CA ALA C 67 6.53 -11.06 7.11
C ALA C 67 6.86 -10.99 5.61
N VAL C 68 7.51 -12.04 5.07
CA VAL C 68 7.86 -12.19 3.65
C VAL C 68 6.55 -12.42 2.88
N LEU C 69 5.65 -13.25 3.44
CA LEU C 69 4.33 -13.57 2.89
C LEU C 69 3.43 -12.33 2.85
N LYS C 70 3.55 -11.45 3.85
CA LYS C 70 2.82 -10.18 3.95
C LYS C 70 3.26 -9.24 2.82
N HIS C 71 4.58 -9.18 2.58
CA HIS C 71 5.23 -8.37 1.55
C HIS C 71 4.89 -8.91 0.15
N ASN C 72 4.93 -10.25 -0.03
CA ASN C 72 4.65 -10.92 -1.29
C ASN C 72 3.17 -10.81 -1.70
N LEU C 73 2.23 -10.93 -0.74
CA LEU C 73 0.79 -10.86 -1.01
C LEU C 73 0.40 -9.52 -1.67
N ASN C 74 0.91 -8.39 -1.14
CA ASN C 74 0.63 -7.04 -1.65
C ASN C 74 1.09 -6.85 -3.12
N ILE C 75 2.21 -7.48 -3.51
CA ILE C 75 2.76 -7.39 -4.87
C ILE C 75 1.92 -8.23 -5.84
N VAL C 76 1.51 -9.46 -5.42
CA VAL C 76 0.73 -10.37 -6.27
C VAL C 76 -0.72 -9.83 -6.45
N ILE C 77 -1.29 -9.11 -5.46
CA ILE C 77 -2.64 -8.51 -5.56
C ILE C 77 -2.66 -7.54 -6.75
N LYS C 78 -1.65 -6.66 -6.84
CA LYS C 78 -1.47 -5.67 -7.90
C LYS C 78 -1.21 -6.33 -9.26
N ARG C 79 -0.49 -7.46 -9.25
CA ARG C 79 -0.16 -8.24 -10.45
C ARG C 79 -1.39 -8.98 -10.99
N SER C 80 -2.27 -9.46 -10.09
CA SER C 80 -3.49 -10.17 -10.42
C SER C 80 -4.65 -9.20 -10.71
N ASN C 81 -4.43 -7.90 -10.41
CA ASN C 81 -5.39 -6.79 -10.59
C ASN C 81 -6.56 -6.94 -9.60
N SER C 82 -6.21 -7.04 -8.30
CA SER C 82 -7.08 -7.17 -7.13
C SER C 82 -8.11 -8.33 -7.27
N THR C 83 -7.63 -9.52 -7.68
CA THR C 83 -8.48 -10.71 -7.82
C THR C 83 -8.67 -11.34 -6.44
N ALA C 84 -9.85 -11.11 -5.84
CA ALA C 84 -10.23 -11.62 -4.52
C ALA C 84 -10.50 -13.13 -4.56
N ALA C 85 -10.36 -13.78 -3.39
CA ALA C 85 -10.59 -15.21 -3.23
C ALA C 85 -12.09 -15.53 -3.25
N THR C 86 -12.49 -16.51 -4.07
CA THR C 86 -13.89 -16.94 -4.19
C THR C 86 -14.21 -17.96 -3.10
N ASN C 87 -15.37 -17.78 -2.44
CA ASN C 87 -15.85 -18.64 -1.35
C ASN C 87 -16.21 -20.04 -1.86
N GLU C 88 -15.85 -21.07 -1.09
CA GLU C 88 -16.10 -22.47 -1.42
C GLU C 88 -17.11 -23.09 -0.44
N VAL C 89 -17.91 -24.04 -0.94
CA VAL C 89 -18.91 -24.75 -0.13
C VAL C 89 -18.19 -25.83 0.69
N PRO C 90 -18.18 -25.74 2.05
CA PRO C 90 -17.47 -26.76 2.83
C PRO C 90 -18.29 -28.03 3.07
N GLU C 91 -17.59 -29.15 3.28
CA GLU C 91 -18.17 -30.47 3.54
C GLU C 91 -17.99 -30.80 5.03
N VAL C 92 -19.11 -31.00 5.75
CA VAL C 92 -19.08 -31.27 7.19
C VAL C 92 -19.49 -32.72 7.47
N THR C 93 -18.66 -33.44 8.26
CA THR C 93 -18.87 -34.83 8.66
C THR C 93 -18.62 -34.96 10.17
N VAL C 94 -19.58 -35.58 10.89
CA VAL C 94 -19.50 -35.78 12.35
C VAL C 94 -19.50 -37.29 12.65
N PHE C 95 -18.48 -37.74 13.42
CA PHE C 95 -18.29 -39.14 13.81
C PHE C 95 -17.52 -39.23 15.14
N SER C 96 -17.74 -40.31 15.90
CA SER C 96 -17.07 -40.54 17.19
C SER C 96 -15.66 -41.10 16.98
N LYS C 97 -14.75 -40.81 17.93
CA LYS C 97 -13.36 -41.27 17.93
C LYS C 97 -13.28 -42.78 18.17
N SER C 98 -14.03 -43.26 19.18
CA SER C 98 -14.11 -44.67 19.57
C SER C 98 -15.57 -45.16 19.53
N PRO C 99 -15.87 -46.49 19.49
CA PRO C 99 -17.28 -46.93 19.45
C PRO C 99 -18.06 -46.45 20.68
N VAL C 100 -19.23 -45.84 20.44
CA VAL C 100 -20.11 -45.25 21.45
C VAL C 100 -20.66 -46.34 22.41
N THR C 101 -20.37 -46.15 23.71
CA THR C 101 -20.78 -47.02 24.82
C THR C 101 -21.12 -46.11 26.01
N LEU C 102 -22.37 -46.19 26.50
CA LEU C 102 -22.87 -45.36 27.60
C LEU C 102 -22.10 -45.64 28.89
N GLY C 103 -21.37 -44.60 29.33
CA GLY C 103 -20.55 -44.64 30.54
C GLY C 103 -19.08 -44.39 30.30
N GLN C 104 -18.55 -44.94 29.20
CA GLN C 104 -17.14 -44.83 28.80
C GLN C 104 -16.89 -43.46 28.15
N PRO C 105 -15.79 -42.75 28.48
CA PRO C 105 -15.56 -41.42 27.89
C PRO C 105 -15.19 -41.51 26.41
N ASN C 106 -15.83 -40.65 25.59
CA ASN C 106 -15.64 -40.62 24.14
C ASN C 106 -15.37 -39.18 23.65
N THR C 107 -14.95 -39.05 22.37
CA THR C 107 -14.67 -37.77 21.73
C THR C 107 -15.41 -37.68 20.39
N LEU C 108 -16.09 -36.56 20.15
CA LEU C 108 -16.81 -36.31 18.90
C LEU C 108 -15.95 -35.47 17.97
N ILE C 109 -15.71 -35.98 16.74
CA ILE C 109 -14.88 -35.33 15.73
C ILE C 109 -15.77 -34.68 14.66
N CYS C 110 -15.54 -33.38 14.38
CA CYS C 110 -16.26 -32.64 13.36
C CYS C 110 -15.30 -32.24 12.24
N LEU C 111 -15.21 -33.09 11.19
CA LEU C 111 -14.33 -32.86 10.05
C LEU C 111 -14.97 -31.86 9.10
N VAL C 112 -14.34 -30.69 8.95
CA VAL C 112 -14.80 -29.62 8.05
C VAL C 112 -13.79 -29.59 6.89
N ASP C 113 -14.19 -30.12 5.74
CA ASP C 113 -13.38 -30.22 4.53
C ASP C 113 -13.75 -29.13 3.53
N ASN C 114 -12.83 -28.84 2.57
CA ASN C 114 -12.96 -27.85 1.49
C ASN C 114 -13.25 -26.43 2.05
N ILE C 115 -12.35 -25.95 2.92
CA ILE C 115 -12.46 -24.61 3.53
C ILE C 115 -11.60 -23.63 2.74
N PHE C 116 -12.26 -22.68 2.06
CA PHE C 116 -11.60 -21.61 1.33
C PHE C 116 -12.53 -20.40 1.15
N PRO C 117 -12.13 -19.18 1.61
CA PRO C 117 -10.87 -18.82 2.28
C PRO C 117 -10.74 -19.41 3.70
N PRO C 118 -9.53 -19.49 4.30
CA PRO C 118 -9.41 -20.10 5.64
C PRO C 118 -9.89 -19.20 6.79
N VAL C 119 -11.22 -18.97 6.84
CA VAL C 119 -11.95 -18.19 7.86
C VAL C 119 -13.22 -18.98 8.17
N VAL C 120 -13.25 -19.70 9.31
CA VAL C 120 -14.39 -20.54 9.68
C VAL C 120 -14.61 -20.53 11.21
N ASN C 121 -15.88 -20.60 11.64
CA ASN C 121 -16.29 -20.66 13.05
C ASN C 121 -16.94 -22.02 13.30
N ILE C 122 -16.25 -22.91 14.04
CA ILE C 122 -16.76 -24.23 14.35
C ILE C 122 -17.07 -24.30 15.85
N THR C 123 -18.37 -24.41 16.17
CA THR C 123 -18.88 -24.48 17.54
C THR C 123 -19.76 -25.72 17.71
N TRP C 124 -19.87 -26.21 18.95
CA TRP C 124 -20.68 -27.39 19.29
C TRP C 124 -21.97 -27.00 20.01
N LEU C 125 -23.04 -27.80 19.81
CA LEU C 125 -24.34 -27.58 20.43
C LEU C 125 -24.90 -28.89 20.99
N SER C 126 -25.26 -28.89 22.27
CA SER C 126 -25.85 -30.04 22.96
C SER C 126 -27.28 -29.70 23.38
N ASN C 127 -28.27 -30.33 22.72
CA ASN C 127 -29.72 -30.16 22.91
C ASN C 127 -30.16 -28.69 22.67
N GLY C 128 -29.47 -28.01 21.75
CA GLY C 128 -29.75 -26.62 21.37
C GLY C 128 -28.93 -25.57 22.10
N HIS C 129 -28.17 -25.97 23.13
CA HIS C 129 -27.33 -25.07 23.93
C HIS C 129 -25.85 -25.18 23.54
N SER C 130 -25.17 -24.03 23.39
CA SER C 130 -23.76 -23.93 23.00
C SER C 130 -22.83 -24.54 24.05
N VAL C 131 -21.81 -25.29 23.59
CA VAL C 131 -20.82 -25.97 24.43
C VAL C 131 -19.44 -25.34 24.20
N THR C 132 -18.68 -25.12 25.28
CA THR C 132 -17.33 -24.54 25.24
C THR C 132 -16.35 -25.43 26.05
N GLU C 133 -16.83 -26.07 27.13
CA GLU C 133 -16.00 -26.94 27.97
C GLU C 133 -15.70 -28.26 27.26
N GLY C 134 -14.42 -28.64 27.27
CA GLY C 134 -13.92 -29.85 26.63
C GLY C 134 -13.90 -29.78 25.12
N VAL C 135 -13.75 -28.56 24.57
CA VAL C 135 -13.73 -28.32 23.12
C VAL C 135 -12.31 -27.90 22.71
N SER C 136 -11.67 -28.73 21.87
CA SER C 136 -10.34 -28.48 21.31
C SER C 136 -10.45 -28.36 19.79
N GLU C 137 -9.60 -27.53 19.18
CA GLU C 137 -9.64 -27.26 17.76
C GLU C 137 -8.24 -27.30 17.13
N THR C 138 -8.12 -27.92 15.95
CA THR C 138 -6.87 -28.00 15.17
C THR C 138 -6.71 -26.75 14.32
N SER C 139 -5.53 -26.57 13.69
CA SER C 139 -5.24 -25.46 12.80
C SER C 139 -5.78 -25.79 11.38
N PHE C 140 -5.60 -24.86 10.42
CA PHE C 140 -6.04 -25.10 9.04
C PHE C 140 -5.03 -26.02 8.36
N LEU C 141 -5.37 -27.32 8.24
CA LEU C 141 -4.50 -28.32 7.62
C LEU C 141 -4.59 -28.22 6.10
N SER C 142 -3.43 -28.19 5.45
CA SER C 142 -3.26 -28.02 4.01
C SER C 142 -3.77 -29.22 3.19
N LYS C 143 -4.20 -28.91 1.95
CA LYS C 143 -4.69 -29.87 0.95
C LYS C 143 -3.95 -29.66 -0.38
N SER C 144 -3.88 -30.71 -1.22
CA SER C 144 -3.19 -30.70 -2.52
C SER C 144 -3.81 -29.69 -3.51
N ASP C 145 -5.14 -29.48 -3.44
CA ASP C 145 -5.86 -28.53 -4.31
C ASP C 145 -5.74 -27.08 -3.77
N HIS C 146 -4.81 -26.88 -2.81
CA HIS C 146 -4.44 -25.63 -2.14
C HIS C 146 -5.59 -25.02 -1.32
N SER C 147 -6.54 -25.88 -0.87
CA SER C 147 -7.62 -25.49 0.02
C SER C 147 -7.25 -25.94 1.45
N PHE C 148 -8.19 -25.86 2.42
CA PHE C 148 -7.89 -26.24 3.80
C PHE C 148 -8.98 -27.12 4.43
N PHE C 149 -8.61 -27.78 5.54
CA PHE C 149 -9.53 -28.60 6.33
C PHE C 149 -9.19 -28.45 7.82
N LYS C 150 -10.23 -28.29 8.65
CA LYS C 150 -10.13 -28.09 10.09
C LYS C 150 -10.93 -29.18 10.82
N ILE C 151 -10.41 -29.63 11.98
CA ILE C 151 -11.05 -30.66 12.79
C ILE C 151 -11.31 -30.11 14.20
N SER C 152 -12.56 -30.24 14.67
CA SER C 152 -12.97 -29.82 16.01
C SER C 152 -13.32 -31.05 16.85
N TYR C 153 -12.94 -31.03 18.13
CA TYR C 153 -13.18 -32.15 19.05
C TYR C 153 -14.08 -31.74 20.21
N LEU C 154 -14.83 -32.73 20.74
CA LEU C 154 -15.74 -32.54 21.87
C LEU C 154 -15.66 -33.77 22.79
N THR C 155 -14.99 -33.63 23.94
CA THR C 155 -14.87 -34.70 24.93
C THR C 155 -16.16 -34.74 25.72
N PHE C 156 -16.89 -35.87 25.62
CA PHE C 156 -18.19 -36.03 26.26
C PHE C 156 -18.40 -37.45 26.81
N LEU C 157 -19.51 -37.64 27.55
CA LEU C 157 -19.93 -38.92 28.11
C LEU C 157 -21.31 -39.28 27.54
N PRO C 158 -21.43 -40.41 26.78
CA PRO C 158 -22.73 -40.75 26.18
C PRO C 158 -23.79 -41.09 27.22
N SER C 159 -24.90 -40.34 27.20
CA SER C 159 -26.04 -40.51 28.10
C SER C 159 -27.21 -41.18 27.38
N ALA C 160 -28.29 -41.51 28.13
CA ALA C 160 -29.50 -42.15 27.62
C ALA C 160 -30.20 -41.31 26.54
N ASP C 161 -30.23 -39.97 26.71
CA ASP C 161 -30.83 -39.05 25.74
C ASP C 161 -30.05 -37.73 25.69
N GLU C 162 -29.18 -37.61 24.68
CA GLU C 162 -28.34 -36.44 24.41
C GLU C 162 -28.17 -36.26 22.90
N ILE C 163 -28.61 -35.09 22.39
CA ILE C 163 -28.53 -34.76 20.97
C ILE C 163 -27.41 -33.75 20.76
N TYR C 164 -26.45 -34.07 19.87
CA TYR C 164 -25.32 -33.20 19.57
C TYR C 164 -25.35 -32.71 18.13
N ASP C 165 -24.95 -31.44 17.93
CA ASP C 165 -24.90 -30.77 16.62
C ASP C 165 -23.62 -29.97 16.48
N CYS C 166 -23.07 -29.92 15.25
CA CYS C 166 -21.86 -29.19 14.93
C CYS C 166 -22.21 -27.98 14.06
N LYS C 167 -22.11 -26.77 14.63
CA LYS C 167 -22.40 -25.51 13.95
C LYS C 167 -21.16 -25.01 13.22
N VAL C 168 -21.25 -24.89 11.88
CA VAL C 168 -20.15 -24.43 11.03
C VAL C 168 -20.58 -23.15 10.31
N GLU C 169 -19.84 -22.05 10.56
CA GLU C 169 -20.10 -20.74 9.97
C GLU C 169 -18.99 -20.39 8.97
N HIS C 170 -19.35 -20.32 7.68
CA HIS C 170 -18.44 -19.99 6.59
C HIS C 170 -19.14 -19.08 5.57
N TRP C 171 -18.36 -18.23 4.88
CA TRP C 171 -18.86 -17.29 3.87
C TRP C 171 -19.40 -18.00 2.62
N GLY C 172 -19.04 -19.28 2.44
CA GLY C 172 -19.50 -20.12 1.35
C GLY C 172 -20.92 -20.63 1.55
N LEU C 173 -21.49 -20.39 2.76
CA LEU C 173 -22.84 -20.78 3.16
C LEU C 173 -23.64 -19.54 3.58
N ASP C 174 -24.90 -19.45 3.14
CA ASP C 174 -25.81 -18.34 3.48
C ASP C 174 -26.26 -18.46 4.94
N GLU C 175 -26.59 -19.69 5.37
CA GLU C 175 -27.02 -20.03 6.73
C GLU C 175 -26.01 -20.99 7.38
N PRO C 176 -25.79 -20.95 8.72
CA PRO C 176 -24.81 -21.86 9.33
C PRO C 176 -25.26 -23.33 9.24
N LEU C 177 -24.38 -24.18 8.67
CA LEU C 177 -24.67 -25.60 8.49
C LEU C 177 -24.56 -26.37 9.80
N LEU C 178 -25.59 -27.19 10.09
CA LEU C 178 -25.67 -27.99 11.31
C LEU C 178 -25.69 -29.48 10.97
N LYS C 179 -24.69 -30.23 11.47
CA LYS C 179 -24.57 -31.67 11.25
C LYS C 179 -24.89 -32.40 12.56
N HIS C 180 -26.07 -33.03 12.61
CA HIS C 180 -26.60 -33.74 13.77
C HIS C 180 -25.90 -35.08 14.01
N TRP C 181 -25.84 -35.48 15.30
CA TRP C 181 -25.26 -36.75 15.78
C TRP C 181 -25.99 -37.18 17.05
N GLU C 182 -26.33 -38.47 17.15
CA GLU C 182 -27.02 -39.05 18.31
C GLU C 182 -26.69 -40.55 18.47
N PRO C 183 -26.52 -41.06 19.71
CA PRO C 183 -26.20 -42.50 19.87
C PRO C 183 -27.43 -43.38 19.70
N SER D 16 -19.33 -12.86 1.81
CA SER D 16 -19.63 -11.43 1.68
C SER D 16 -18.37 -10.55 1.86
N PRO D 17 -17.51 -10.68 2.91
CA PRO D 17 -16.34 -9.79 3.01
C PRO D 17 -15.21 -10.20 2.06
N GLU D 18 -14.51 -9.20 1.50
CA GLU D 18 -13.41 -9.35 0.56
C GLU D 18 -12.15 -9.86 1.28
N ASP D 19 -11.50 -10.90 0.70
CA ASP D 19 -10.29 -11.48 1.27
C ASP D 19 -9.30 -11.92 0.18
N PHE D 20 -8.01 -11.65 0.42
CA PHE D 20 -6.90 -12.00 -0.47
C PHE D 20 -5.97 -12.95 0.30
N VAL D 21 -5.92 -14.21 -0.13
CA VAL D 21 -5.14 -15.28 0.52
C VAL D 21 -3.80 -15.50 -0.20
N TYR D 22 -2.75 -15.79 0.57
CA TYR D 22 -1.40 -16.12 0.09
C TYR D 22 -0.90 -17.34 0.83
N GLN D 23 -0.32 -18.30 0.09
CA GLN D 23 0.19 -19.55 0.66
C GLN D 23 1.59 -19.89 0.16
N PHE D 24 2.43 -20.43 1.05
CA PHE D 24 3.78 -20.92 0.74
C PHE D 24 3.94 -22.29 1.38
N LYS D 25 4.12 -23.33 0.54
CA LYS D 25 4.26 -24.70 1.02
C LYS D 25 5.62 -25.29 0.63
N GLY D 26 6.48 -25.48 1.62
CA GLY D 26 7.80 -26.08 1.45
C GLY D 26 7.70 -27.56 1.75
N MET D 27 7.41 -28.35 0.71
CA MET D 27 7.18 -29.79 0.84
C MET D 27 8.41 -30.65 0.53
N CYS D 28 8.53 -31.79 1.25
CA CYS D 28 9.57 -32.81 1.11
C CYS D 28 8.91 -34.15 0.83
N TYR D 29 9.38 -34.87 -0.20
CA TYR D 29 8.85 -36.17 -0.60
C TYR D 29 9.95 -37.23 -0.43
N PHE D 30 9.75 -38.16 0.53
CA PHE D 30 10.72 -39.21 0.84
C PHE D 30 10.28 -40.58 0.32
N THR D 31 11.21 -41.30 -0.32
CA THR D 31 11.01 -42.64 -0.88
C THR D 31 12.25 -43.50 -0.58
N ASN D 32 12.03 -44.72 -0.06
CA ASN D 32 13.05 -45.71 0.34
C ASN D 32 14.01 -45.13 1.41
N GLY D 33 13.43 -44.38 2.35
CA GLY D 33 14.18 -43.74 3.43
C GLY D 33 14.86 -42.47 3.00
N THR D 34 16.21 -42.50 2.97
CA THR D 34 17.07 -41.37 2.60
C THR D 34 17.54 -41.48 1.14
N GLU D 35 17.22 -42.61 0.46
CA GLU D 35 17.59 -42.93 -0.93
C GLU D 35 17.05 -41.87 -1.91
N ARG D 36 15.72 -41.65 -1.92
CA ARG D 36 15.08 -40.67 -2.81
C ARG D 36 14.44 -39.56 -1.99
N VAL D 37 14.80 -38.30 -2.31
CA VAL D 37 14.29 -37.10 -1.65
C VAL D 37 14.03 -36.01 -2.71
N ARG D 38 12.84 -35.38 -2.64
CA ARG D 38 12.40 -34.35 -3.59
C ARG D 38 11.77 -33.18 -2.85
N LEU D 39 12.18 -31.94 -3.16
CA LEU D 39 11.61 -30.74 -2.54
C LEU D 39 10.80 -29.95 -3.57
N VAL D 40 9.62 -29.46 -3.17
CA VAL D 40 8.74 -28.64 -4.02
C VAL D 40 8.22 -27.46 -3.18
N THR D 41 8.78 -26.26 -3.41
CA THR D 41 8.35 -25.04 -2.72
C THR D 41 7.27 -24.42 -3.60
N ARG D 42 6.01 -24.45 -3.13
CA ARG D 42 4.87 -23.95 -3.90
C ARG D 42 4.44 -22.57 -3.42
N TYR D 43 4.43 -21.59 -4.35
CA TYR D 43 4.00 -20.21 -4.12
C TYR D 43 2.60 -20.07 -4.69
N ILE D 44 1.60 -19.91 -3.81
CA ILE D 44 0.19 -19.88 -4.20
C ILE D 44 -0.49 -18.56 -3.84
N TYR D 45 -1.21 -17.99 -4.83
CA TYR D 45 -2.05 -16.80 -4.66
C TYR D 45 -3.48 -17.30 -4.68
N ASN D 46 -4.15 -17.20 -3.51
CA ASN D 46 -5.50 -17.70 -3.22
C ASN D 46 -5.45 -19.24 -3.33
N ARG D 47 -5.86 -19.80 -4.48
CA ARG D 47 -5.83 -21.25 -4.74
C ARG D 47 -5.00 -21.54 -6.00
N GLU D 48 -4.56 -20.47 -6.69
CA GLU D 48 -3.77 -20.53 -7.92
C GLU D 48 -2.27 -20.55 -7.60
N GLU D 49 -1.62 -21.68 -7.89
CA GLU D 49 -0.18 -21.86 -7.72
C GLU D 49 0.49 -21.23 -8.94
N TYR D 50 1.23 -20.13 -8.75
CA TYR D 50 1.86 -19.40 -9.85
C TYR D 50 3.36 -19.72 -10.03
N ALA D 51 4.09 -19.95 -8.93
CA ALA D 51 5.51 -20.25 -8.99
C ALA D 51 5.87 -21.46 -8.11
N ARG D 52 6.88 -22.24 -8.54
CA ARG D 52 7.36 -23.41 -7.81
C ARG D 52 8.84 -23.70 -8.10
N PHE D 53 9.49 -24.43 -7.18
CA PHE D 53 10.87 -24.87 -7.31
C PHE D 53 10.94 -26.36 -7.04
N ASP D 54 11.25 -27.14 -8.08
CA ASP D 54 11.39 -28.59 -7.98
C ASP D 54 12.88 -28.94 -7.94
N SER D 55 13.28 -29.82 -7.00
CA SER D 55 14.67 -30.24 -6.82
C SER D 55 15.20 -30.97 -8.06
N ASP D 56 14.32 -31.72 -8.76
CA ASP D 56 14.64 -32.45 -9.98
C ASP D 56 14.87 -31.49 -11.15
N VAL D 57 14.19 -30.34 -11.15
CA VAL D 57 14.31 -29.29 -12.17
C VAL D 57 15.59 -28.48 -11.88
N GLY D 58 15.75 -27.99 -10.64
CA GLY D 58 16.92 -27.23 -10.21
C GLY D 58 16.78 -25.72 -10.27
N VAL D 59 15.73 -25.22 -10.95
CA VAL D 59 15.46 -23.78 -11.12
C VAL D 59 13.97 -23.46 -10.87
N TYR D 60 13.67 -22.18 -10.57
CA TYR D 60 12.30 -21.70 -10.36
C TYR D 60 11.55 -21.66 -11.67
N ARG D 61 10.30 -22.15 -11.68
CA ARG D 61 9.47 -22.19 -12.89
C ARG D 61 8.07 -21.66 -12.64
N ALA D 62 7.51 -20.98 -13.65
CA ALA D 62 6.16 -20.40 -13.63
C ALA D 62 5.13 -21.46 -14.02
N VAL D 63 4.06 -21.57 -13.23
CA VAL D 63 2.97 -22.53 -13.44
C VAL D 63 1.84 -21.85 -14.23
N THR D 64 1.43 -20.63 -13.80
CA THR D 64 0.37 -19.84 -14.42
C THR D 64 0.93 -18.49 -14.96
N PRO D 65 0.18 -17.71 -15.81
CA PRO D 65 0.74 -16.44 -16.32
C PRO D 65 1.03 -15.37 -15.25
N LEU D 66 0.77 -15.68 -13.97
CA LEU D 66 1.02 -14.79 -12.82
C LEU D 66 2.41 -15.07 -12.20
N GLY D 67 3.06 -16.15 -12.66
CA GLY D 67 4.36 -16.60 -12.19
C GLY D 67 5.63 -16.09 -12.89
N PRO D 68 5.62 -15.76 -14.22
CA PRO D 68 6.88 -15.32 -14.87
C PRO D 68 7.67 -14.18 -14.19
N PRO D 69 7.09 -13.06 -13.65
CA PRO D 69 7.96 -12.05 -13.03
C PRO D 69 8.71 -12.53 -11.78
N ALA D 70 8.06 -13.40 -10.97
CA ALA D 70 8.64 -13.95 -9.75
C ALA D 70 9.74 -14.98 -10.05
N ALA D 71 9.47 -15.95 -10.93
CA ALA D 71 10.39 -17.03 -11.32
C ALA D 71 11.68 -16.49 -11.97
N GLU D 72 11.56 -15.49 -12.87
CA GLU D 72 12.70 -14.88 -13.57
C GLU D 72 13.59 -14.07 -12.62
N TYR D 73 12.97 -13.40 -11.62
CA TYR D 73 13.67 -12.58 -10.63
C TYR D 73 14.41 -13.47 -9.62
N TRP D 74 13.81 -14.60 -9.22
CA TRP D 74 14.41 -15.53 -8.25
C TRP D 74 15.55 -16.33 -8.88
N ASN D 75 15.48 -16.61 -10.20
CA ASN D 75 16.52 -17.33 -10.93
C ASN D 75 17.72 -16.44 -11.23
N SER D 76 17.50 -15.12 -11.40
CA SER D 76 18.55 -14.14 -11.68
C SER D 76 19.46 -13.92 -10.47
N GLN D 77 18.88 -13.96 -9.25
CA GLN D 77 19.61 -13.78 -7.99
C GLN D 77 20.32 -15.08 -7.63
N LYS D 78 21.67 -15.04 -7.59
CA LYS D 78 22.54 -16.18 -7.30
C LYS D 78 22.36 -16.71 -5.87
N GLU D 79 22.19 -15.81 -4.88
CA GLU D 79 22.03 -16.16 -3.47
C GLU D 79 20.72 -16.91 -3.20
N VAL D 80 19.63 -16.52 -3.89
CA VAL D 80 18.30 -17.13 -3.75
C VAL D 80 18.33 -18.57 -4.30
N LEU D 81 18.90 -18.78 -5.51
CA LEU D 81 19.01 -20.10 -6.15
C LEU D 81 19.88 -21.06 -5.34
N GLU D 82 21.03 -20.59 -4.82
CA GLU D 82 21.98 -21.37 -4.03
C GLU D 82 21.37 -21.83 -2.70
N ARG D 83 20.51 -20.98 -2.08
CA ARG D 83 19.83 -21.26 -0.82
C ARG D 83 18.75 -22.33 -1.00
N THR D 84 17.91 -22.21 -2.06
CA THR D 84 16.81 -23.12 -2.35
C THR D 84 17.33 -24.51 -2.79
N ARG D 85 18.43 -24.55 -3.56
CA ARG D 85 19.05 -25.81 -4.02
C ARG D 85 19.62 -26.60 -2.82
N ALA D 86 20.15 -25.87 -1.82
CA ALA D 86 20.75 -26.41 -0.60
C ALA D 86 19.71 -26.87 0.43
N GLU D 87 18.43 -26.49 0.24
CA GLU D 87 17.34 -26.83 1.15
C GLU D 87 17.01 -28.34 1.16
N LEU D 88 17.54 -29.12 0.20
CA LEU D 88 17.34 -30.57 0.15
C LEU D 88 18.08 -31.24 1.32
N ASP D 89 19.18 -30.63 1.79
CA ASP D 89 19.99 -31.13 2.90
C ASP D 89 19.75 -30.37 4.20
N THR D 90 19.58 -29.03 4.12
CA THR D 90 19.41 -28.17 5.30
C THR D 90 18.02 -28.31 5.96
N VAL D 91 16.97 -28.73 5.22
CA VAL D 91 15.65 -28.87 5.85
C VAL D 91 15.04 -30.28 5.58
N CYS D 92 14.96 -30.74 4.30
CA CYS D 92 14.38 -32.06 3.99
C CYS D 92 15.15 -33.21 4.65
N ARG D 93 16.47 -33.34 4.38
CA ARG D 93 17.32 -34.39 4.94
C ARG D 93 17.58 -34.22 6.44
N HIS D 94 17.60 -32.97 6.93
CA HIS D 94 17.84 -32.64 8.33
C HIS D 94 16.66 -33.07 9.23
N ASN D 95 15.43 -32.70 8.84
CA ASN D 95 14.21 -33.01 9.61
C ASN D 95 13.84 -34.50 9.55
N TYR D 96 14.23 -35.20 8.46
CA TYR D 96 13.97 -36.64 8.32
C TYR D 96 14.75 -37.44 9.35
N GLN D 97 15.97 -36.99 9.70
CA GLN D 97 16.83 -37.59 10.72
C GLN D 97 16.20 -37.43 12.10
N LEU D 98 15.52 -36.28 12.32
CA LEU D 98 14.82 -35.96 13.56
C LEU D 98 13.47 -36.70 13.62
N GLU D 99 12.88 -36.99 12.45
CA GLU D 99 11.61 -37.69 12.30
C GLU D 99 11.71 -39.17 12.70
N LEU D 100 12.87 -39.80 12.39
CA LEU D 100 13.16 -41.21 12.69
C LEU D 100 13.12 -41.51 14.18
N ARG D 101 13.59 -40.57 15.01
CA ARG D 101 13.67 -40.68 16.47
C ARG D 101 12.30 -40.58 17.15
N THR D 102 11.32 -39.90 16.52
CA THR D 102 9.99 -39.69 17.12
C THR D 102 8.83 -40.24 16.28
N THR D 103 8.46 -39.55 15.18
CA THR D 103 7.32 -39.85 14.31
C THR D 103 7.37 -41.24 13.65
N LEU D 104 8.51 -41.58 13.01
CA LEU D 104 8.68 -42.86 12.32
C LEU D 104 8.82 -44.05 13.28
N GLN D 105 9.13 -43.77 14.56
CA GLN D 105 9.25 -44.77 15.63
C GLN D 105 7.93 -44.94 16.41
N ARG D 106 6.98 -43.99 16.22
CA ARG D 106 5.67 -43.99 16.88
C ARG D 106 4.80 -45.15 16.36
N ARG D 107 4.41 -46.05 17.29
CA ARG D 107 3.57 -47.22 17.03
C ARG D 107 2.44 -47.26 18.06
N VAL D 108 1.18 -47.09 17.60
CA VAL D 108 0.00 -47.10 18.47
C VAL D 108 -0.84 -48.35 18.15
N GLU D 109 -1.07 -49.19 19.17
CA GLU D 109 -1.85 -50.43 19.04
C GLU D 109 -3.35 -50.13 18.90
N PRO D 110 -4.02 -50.71 17.88
CA PRO D 110 -5.46 -50.43 17.70
C PRO D 110 -6.37 -51.17 18.67
N THR D 111 -7.56 -50.61 18.91
CA THR D 111 -8.60 -51.17 19.77
C THR D 111 -9.67 -51.74 18.82
N VAL D 112 -9.84 -53.07 18.85
CA VAL D 112 -10.79 -53.77 17.96
C VAL D 112 -12.01 -54.24 18.76
N THR D 113 -13.22 -53.82 18.31
CA THR D 113 -14.52 -54.15 18.91
C THR D 113 -15.54 -54.41 17.81
N ILE D 114 -16.47 -55.37 18.04
CA ILE D 114 -17.52 -55.72 17.08
C ILE D 114 -18.88 -55.38 17.71
N SER D 115 -19.72 -54.63 16.96
CA SER D 115 -21.07 -54.23 17.38
C SER D 115 -22.12 -54.63 16.32
N PRO D 116 -23.18 -55.37 16.70
CA PRO D 116 -24.18 -55.77 15.69
C PRO D 116 -25.22 -54.67 15.43
N SER D 117 -25.30 -54.22 14.17
CA SER D 117 -26.22 -53.17 13.72
C SER D 117 -27.40 -53.77 12.97
N HIS D 125 -30.25 -56.95 13.24
CA HIS D 125 -29.18 -57.82 13.73
C HIS D 125 -28.62 -58.70 12.59
N ASN D 126 -28.63 -58.16 11.35
CA ASN D 126 -28.13 -58.85 10.16
C ASN D 126 -26.95 -58.09 9.51
N LEU D 127 -26.17 -57.37 10.35
CA LEU D 127 -25.00 -56.60 9.92
C LEU D 127 -24.02 -56.43 11.10
N LEU D 128 -22.74 -56.75 10.85
CA LEU D 128 -21.68 -56.63 11.87
C LEU D 128 -20.65 -55.59 11.45
N VAL D 129 -20.30 -54.70 12.39
CA VAL D 129 -19.33 -53.63 12.14
C VAL D 129 -18.07 -53.87 12.98
N CYS D 130 -16.92 -54.03 12.31
CA CYS D 130 -15.63 -54.22 12.98
C CYS D 130 -14.98 -52.86 13.14
N SER D 131 -15.01 -52.32 14.37
CA SER D 131 -14.47 -51.01 14.67
C SER D 131 -13.02 -51.09 15.16
N VAL D 132 -12.08 -50.71 14.28
CA VAL D 132 -10.65 -50.67 14.54
C VAL D 132 -10.33 -49.20 14.82
N THR D 133 -10.05 -48.84 16.09
CA THR D 133 -9.83 -47.45 16.47
C THR D 133 -8.47 -47.17 17.13
N ASP D 134 -7.96 -45.95 16.91
CA ASP D 134 -6.73 -45.35 17.42
C ASP D 134 -5.49 -46.20 17.12
N PHE D 135 -4.87 -45.97 15.95
CA PHE D 135 -3.67 -46.67 15.52
C PHE D 135 -2.79 -45.79 14.63
N TYR D 136 -1.47 -45.98 14.75
CA TYR D 136 -0.44 -45.27 13.97
C TYR D 136 0.70 -46.25 13.71
N PRO D 137 1.24 -46.37 12.45
CA PRO D 137 0.91 -45.60 11.23
C PRO D 137 -0.37 -46.03 10.53
N ALA D 138 -0.59 -45.48 9.31
CA ALA D 138 -1.74 -45.71 8.44
C ALA D 138 -1.88 -47.15 7.93
N GLN D 139 -0.76 -47.89 7.77
CA GLN D 139 -0.71 -49.27 7.29
C GLN D 139 -1.59 -50.19 8.15
N ILE D 140 -2.65 -50.77 7.55
CA ILE D 140 -3.61 -51.65 8.21
C ILE D 140 -4.21 -52.67 7.21
N LYS D 141 -4.50 -53.89 7.67
CA LYS D 141 -5.11 -54.97 6.90
C LYS D 141 -6.17 -55.66 7.78
N VAL D 142 -7.46 -55.45 7.44
CA VAL D 142 -8.58 -56.01 8.19
C VAL D 142 -9.34 -57.03 7.33
N ARG D 143 -9.64 -58.20 7.91
CA ARG D 143 -10.35 -59.30 7.26
C ARG D 143 -11.50 -59.83 8.12
N TRP D 144 -12.58 -60.28 7.46
CA TRP D 144 -13.73 -60.88 8.13
C TRP D 144 -13.77 -62.37 7.80
N PHE D 145 -13.98 -63.22 8.82
CA PHE D 145 -14.01 -64.67 8.65
C PHE D 145 -15.32 -65.27 9.16
N ARG D 146 -15.79 -66.32 8.46
CA ARG D 146 -17.00 -67.07 8.83
C ARG D 146 -16.58 -68.42 9.38
N ASN D 147 -16.96 -68.69 10.66
CA ASN D 147 -16.68 -69.92 11.42
C ASN D 147 -15.16 -70.14 11.53
N ASP D 148 -14.61 -71.14 10.82
CA ASP D 148 -13.18 -71.46 10.80
C ASP D 148 -12.45 -70.52 9.82
N GLN D 149 -11.23 -70.90 9.35
CA GLN D 149 -10.45 -70.09 8.42
C GLN D 149 -11.10 -70.13 7.02
N GLU D 150 -12.13 -69.29 6.84
CA GLU D 150 -12.93 -69.13 5.63
C GLU D 150 -13.22 -67.65 5.40
N GLU D 151 -12.61 -67.06 4.35
CA GLU D 151 -12.79 -65.64 4.02
C GLU D 151 -14.11 -65.41 3.29
N THR D 152 -14.81 -64.33 3.67
CA THR D 152 -16.09 -63.94 3.07
C THR D 152 -15.89 -62.75 2.11
N THR D 153 -16.57 -62.80 0.95
CA THR D 153 -16.49 -61.79 -0.10
C THR D 153 -17.87 -61.13 -0.24
N GLY D 154 -18.15 -60.25 0.71
CA GLY D 154 -19.38 -59.47 0.82
C GLY D 154 -19.27 -58.46 1.94
N VAL D 155 -18.06 -57.89 2.10
CA VAL D 155 -17.70 -56.94 3.14
C VAL D 155 -17.46 -55.54 2.54
N VAL D 156 -17.99 -54.51 3.21
CA VAL D 156 -17.84 -53.11 2.81
C VAL D 156 -17.05 -52.38 3.89
N SER D 157 -15.83 -51.95 3.55
CA SER D 157 -14.94 -51.24 4.47
C SER D 157 -14.92 -49.75 4.17
N THR D 158 -14.99 -48.92 5.23
CA THR D 158 -14.95 -47.46 5.11
C THR D 158 -13.52 -47.03 4.78
N PRO D 159 -13.27 -45.90 4.07
CA PRO D 159 -11.88 -45.49 3.81
C PRO D 159 -11.12 -45.16 5.09
N LEU D 160 -9.78 -45.06 5.02
CA LEU D 160 -8.94 -44.75 6.17
C LEU D 160 -9.32 -43.36 6.73
N ILE D 161 -10.00 -43.36 7.89
CA ILE D 161 -10.46 -42.14 8.55
C ILE D 161 -9.34 -41.57 9.41
N ARG D 162 -9.02 -40.27 9.19
CA ARG D 162 -8.00 -39.53 9.91
C ARG D 162 -8.67 -38.74 11.04
N ASN D 163 -8.32 -39.06 12.30
CA ASN D 163 -8.88 -38.40 13.48
C ASN D 163 -8.27 -37.00 13.67
N GLY D 164 -7.04 -36.83 13.19
CA GLY D 164 -6.31 -35.56 13.26
C GLY D 164 -5.33 -35.45 14.40
N ASP D 165 -5.54 -36.24 15.48
CA ASP D 165 -4.67 -36.23 16.66
C ASP D 165 -3.71 -37.45 16.63
N TRP D 166 -3.04 -37.63 15.46
CA TRP D 166 -2.04 -38.67 15.16
C TRP D 166 -2.54 -40.11 15.39
N THR D 167 -3.84 -40.33 15.16
CA THR D 167 -4.50 -41.65 15.27
C THR D 167 -5.45 -41.83 14.10
N PHE D 168 -5.63 -43.07 13.66
CA PHE D 168 -6.53 -43.41 12.55
C PHE D 168 -7.62 -44.38 13.02
N GLN D 169 -8.69 -44.51 12.24
CA GLN D 169 -9.78 -45.45 12.51
C GLN D 169 -10.38 -45.97 11.19
N ILE D 170 -10.82 -47.23 11.19
CA ILE D 170 -11.41 -47.87 10.02
C ILE D 170 -12.56 -48.79 10.48
N LEU D 171 -13.73 -48.62 9.86
CA LEU D 171 -14.93 -49.39 10.16
C LEU D 171 -15.21 -50.35 9.01
N VAL D 172 -15.15 -51.66 9.29
CA VAL D 172 -15.35 -52.70 8.29
C VAL D 172 -16.70 -53.40 8.56
N MET D 173 -17.72 -53.07 7.75
CA MET D 173 -19.08 -53.60 7.84
C MET D 173 -19.25 -54.87 7.01
N LEU D 174 -19.88 -55.91 7.57
CA LEU D 174 -20.11 -57.19 6.89
C LEU D 174 -21.60 -57.53 6.79
N GLU D 175 -22.05 -57.87 5.56
CA GLU D 175 -23.42 -58.31 5.28
C GLU D 175 -23.52 -59.79 5.69
N MET D 176 -24.02 -60.07 6.89
CA MET D 176 -24.07 -61.44 7.38
C MET D 176 -25.49 -61.92 7.69
N THR D 177 -25.68 -63.23 7.55
CA THR D 177 -26.90 -63.99 7.82
C THR D 177 -26.54 -65.00 8.93
N PRO D 178 -27.10 -64.86 10.16
CA PRO D 178 -26.68 -65.75 11.26
C PRO D 178 -27.39 -67.10 11.28
N GLN D 179 -26.67 -68.12 11.81
CA GLN D 179 -27.13 -69.49 11.98
C GLN D 179 -26.98 -69.92 13.45
N ARG D 180 -27.41 -71.15 13.78
CA ARG D 180 -27.37 -71.71 15.15
C ARG D 180 -25.93 -71.80 15.70
N GLY D 181 -25.00 -72.36 14.92
CA GLY D 181 -23.61 -72.52 15.30
C GLY D 181 -22.64 -71.73 14.46
N ASP D 182 -22.86 -70.41 14.36
CA ASP D 182 -22.03 -69.49 13.58
C ASP D 182 -21.24 -68.54 14.47
N VAL D 183 -19.92 -68.48 14.28
CA VAL D 183 -19.01 -67.60 15.03
C VAL D 183 -18.26 -66.73 14.00
N TYR D 184 -18.45 -65.41 14.09
CA TYR D 184 -17.81 -64.46 13.17
C TYR D 184 -16.60 -63.81 13.83
N THR D 185 -15.41 -63.95 13.20
CA THR D 185 -14.15 -63.40 13.70
C THR D 185 -13.61 -62.31 12.77
N CYS D 186 -12.97 -61.29 13.38
CA CYS D 186 -12.37 -60.16 12.68
C CYS D 186 -10.85 -60.20 12.88
N HIS D 187 -10.09 -60.41 11.79
CA HIS D 187 -8.63 -60.49 11.82
C HIS D 187 -8.02 -59.15 11.40
N VAL D 188 -7.30 -58.51 12.35
CA VAL D 188 -6.70 -57.18 12.16
C VAL D 188 -5.17 -57.28 12.23
N GLU D 189 -4.48 -56.77 11.20
CA GLU D 189 -3.02 -56.74 11.10
C GLU D 189 -2.51 -55.30 11.08
N HIS D 190 -1.53 -55.00 11.95
CA HIS D 190 -0.92 -53.68 12.10
C HIS D 190 0.58 -53.83 12.43
N PRO D 191 1.49 -52.94 11.92
CA PRO D 191 2.93 -53.10 12.22
C PRO D 191 3.31 -52.98 13.70
N SER D 192 2.44 -52.41 14.56
CA SER D 192 2.71 -52.27 16.00
C SER D 192 2.57 -53.62 16.74
N LEU D 193 1.83 -54.58 16.15
CA LEU D 193 1.60 -55.91 16.74
C LEU D 193 2.54 -56.95 16.13
N GLN D 194 3.01 -57.87 16.98
CA GLN D 194 3.87 -58.99 16.55
C GLN D 194 2.98 -60.13 16.05
N ASN D 195 1.73 -60.19 16.55
CA ASN D 195 0.72 -61.19 16.19
C ASN D 195 -0.63 -60.49 15.91
N PRO D 196 -1.43 -60.95 14.91
CA PRO D 196 -2.70 -60.25 14.61
C PRO D 196 -3.76 -60.36 15.70
N ILE D 197 -4.65 -59.35 15.76
CA ILE D 197 -5.75 -59.28 16.73
C ILE D 197 -6.98 -60.00 16.14
N ILE D 198 -7.51 -61.00 16.88
CA ILE D 198 -8.69 -61.77 16.47
C ILE D 198 -9.77 -61.56 17.53
N VAL D 199 -10.89 -60.95 17.12
CA VAL D 199 -12.05 -60.66 17.97
C VAL D 199 -13.23 -61.48 17.41
N GLU D 200 -13.87 -62.29 18.28
CA GLU D 200 -15.00 -63.16 17.89
C GLU D 200 -16.36 -62.56 18.28
N TRP D 201 -17.44 -63.04 17.65
CA TRP D 201 -18.82 -62.64 17.90
C TRP D 201 -19.75 -63.84 17.72
N ARG D 202 -20.53 -64.18 18.76
CA ARG D 202 -21.47 -65.30 18.75
C ARG D 202 -22.90 -64.80 18.73
N GLN E 1 26.32 -23.51 20.89
CA GLN E 1 27.18 -23.46 19.72
C GLN E 1 28.19 -22.31 19.83
N SER E 2 29.47 -22.59 19.51
CA SER E 2 30.56 -21.62 19.57
C SER E 2 31.59 -21.84 18.44
N VAL E 3 32.50 -20.86 18.26
CA VAL E 3 33.55 -20.91 17.24
C VAL E 3 34.88 -20.43 17.86
N THR E 4 36.00 -21.08 17.47
CA THR E 4 37.33 -20.78 18.02
C THR E 4 38.33 -20.43 16.91
N GLN E 5 39.17 -19.41 17.16
CA GLN E 5 40.24 -18.96 16.26
C GLN E 5 41.57 -19.01 17.05
N PRO E 6 42.49 -19.95 16.71
CA PRO E 6 43.74 -20.05 17.49
C PRO E 6 44.73 -18.92 17.23
N ASP E 7 44.66 -18.30 16.04
CA ASP E 7 45.54 -17.20 15.66
C ASP E 7 44.89 -15.85 15.95
N ILE E 8 45.67 -14.89 16.46
CA ILE E 8 45.20 -13.55 16.80
C ILE E 8 45.82 -12.50 15.85
N HIS E 9 47.07 -12.73 15.39
CA HIS E 9 47.80 -11.84 14.47
C HIS E 9 48.76 -12.65 13.61
N ILE E 10 48.62 -12.54 12.28
CA ILE E 10 49.46 -13.23 11.29
C ILE E 10 50.14 -12.18 10.40
N THR E 11 51.48 -12.27 10.29
CA THR E 11 52.30 -11.39 9.47
C THR E 11 52.85 -12.21 8.30
N VAL E 12 52.51 -11.81 7.06
CA VAL E 12 52.94 -12.51 5.84
C VAL E 12 53.30 -11.50 4.73
N SER E 13 54.17 -11.92 3.81
CA SER E 13 54.61 -11.12 2.65
C SER E 13 53.65 -11.31 1.47
N GLU E 14 53.55 -10.29 0.61
CA GLU E 14 52.69 -10.28 -0.58
C GLU E 14 53.09 -11.37 -1.59
N GLY E 15 52.09 -12.10 -2.07
CA GLY E 15 52.27 -13.18 -3.04
C GLY E 15 52.31 -14.57 -2.44
N ALA E 16 52.70 -14.66 -1.14
CA ALA E 16 52.80 -15.92 -0.40
C ALA E 16 51.42 -16.53 -0.09
N SER E 17 51.39 -17.87 0.09
CA SER E 17 50.17 -18.63 0.40
C SER E 17 49.64 -18.28 1.79
N LEU E 18 48.30 -18.31 1.95
CA LEU E 18 47.63 -17.97 3.20
C LEU E 18 46.75 -19.12 3.70
N GLU E 19 46.64 -19.26 5.03
CA GLU E 19 45.82 -20.26 5.70
C GLU E 19 45.37 -19.73 7.08
N LEU E 20 44.09 -19.34 7.19
CA LEU E 20 43.50 -18.82 8.42
C LEU E 20 42.71 -19.93 9.10
N ARG E 21 43.20 -20.42 10.25
CA ARG E 21 42.57 -21.51 11.01
C ARG E 21 41.31 -21.05 11.73
N CYS E 22 40.25 -21.88 11.64
CA CYS E 22 38.94 -21.67 12.27
C CYS E 22 38.25 -23.01 12.44
N ASN E 23 37.85 -23.34 13.67
CA ASN E 23 37.16 -24.60 14.01
C ASN E 23 35.90 -24.32 14.83
N TYR E 24 34.82 -25.08 14.55
CA TYR E 24 33.53 -24.92 15.24
C TYR E 24 33.31 -26.00 16.30
N SER E 25 32.39 -25.72 17.25
CA SER E 25 32.03 -26.59 18.36
C SER E 25 31.24 -27.82 17.89
N TYR E 26 29.97 -27.63 17.47
CA TYR E 26 29.08 -28.71 17.02
C TYR E 26 28.02 -28.22 16.03
N GLY E 27 27.33 -29.16 15.39
CA GLY E 27 26.26 -28.88 14.43
C GLY E 27 25.83 -30.07 13.61
N ALA E 28 24.51 -30.33 13.57
CA ALA E 28 23.90 -31.42 12.79
C ALA E 28 23.95 -31.08 11.30
N THR E 29 23.69 -29.80 10.97
CA THR E 29 23.75 -29.20 9.64
C THR E 29 24.30 -27.77 9.87
N PRO E 30 25.65 -27.60 9.94
CA PRO E 30 26.20 -26.28 10.28
C PRO E 30 26.21 -25.27 9.14
N TYR E 31 26.16 -23.98 9.51
CA TYR E 31 26.23 -22.81 8.64
C TYR E 31 27.52 -22.08 8.96
N LEU E 32 28.57 -22.29 8.14
CA LEU E 32 29.87 -21.66 8.37
C LEU E 32 30.11 -20.53 7.40
N PHE E 33 30.56 -19.39 7.94
CA PHE E 33 30.80 -18.16 7.19
C PHE E 33 32.19 -17.58 7.44
N TRP E 34 32.62 -16.68 6.55
CA TRP E 34 33.89 -15.97 6.62
C TRP E 34 33.66 -14.51 6.22
N TYR E 35 33.97 -13.59 7.14
CA TYR E 35 33.81 -12.16 6.95
C TYR E 35 35.14 -11.42 7.02
N VAL E 36 35.30 -10.38 6.19
CA VAL E 36 36.50 -9.55 6.14
C VAL E 36 36.11 -8.13 6.62
N GLN E 37 36.91 -7.56 7.53
CA GLN E 37 36.66 -6.23 8.08
C GLN E 37 37.89 -5.32 7.90
N SER E 38 37.83 -4.42 6.90
CA SER E 38 38.88 -3.46 6.61
C SER E 38 38.87 -2.32 7.64
N PRO E 39 40.02 -1.70 7.99
CA PRO E 39 40.01 -0.61 8.99
C PRO E 39 39.19 0.59 8.52
N GLY E 40 38.25 1.02 9.37
CA GLY E 40 37.33 2.11 9.10
C GLY E 40 36.12 1.70 8.28
N GLN E 41 35.96 0.37 8.09
CA GLN E 41 34.86 -0.24 7.32
C GLN E 41 34.18 -1.35 8.13
N GLY E 42 33.02 -1.78 7.65
CA GLY E 42 32.23 -2.85 8.25
C GLY E 42 32.67 -4.22 7.80
N LEU E 43 31.88 -5.25 8.16
CA LEU E 43 32.17 -6.64 7.79
C LEU E 43 31.51 -6.99 6.45
N GLN E 44 32.27 -7.70 5.60
CA GLN E 44 31.84 -8.14 4.27
C GLN E 44 32.06 -9.65 4.13
N LEU E 45 31.01 -10.40 3.77
CA LEU E 45 31.05 -11.85 3.59
C LEU E 45 31.91 -12.23 2.38
N LEU E 46 32.88 -13.13 2.60
CA LEU E 46 33.78 -13.64 1.56
C LEU E 46 33.20 -14.88 0.92
N LEU E 47 32.95 -15.93 1.74
CA LEU E 47 32.39 -17.21 1.32
C LEU E 47 31.52 -17.81 2.43
N LYS E 48 30.68 -18.79 2.05
CA LYS E 48 29.74 -19.44 2.95
C LYS E 48 29.60 -20.94 2.65
N TYR E 49 29.05 -21.70 3.62
CA TYR E 49 28.80 -23.13 3.47
C TYR E 49 27.60 -23.56 4.32
N PHE E 50 26.73 -24.40 3.74
CA PHE E 50 25.58 -25.00 4.42
C PHE E 50 25.25 -26.37 3.82
N SER E 51 25.48 -26.54 2.49
CA SER E 51 25.24 -27.77 1.73
C SER E 51 26.04 -27.79 0.42
N GLY E 52 26.17 -28.98 -0.17
CA GLY E 52 26.86 -29.20 -1.43
C GLY E 52 28.30 -29.63 -1.30
N ASP E 53 29.15 -29.15 -2.23
CA ASP E 53 30.58 -29.45 -2.28
C ASP E 53 31.33 -28.82 -1.10
N THR E 54 32.25 -29.59 -0.50
CA THR E 54 33.07 -29.23 0.66
C THR E 54 33.96 -28.00 0.37
N LEU E 55 34.52 -27.91 -0.86
CA LEU E 55 35.37 -26.79 -1.27
C LEU E 55 34.50 -25.70 -1.90
N VAL E 56 34.39 -24.55 -1.21
CA VAL E 56 33.59 -23.40 -1.66
C VAL E 56 34.50 -22.24 -2.07
N GLN E 57 34.19 -21.66 -3.25
CA GLN E 57 34.91 -20.52 -3.81
C GLN E 57 34.14 -19.24 -3.54
N GLY E 58 34.82 -18.25 -2.99
CA GLY E 58 34.22 -16.96 -2.65
C GLY E 58 34.80 -15.78 -3.41
N ILE E 59 34.38 -14.57 -3.02
CA ILE E 59 34.81 -13.30 -3.62
C ILE E 59 36.25 -12.96 -3.17
N LYS E 60 36.92 -12.06 -3.92
CA LYS E 60 38.29 -11.57 -3.71
C LYS E 60 39.34 -12.70 -3.85
N GLY E 61 39.01 -13.74 -4.61
CA GLY E 61 39.87 -14.87 -4.89
C GLY E 61 40.20 -15.74 -3.69
N PHE E 62 39.22 -15.96 -2.81
CA PHE E 62 39.36 -16.79 -1.60
C PHE E 62 38.63 -18.13 -1.76
N GLU E 63 39.16 -19.17 -1.09
CA GLU E 63 38.59 -20.52 -1.09
C GLU E 63 38.71 -21.16 0.30
N ALA E 64 37.78 -22.07 0.64
CA ALA E 64 37.77 -22.78 1.93
C ALA E 64 37.18 -24.16 1.79
N GLU E 65 37.73 -25.13 2.55
CA GLU E 65 37.27 -26.52 2.56
C GLU E 65 36.66 -26.85 3.92
N PHE E 66 35.48 -27.49 3.92
CA PHE E 66 34.76 -27.88 5.12
C PHE E 66 35.17 -29.30 5.56
N LYS E 67 35.85 -29.38 6.70
CA LYS E 67 36.27 -30.66 7.30
C LYS E 67 35.32 -30.97 8.45
N ARG E 68 34.45 -31.98 8.26
CA ARG E 68 33.45 -32.37 9.26
C ARG E 68 34.09 -33.21 10.37
N SER E 69 35.02 -34.12 10.02
CA SER E 69 35.73 -34.99 10.95
C SER E 69 36.66 -34.18 11.88
N GLN E 70 37.31 -33.15 11.33
CA GLN E 70 38.21 -32.26 12.06
C GLN E 70 37.46 -31.06 12.66
N SER E 71 36.17 -30.89 12.28
CA SER E 71 35.23 -29.82 12.69
C SER E 71 35.84 -28.41 12.46
N SER E 72 36.47 -28.22 11.29
CA SER E 72 37.11 -26.96 10.91
C SER E 72 36.68 -26.45 9.53
N PHE E 73 36.87 -25.15 9.29
CA PHE E 73 36.55 -24.43 8.04
C PHE E 73 37.61 -23.34 7.85
N ASN E 74 38.80 -23.75 7.37
CA ASN E 74 39.96 -22.88 7.18
C ASN E 74 39.93 -22.12 5.85
N LEU E 75 40.18 -20.80 5.92
CA LEU E 75 40.22 -19.89 4.77
C LEU E 75 41.62 -19.94 4.14
N ARG E 76 41.69 -20.25 2.84
CA ARG E 76 42.96 -20.37 2.11
C ARG E 76 43.00 -19.49 0.85
N LYS E 77 44.21 -19.03 0.47
CA LYS E 77 44.46 -18.20 -0.70
C LYS E 77 45.85 -18.54 -1.27
N PRO E 78 45.97 -18.83 -2.60
CA PRO E 78 47.29 -19.18 -3.16
C PRO E 78 48.26 -18.00 -3.19
N SER E 79 47.76 -16.79 -3.49
CA SER E 79 48.56 -15.57 -3.54
C SER E 79 47.83 -14.43 -2.82
N VAL E 80 48.43 -13.90 -1.74
CA VAL E 80 47.84 -12.82 -0.95
C VAL E 80 48.26 -11.44 -1.53
N HIS E 81 47.32 -10.48 -1.54
CA HIS E 81 47.51 -9.11 -2.04
C HIS E 81 47.59 -8.15 -0.85
N TRP E 82 48.13 -6.92 -1.06
CA TRP E 82 48.26 -5.92 0.01
C TRP E 82 46.89 -5.41 0.49
N SER E 83 45.85 -5.47 -0.37
CA SER E 83 44.49 -5.06 -0.05
C SER E 83 43.80 -6.01 0.95
N ASP E 84 44.32 -7.26 1.08
CA ASP E 84 43.79 -8.28 1.99
C ASP E 84 44.17 -8.02 3.45
N ALA E 85 45.01 -7.01 3.73
CA ALA E 85 45.44 -6.63 5.07
C ALA E 85 44.25 -6.05 5.86
N ALA E 86 43.52 -6.93 6.55
CA ALA E 86 42.31 -6.63 7.34
C ALA E 86 42.04 -7.70 8.41
N GLU E 87 41.04 -7.47 9.28
CA GLU E 87 40.66 -8.42 10.33
C GLU E 87 39.67 -9.44 9.75
N TYR E 88 39.91 -10.74 10.03
CA TYR E 88 39.08 -11.84 9.52
C TYR E 88 38.31 -12.53 10.65
N PHE E 89 36.99 -12.65 10.48
CA PHE E 89 36.06 -13.27 11.42
C PHE E 89 35.32 -14.44 10.80
N CYS E 90 35.18 -15.56 11.53
CA CYS E 90 34.40 -16.70 11.04
C CYS E 90 33.21 -16.94 11.97
N ALA E 91 31.99 -16.95 11.38
CA ALA E 91 30.74 -17.12 12.11
C ALA E 91 30.17 -18.54 11.97
N VAL E 92 29.34 -18.95 12.94
CA VAL E 92 28.70 -20.28 12.96
C VAL E 92 27.19 -20.17 13.19
N GLY E 93 26.45 -21.05 12.52
CA GLY E 93 25.00 -21.11 12.60
C GLY E 93 24.46 -22.53 12.46
N GLU E 94 23.18 -22.70 12.79
CA GLU E 94 22.46 -23.97 12.71
C GLU E 94 21.17 -23.74 11.93
N THR E 95 20.73 -24.75 11.16
CA THR E 95 19.52 -24.67 10.33
C THR E 95 18.23 -24.50 11.17
N GLY E 96 18.22 -25.05 12.38
CA GLY E 96 17.07 -24.97 13.28
C GLY E 96 17.18 -23.95 14.38
N ALA E 97 18.12 -23.00 14.26
CA ALA E 97 18.31 -21.94 15.26
C ALA E 97 18.62 -20.60 14.59
N ASN E 98 17.79 -19.59 14.88
CA ASN E 98 17.99 -18.25 14.34
C ASN E 98 18.97 -17.49 15.26
N ASN E 99 20.26 -17.83 15.11
CA ASN E 99 21.37 -17.27 15.88
C ASN E 99 22.67 -17.38 15.09
N LEU E 100 23.60 -16.46 15.35
CA LEU E 100 24.91 -16.43 14.71
C LEU E 100 25.98 -16.04 15.74
N PHE E 101 26.99 -16.91 15.91
CA PHE E 101 28.08 -16.70 16.84
C PHE E 101 29.37 -16.34 16.10
N PHE E 102 29.83 -15.09 16.26
CA PHE E 102 31.05 -14.58 15.63
C PHE E 102 32.29 -14.87 16.46
N GLY E 103 33.41 -15.06 15.79
CA GLY E 103 34.71 -15.33 16.42
C GLY E 103 35.35 -14.08 16.99
N THR E 104 36.48 -14.27 17.70
CA THR E 104 37.25 -13.18 18.31
C THR E 104 37.90 -12.29 17.24
N GLY E 105 38.26 -12.90 16.11
CA GLY E 105 38.85 -12.21 14.97
C GLY E 105 40.36 -12.31 14.91
N THR E 106 40.88 -12.57 13.69
CA THR E 106 42.32 -12.69 13.44
C THR E 106 42.77 -11.50 12.60
N ARG E 107 43.75 -10.73 13.10
CA ARG E 107 44.31 -9.57 12.42
C ARG E 107 45.33 -10.03 11.37
N LEU E 108 45.28 -9.43 10.17
CA LEU E 108 46.21 -9.79 9.10
C LEU E 108 46.91 -8.55 8.55
N THR E 109 48.24 -8.64 8.43
CA THR E 109 49.09 -7.57 7.90
C THR E 109 49.90 -8.13 6.72
N VAL E 110 49.75 -7.50 5.55
CA VAL E 110 50.44 -7.91 4.32
C VAL E 110 51.46 -6.82 3.96
N ILE E 111 52.75 -7.19 4.00
CA ILE E 111 53.86 -6.29 3.68
C ILE E 111 54.03 -6.23 2.15
N PRO E 112 53.95 -5.04 1.52
CA PRO E 112 54.08 -4.95 0.06
C PRO E 112 55.49 -5.30 -0.45
N TYR E 113 55.55 -6.03 -1.57
CA TYR E 113 56.81 -6.46 -2.19
C TYR E 113 57.45 -5.31 -2.97
N ILE E 114 58.78 -5.15 -2.80
CA ILE E 114 59.57 -4.12 -3.50
C ILE E 114 60.59 -4.86 -4.39
N GLN E 115 60.48 -4.68 -5.72
CA GLN E 115 61.35 -5.31 -6.71
C GLN E 115 62.77 -4.73 -6.65
N ASN E 116 62.88 -3.39 -6.52
CA ASN E 116 64.15 -2.68 -6.43
C ASN E 116 64.26 -1.97 -5.06
N PRO E 117 64.67 -2.69 -3.99
CA PRO E 117 64.74 -2.04 -2.67
C PRO E 117 66.03 -1.25 -2.46
N ASP E 118 65.89 0.03 -2.09
CA ASP E 118 66.98 0.95 -1.80
C ASP E 118 66.76 1.55 -0.40
N PRO E 119 67.14 0.82 0.68
CA PRO E 119 66.91 1.36 2.04
C PRO E 119 67.87 2.49 2.38
N ALA E 120 67.29 3.63 2.81
CA ALA E 120 68.01 4.85 3.17
C ALA E 120 67.19 5.71 4.12
N VAL E 121 67.87 6.43 5.02
CA VAL E 121 67.22 7.33 5.98
C VAL E 121 67.46 8.77 5.49
N TYR E 122 66.41 9.41 4.96
CA TYR E 122 66.46 10.76 4.39
C TYR E 122 65.99 11.82 5.39
N GLN E 123 66.69 12.98 5.42
CA GLN E 123 66.39 14.11 6.29
C GLN E 123 65.47 15.10 5.55
N LEU E 124 64.16 15.08 5.89
CA LEU E 124 63.15 15.95 5.29
C LEU E 124 63.27 17.37 5.85
N ARG E 125 63.04 18.37 4.97
CA ARG E 125 63.09 19.81 5.29
C ARG E 125 62.10 20.19 6.40
N ASP E 126 62.58 20.95 7.40
CA ASP E 126 61.82 21.41 8.57
C ASP E 126 60.95 22.64 8.24
N SER E 127 59.74 22.69 8.83
CA SER E 127 58.75 23.77 8.67
C SER E 127 58.97 24.89 9.70
N LYS E 128 58.42 26.08 9.44
CA LYS E 128 58.53 27.26 10.32
C LYS E 128 57.66 27.11 11.58
N SER E 129 56.44 26.55 11.43
CA SER E 129 55.48 26.36 12.53
C SER E 129 55.88 25.20 13.46
N SER E 130 56.37 24.08 12.89
CA SER E 130 56.78 22.88 13.64
C SER E 130 58.24 22.98 14.10
N ASP E 131 58.58 22.27 15.19
CA ASP E 131 59.92 22.23 15.78
C ASP E 131 60.47 20.79 15.85
N LYS E 132 59.95 19.89 14.98
CA LYS E 132 60.33 18.49 14.93
C LYS E 132 61.18 18.16 13.68
N SER E 133 62.26 17.38 13.87
CA SER E 133 63.16 16.94 12.80
C SER E 133 62.72 15.55 12.34
N VAL E 134 62.29 15.42 11.07
CA VAL E 134 61.77 14.16 10.53
C VAL E 134 62.80 13.43 9.65
N CYS E 135 63.06 12.14 9.97
CA CYS E 135 63.93 11.24 9.23
C CYS E 135 63.07 10.07 8.72
N LEU E 136 63.03 9.87 7.39
CA LEU E 136 62.21 8.83 6.74
C LEU E 136 63.05 7.66 6.25
N PHE E 137 62.67 6.44 6.65
CA PHE E 137 63.29 5.18 6.26
C PHE E 137 62.35 4.49 5.27
N THR E 138 62.64 4.61 3.96
CA THR E 138 61.80 4.07 2.89
C THR E 138 62.56 3.04 2.00
N ASP E 139 61.79 2.39 1.09
CA ASP E 139 62.22 1.38 0.10
C ASP E 139 62.96 0.19 0.75
N PHE E 140 62.47 -0.29 1.89
CA PHE E 140 63.02 -1.43 2.60
C PHE E 140 62.12 -2.66 2.39
N ASP E 141 62.73 -3.80 2.07
CA ASP E 141 62.07 -5.08 1.81
C ASP E 141 61.36 -5.65 3.05
N SER E 142 60.52 -6.69 2.83
CA SER E 142 59.73 -7.38 3.86
C SER E 142 60.58 -8.08 4.94
N GLN E 143 61.87 -8.37 4.65
CA GLN E 143 62.80 -9.02 5.59
C GLN E 143 63.17 -8.09 6.75
N THR E 144 63.24 -6.78 6.49
CA THR E 144 63.60 -5.76 7.49
C THR E 144 62.34 -5.30 8.24
N ASN E 145 62.38 -5.40 9.58
CA ASN E 145 61.29 -5.01 10.48
C ASN E 145 61.77 -3.93 11.46
N VAL E 146 61.05 -2.80 11.54
CA VAL E 146 61.36 -1.65 12.39
C VAL E 146 60.73 -1.86 13.77
N SER E 147 61.58 -1.89 14.80
CA SER E 147 61.15 -2.04 16.20
C SER E 147 60.76 -0.68 16.78
N GLN E 148 59.95 -0.69 17.87
CA GLN E 148 59.47 0.48 18.61
C GLN E 148 60.62 1.37 19.11
N SER E 149 60.34 2.68 19.25
CA SER E 149 61.27 3.72 19.68
C SER E 149 61.85 3.45 21.08
N LYS E 150 63.18 3.56 21.23
CA LYS E 150 63.88 3.36 22.50
C LYS E 150 63.69 4.58 23.41
N ASP E 151 63.92 5.80 22.87
CA ASP E 151 63.76 7.05 23.61
C ASP E 151 62.27 7.42 23.77
N SER E 152 61.94 8.07 24.89
CA SER E 152 60.58 8.50 25.22
C SER E 152 60.13 9.70 24.36
N ASP E 153 61.01 10.71 24.18
CA ASP E 153 60.74 11.92 23.40
C ASP E 153 60.74 11.64 21.88
N VAL E 154 61.42 10.57 21.44
CA VAL E 154 61.50 10.16 20.04
C VAL E 154 60.30 9.25 19.73
N TYR E 155 59.59 9.49 18.61
CA TYR E 155 58.44 8.69 18.20
C TYR E 155 58.62 8.13 16.78
N ILE E 156 58.38 6.82 16.62
CA ILE E 156 58.47 6.13 15.32
C ILE E 156 57.08 5.62 14.93
N THR E 157 56.77 5.57 13.62
CA THR E 157 55.47 5.11 13.12
C THR E 157 55.68 4.03 12.07
N ASP E 158 55.33 2.79 12.44
CA ASP E 158 55.45 1.54 11.67
C ASP E 158 54.66 0.43 12.38
N LYS E 159 53.94 -0.48 11.66
CA LYS E 159 53.83 -0.62 10.20
C LYS E 159 52.94 0.47 9.56
N CYS E 160 53.11 0.69 8.25
CA CYS E 160 52.37 1.67 7.47
C CYS E 160 51.43 0.94 6.50
N VAL E 161 50.12 1.27 6.55
CA VAL E 161 49.12 0.65 5.66
C VAL E 161 48.78 1.59 4.51
N LEU E 162 48.80 1.05 3.28
CA LEU E 162 48.49 1.78 2.05
C LEU E 162 46.99 2.03 1.93
N ASP E 163 46.60 3.08 1.17
CA ASP E 163 45.20 3.43 0.92
C ASP E 163 44.56 2.33 0.08
N MET E 164 43.31 1.96 0.42
CA MET E 164 42.56 0.90 -0.29
C MET E 164 42.23 1.27 -1.74
N ARG E 165 42.33 2.57 -2.09
CA ARG E 165 42.04 3.09 -3.43
C ARG E 165 43.35 3.52 -4.16
N SER E 166 44.53 3.18 -3.58
CA SER E 166 45.83 3.51 -4.15
C SER E 166 46.16 2.59 -5.33
N MET E 167 46.74 3.15 -6.40
CA MET E 167 47.12 2.42 -7.61
C MET E 167 48.61 2.56 -7.91
N ASP E 168 49.22 3.70 -7.51
CA ASP E 168 50.64 3.99 -7.73
C ASP E 168 51.33 4.33 -6.40
N PHE E 169 52.66 4.05 -6.32
CA PHE E 169 53.54 4.26 -5.17
C PHE E 169 53.02 3.51 -3.93
N LYS E 170 53.31 2.19 -3.86
CA LYS E 170 52.88 1.32 -2.78
C LYS E 170 54.07 0.90 -1.88
N SER E 171 55.07 1.79 -1.74
CA SER E 171 56.26 1.54 -0.93
C SER E 171 55.98 1.76 0.56
N ASN E 172 56.31 0.75 1.39
CA ASN E 172 56.15 0.79 2.84
C ASN E 172 57.31 1.57 3.47
N SER E 173 57.00 2.55 4.33
CA SER E 173 58.01 3.41 4.97
C SER E 173 57.65 3.80 6.41
N ALA E 174 58.69 4.13 7.21
CA ALA E 174 58.58 4.55 8.61
C ALA E 174 59.21 5.94 8.82
N VAL E 175 58.57 6.79 9.66
CA VAL E 175 59.08 8.13 9.96
C VAL E 175 59.48 8.22 11.45
N ALA E 176 60.38 9.15 11.79
CA ALA E 176 60.87 9.39 13.16
C ALA E 176 61.01 10.89 13.41
N TRP E 177 60.49 11.38 14.57
CA TRP E 177 60.57 12.80 14.92
C TRP E 177 60.73 13.03 16.44
N SER E 178 61.34 14.17 16.81
CA SER E 178 61.57 14.60 18.20
C SER E 178 61.78 16.13 18.29
N ASN E 179 61.42 16.72 19.44
CA ASN E 179 61.54 18.16 19.71
C ASN E 179 62.97 18.58 20.07
N LYS E 180 63.87 17.61 20.31
CA LYS E 180 65.27 17.80 20.70
C LYS E 180 66.08 18.67 19.71
N SER E 181 65.73 18.61 18.40
CA SER E 181 66.34 19.34 17.26
C SER E 181 67.77 18.86 16.93
N ASP E 182 68.46 18.19 17.89
CA ASP E 182 69.80 17.63 17.71
C ASP E 182 69.70 16.18 17.20
N PHE E 183 68.60 15.88 16.50
CA PHE E 183 68.24 14.58 15.92
C PHE E 183 69.14 14.21 14.75
N ALA E 184 69.55 12.94 14.70
CA ALA E 184 70.37 12.37 13.64
C ALA E 184 69.62 11.21 12.99
N CYS E 185 69.62 11.15 11.65
CA CYS E 185 68.94 10.10 10.89
C CYS E 185 69.67 8.75 11.03
N ALA E 186 70.97 8.77 11.40
CA ALA E 186 71.79 7.58 11.61
C ALA E 186 71.44 6.91 12.96
N ASN E 187 71.13 7.74 13.99
CA ASN E 187 70.75 7.30 15.33
C ASN E 187 69.23 7.16 15.48
N ALA E 188 68.47 7.46 14.41
CA ALA E 188 67.00 7.41 14.36
C ALA E 188 66.47 5.98 14.47
N PHE E 189 67.04 5.03 13.71
CA PHE E 189 66.62 3.63 13.69
C PHE E 189 67.79 2.74 14.10
N ASN E 190 67.92 2.49 15.41
CA ASN E 190 69.02 1.72 16.00
C ASN E 190 68.75 0.21 16.11
N ASN E 191 67.54 -0.24 15.73
CA ASN E 191 67.17 -1.66 15.84
C ASN E 191 67.04 -2.33 14.46
N SER E 192 67.95 -3.28 14.19
CA SER E 192 68.07 -4.11 12.98
C SER E 192 67.88 -3.31 11.67
N ILE E 193 68.94 -2.61 11.24
CA ILE E 193 68.95 -1.83 10.00
C ILE E 193 69.87 -2.51 8.98
N ILE E 194 69.58 -2.37 7.68
CA ILE E 194 70.37 -2.94 6.59
C ILE E 194 71.76 -2.24 6.53
N PRO E 195 72.89 -3.00 6.34
CA PRO E 195 74.21 -2.35 6.31
C PRO E 195 74.40 -1.33 5.18
N GLU E 196 73.76 -1.55 4.01
CA GLU E 196 73.82 -0.66 2.86
C GLU E 196 72.72 0.39 2.97
N ASP E 197 73.05 1.57 3.54
CA ASP E 197 72.12 2.68 3.76
C ASP E 197 72.78 4.02 3.46
N THR E 198 72.05 4.90 2.76
CA THR E 198 72.51 6.23 2.37
C THR E 198 72.18 7.23 3.48
N PHE E 199 73.14 8.12 3.82
CA PHE E 199 72.98 9.14 4.87
C PHE E 199 73.45 10.48 4.37
N GLY F 1 22.50 -1.35 0.71
CA GLY F 1 23.48 -0.55 1.42
C GLY F 1 23.00 -0.07 2.77
N VAL F 2 23.77 -0.40 3.83
CA VAL F 2 23.45 -0.01 5.20
C VAL F 2 24.16 1.32 5.51
N THR F 3 23.37 2.35 5.83
CA THR F 3 23.85 3.69 6.17
C THR F 3 23.67 3.92 7.67
N GLN F 4 24.71 4.41 8.38
CA GLN F 4 24.56 4.68 9.80
C GLN F 4 25.16 6.05 10.16
N THR F 5 24.34 6.88 10.81
CA THR F 5 24.66 8.25 11.23
C THR F 5 24.69 8.35 12.76
N PRO F 6 25.71 9.00 13.37
CA PRO F 6 26.88 9.65 12.75
C PRO F 6 28.03 8.67 12.48
N LYS F 7 29.25 9.19 12.26
CA LYS F 7 30.45 8.40 12.01
C LYS F 7 31.31 8.34 13.27
N PHE F 8 31.39 9.47 14.00
CA PHE F 8 32.14 9.64 15.24
C PHE F 8 31.35 10.49 16.23
N GLN F 9 31.40 10.15 17.53
CA GLN F 9 30.68 10.90 18.57
C GLN F 9 31.41 10.85 19.91
N VAL F 10 31.59 12.04 20.53
CA VAL F 10 32.22 12.21 21.83
C VAL F 10 31.13 12.65 22.81
N LEU F 11 30.90 11.86 23.87
CA LEU F 11 29.84 12.13 24.85
C LEU F 11 30.36 12.12 26.29
N LYS F 12 29.67 12.86 27.18
CA LYS F 12 29.96 12.95 28.61
C LYS F 12 29.13 11.91 29.36
N THR F 13 29.60 11.47 30.55
CA THR F 13 28.93 10.47 31.38
C THR F 13 27.57 11.04 31.86
N GLY F 14 26.50 10.59 31.20
CA GLY F 14 25.14 11.01 31.49
C GLY F 14 24.36 11.54 30.29
N GLN F 15 25.08 11.91 29.21
CA GLN F 15 24.51 12.44 27.97
C GLN F 15 23.70 11.39 27.19
N SER F 16 22.78 11.85 26.33
CA SER F 16 21.93 10.99 25.51
C SER F 16 22.24 11.17 24.02
N MET F 17 22.30 10.04 23.28
CA MET F 17 22.59 10.02 21.83
C MET F 17 21.87 8.87 21.14
N THR F 18 21.36 9.12 19.92
CA THR F 18 20.64 8.15 19.11
C THR F 18 21.41 7.85 17.82
N LEU F 19 21.64 6.56 17.56
CA LEU F 19 22.34 6.04 16.38
C LEU F 19 21.32 5.60 15.34
N GLN F 20 21.17 6.37 14.26
CA GLN F 20 20.21 6.08 13.19
C GLN F 20 20.83 5.16 12.13
N CYS F 21 20.11 4.09 11.77
CA CYS F 21 20.54 3.12 10.77
C CYS F 21 19.43 2.86 9.75
N ALA F 22 19.79 2.84 8.45
CA ALA F 22 18.85 2.61 7.36
C ALA F 22 19.44 1.71 6.27
N GLN F 23 18.59 0.81 5.72
CA GLN F 23 18.95 -0.12 4.65
C GLN F 23 17.94 -0.01 3.48
N ASP F 24 18.44 -0.07 2.24
CA ASP F 24 17.63 0.03 1.02
C ASP F 24 17.66 -1.31 0.25
N MET F 25 17.67 -2.44 0.99
CA MET F 25 17.73 -3.78 0.41
C MET F 25 16.45 -4.60 0.61
N ASN F 26 15.37 -3.96 1.10
CA ASN F 26 14.07 -4.60 1.38
C ASN F 26 14.26 -5.84 2.32
N HIS F 27 15.21 -5.73 3.27
CA HIS F 27 15.50 -6.77 4.25
C HIS F 27 14.57 -6.66 5.45
N ASN F 28 14.18 -7.81 6.01
CA ASN F 28 13.28 -7.85 7.18
C ASN F 28 14.08 -7.73 8.47
N SER F 29 15.17 -8.52 8.58
CA SER F 29 16.05 -8.54 9.76
C SER F 29 17.04 -7.38 9.75
N MET F 30 17.20 -6.74 10.91
CA MET F 30 18.12 -5.63 11.17
C MET F 30 18.78 -5.82 12.53
N TYR F 31 20.09 -5.54 12.63
CA TYR F 31 20.88 -5.77 13.85
C TYR F 31 21.69 -4.55 14.31
N TRP F 32 22.13 -4.59 15.59
CA TRP F 32 22.98 -3.58 16.20
C TRP F 32 24.06 -4.26 17.05
N TYR F 33 25.30 -4.23 16.55
CA TYR F 33 26.48 -4.83 17.19
C TYR F 33 27.42 -3.78 17.77
N ARG F 34 28.44 -4.24 18.52
CA ARG F 34 29.52 -3.41 19.07
C ARG F 34 30.83 -4.21 18.99
N GLN F 35 31.85 -3.62 18.34
CA GLN F 35 33.14 -4.29 18.14
C GLN F 35 34.15 -3.82 19.17
N ASP F 36 34.73 -4.77 19.93
CA ASP F 36 35.73 -4.54 20.96
C ASP F 36 36.96 -5.44 20.72
N PRO F 37 38.20 -4.95 20.96
CA PRO F 37 39.39 -5.80 20.71
C PRO F 37 39.47 -6.99 21.68
N GLY F 38 39.62 -8.18 21.09
CA GLY F 38 39.70 -9.44 21.82
C GLY F 38 38.38 -10.16 22.02
N MET F 39 37.27 -9.38 22.05
CA MET F 39 35.91 -9.90 22.25
C MET F 39 35.23 -10.24 20.92
N GLY F 40 35.40 -9.38 19.91
CA GLY F 40 34.81 -9.54 18.59
C GLY F 40 33.49 -8.81 18.47
N LEU F 41 32.46 -9.49 17.93
CA LEU F 41 31.13 -8.91 17.77
C LEU F 41 30.18 -9.40 18.84
N ARG F 42 29.53 -8.45 19.53
CA ARG F 42 28.55 -8.72 20.59
C ARG F 42 27.26 -7.99 20.26
N LEU F 43 26.19 -8.77 19.98
CA LEU F 43 24.88 -8.25 19.61
C LEU F 43 24.20 -7.61 20.82
N ILE F 44 23.70 -6.37 20.63
CA ILE F 44 23.01 -5.58 21.65
C ILE F 44 21.51 -5.84 21.56
N TYR F 45 20.92 -5.54 20.39
CA TYR F 45 19.51 -5.71 20.05
C TYR F 45 19.36 -6.07 18.58
N TYR F 46 18.25 -6.72 18.24
CA TYR F 46 17.98 -7.12 16.85
C TYR F 46 16.49 -7.15 16.57
N SER F 47 16.11 -6.70 15.38
CA SER F 47 14.73 -6.68 14.90
C SER F 47 14.59 -7.66 13.75
N ALA F 48 13.97 -8.82 14.00
CA ALA F 48 13.75 -9.90 13.03
C ALA F 48 12.82 -9.47 11.90
N SER F 49 11.79 -8.65 12.22
CA SER F 49 10.79 -8.11 11.29
C SER F 49 10.26 -6.78 11.83
N GLU F 50 9.53 -6.01 10.98
CA GLU F 50 8.95 -4.72 11.38
C GLU F 50 7.90 -4.91 12.48
N GLY F 51 8.02 -4.10 13.53
CA GLY F 51 7.14 -4.16 14.70
C GLY F 51 7.46 -5.31 15.64
N THR F 52 8.75 -5.73 15.65
CA THR F 52 9.27 -6.82 16.50
C THR F 52 10.67 -6.45 16.98
N THR F 53 10.91 -6.54 18.31
CA THR F 53 12.21 -6.25 18.93
C THR F 53 12.58 -7.34 19.93
N ASP F 54 13.86 -7.74 19.94
CA ASP F 54 14.39 -8.78 20.83
C ASP F 54 15.79 -8.43 21.35
N LYS F 55 16.06 -8.77 22.62
CA LYS F 55 17.34 -8.53 23.29
C LYS F 55 18.44 -9.46 22.77
N GLY F 56 19.65 -8.93 22.69
CA GLY F 56 20.83 -9.68 22.25
C GLY F 56 21.54 -10.32 23.42
N GLU F 57 22.86 -10.12 23.53
CA GLU F 57 23.66 -10.67 24.63
C GLU F 57 24.09 -9.54 25.59
N VAL F 58 24.18 -8.29 25.10
CA VAL F 58 24.55 -7.12 25.89
C VAL F 58 23.50 -5.98 25.66
N PRO F 59 22.25 -6.13 26.18
CA PRO F 59 21.24 -5.09 25.94
C PRO F 59 21.12 -4.03 27.05
N ASN F 60 21.92 -4.15 28.13
CA ASN F 60 21.91 -3.25 29.28
C ASN F 60 22.49 -1.88 28.94
N GLY F 61 21.70 -0.83 29.18
CA GLY F 61 22.07 0.55 28.91
C GLY F 61 21.72 1.03 27.52
N TYR F 62 20.92 0.22 26.78
CA TYR F 62 20.48 0.52 25.41
C TYR F 62 18.98 0.23 25.22
N ASN F 63 18.36 0.90 24.24
CA ASN F 63 16.96 0.74 23.87
C ASN F 63 16.79 1.00 22.37
N VAL F 64 15.98 0.17 21.69
CA VAL F 64 15.79 0.30 20.23
C VAL F 64 14.31 0.53 19.85
N SER F 65 14.10 1.03 18.63
CA SER F 65 12.78 1.30 18.06
C SER F 65 12.82 1.11 16.54
N ARG F 66 12.03 0.14 16.03
CA ARG F 66 11.94 -0.14 14.59
C ARG F 66 10.78 0.69 14.03
N LEU F 67 11.13 1.84 13.41
CA LEU F 67 10.18 2.80 12.83
C LEU F 67 9.43 2.18 11.65
N ASN F 68 10.16 1.53 10.73
CA ASN F 68 9.63 0.89 9.53
C ASN F 68 10.58 -0.24 9.06
N LYS F 69 10.33 -0.83 7.87
CA LYS F 69 11.13 -1.92 7.32
C LYS F 69 12.55 -1.49 6.93
N ARG F 70 12.74 -0.20 6.59
CA ARG F 70 14.04 0.31 6.14
C ARG F 70 14.87 0.96 7.28
N GLU F 71 14.22 1.48 8.36
CA GLU F 71 14.95 2.15 9.44
C GLU F 71 14.84 1.43 10.78
N PHE F 72 15.93 1.48 11.58
CA PHE F 72 16.09 0.88 12.91
C PHE F 72 17.13 1.69 13.70
N SER F 73 16.70 2.33 14.80
CA SER F 73 17.58 3.20 15.60
C SER F 73 17.97 2.60 16.96
N LEU F 74 19.18 2.95 17.43
CA LEU F 74 19.75 2.54 18.72
C LEU F 74 19.88 3.78 19.63
N ARG F 75 19.04 3.85 20.67
CA ARG F 75 18.99 4.96 21.62
C ARG F 75 19.74 4.64 22.92
N LEU F 76 20.52 5.63 23.41
CA LEU F 76 21.27 5.58 24.66
C LEU F 76 20.71 6.65 25.60
N GLU F 77 20.10 6.24 26.72
CA GLU F 77 19.50 7.17 27.68
C GLU F 77 20.60 7.86 28.52
N SER F 78 21.52 7.09 29.11
CA SER F 78 22.61 7.63 29.91
C SER F 78 23.93 6.99 29.49
N ALA F 79 24.88 7.82 29.03
CA ALA F 79 26.20 7.39 28.56
C ALA F 79 27.09 6.95 29.72
N ALA F 80 27.81 5.83 29.52
CA ALA F 80 28.73 5.23 30.49
C ALA F 80 30.11 4.96 29.85
N PRO F 81 31.24 5.11 30.59
CA PRO F 81 32.56 4.84 29.98
C PRO F 81 32.76 3.40 29.48
N SER F 82 31.90 2.46 29.93
CA SER F 82 31.92 1.06 29.52
C SER F 82 31.30 0.86 28.13
N GLN F 83 30.58 1.89 27.63
CA GLN F 83 29.92 1.90 26.32
C GLN F 83 30.85 2.47 25.22
N THR F 84 32.14 2.73 25.56
CA THR F 84 33.15 3.24 24.63
C THR F 84 33.55 2.08 23.69
N SER F 85 32.93 2.04 22.50
CA SER F 85 33.13 1.02 21.47
C SER F 85 32.62 1.49 20.11
N VAL F 86 33.09 0.84 19.02
CA VAL F 86 32.64 1.14 17.67
C VAL F 86 31.41 0.27 17.39
N TYR F 87 30.28 0.93 17.05
CA TYR F 87 29.00 0.26 16.82
C TYR F 87 28.76 0.02 15.32
N PHE F 88 28.37 -1.21 14.97
CA PHE F 88 28.08 -1.61 13.60
C PHE F 88 26.63 -2.06 13.45
N CYS F 89 25.97 -1.60 12.38
CA CYS F 89 24.59 -1.95 12.05
C CYS F 89 24.60 -2.93 10.89
N ALA F 90 23.86 -4.05 11.02
CA ALA F 90 23.78 -5.08 10.00
C ALA F 90 22.34 -5.37 9.58
N SER F 91 22.16 -6.08 8.45
CA SER F 91 20.84 -6.47 7.94
C SER F 91 20.93 -7.68 7.00
N SER F 92 20.02 -8.64 7.20
CA SER F 92 19.90 -9.85 6.38
C SER F 92 18.44 -10.00 5.93
N GLU F 93 18.23 -10.71 4.80
CA GLU F 93 16.92 -10.93 4.15
C GLU F 93 15.81 -11.31 5.14
N ALA F 94 16.03 -12.33 6.00
CA ALA F 94 15.02 -12.77 6.98
C ALA F 94 15.63 -13.48 8.18
N ARG F 95 16.67 -14.30 7.97
CA ARG F 95 17.28 -15.08 9.04
C ARG F 95 18.70 -14.63 9.36
N ARG F 96 19.16 -14.90 10.59
CA ARG F 96 20.49 -14.54 11.09
C ARG F 96 21.61 -15.28 10.36
N TYR F 97 21.32 -16.46 9.77
CA TYR F 97 22.31 -17.22 9.02
C TYR F 97 22.26 -16.90 7.49
N ASN F 98 21.76 -15.70 7.15
CA ASN F 98 21.76 -15.20 5.77
C ASN F 98 22.94 -14.23 5.64
N GLU F 99 23.27 -13.81 4.40
CA GLU F 99 24.37 -12.87 4.16
C GLU F 99 24.06 -11.55 4.87
N GLN F 100 24.89 -11.20 5.88
CA GLN F 100 24.71 -9.98 6.67
C GLN F 100 25.51 -8.83 6.08
N PHE F 101 24.82 -7.75 5.70
CA PHE F 101 25.39 -6.55 5.12
C PHE F 101 25.56 -5.51 6.21
N PHE F 102 26.80 -5.08 6.45
CA PHE F 102 27.14 -4.12 7.51
C PHE F 102 27.33 -2.70 6.99
N GLY F 103 27.23 -1.74 7.90
CA GLY F 103 27.40 -0.32 7.61
C GLY F 103 28.85 0.13 7.79
N PRO F 104 29.15 1.44 7.65
CA PRO F 104 30.54 1.89 7.80
C PRO F 104 31.06 1.82 9.24
N GLY F 105 30.15 1.95 10.21
CA GLY F 105 30.48 1.90 11.63
C GLY F 105 30.48 3.27 12.28
N THR F 106 30.11 3.32 13.57
CA THR F 106 30.06 4.55 14.37
C THR F 106 30.95 4.40 15.61
N ARG F 107 32.10 5.11 15.60
CA ARG F 107 33.06 5.09 16.71
C ARG F 107 32.51 5.98 17.84
N LEU F 108 32.40 5.42 19.06
CA LEU F 108 31.89 6.13 20.22
C LEU F 108 32.90 6.10 21.37
N THR F 109 33.15 7.28 21.97
CA THR F 109 34.07 7.43 23.09
C THR F 109 33.37 8.24 24.19
N VAL F 110 33.13 7.61 25.34
CA VAL F 110 32.48 8.23 26.49
C VAL F 110 33.54 8.57 27.53
N LEU F 111 33.61 9.85 27.94
CA LEU F 111 34.58 10.34 28.91
C LEU F 111 33.90 10.99 30.12
N GLU F 112 34.52 10.89 31.31
CA GLU F 112 34.03 11.45 32.57
C GLU F 112 33.92 12.98 32.46
N ASP F 113 34.96 13.61 31.86
CA ASP F 113 35.03 15.05 31.62
C ASP F 113 35.63 15.30 30.23
N LEU F 114 35.10 16.32 29.53
CA LEU F 114 35.52 16.69 28.16
C LEU F 114 36.69 17.71 28.19
N LYS F 115 37.46 17.71 29.29
CA LYS F 115 38.61 18.58 29.54
C LYS F 115 39.84 18.14 28.72
N ASN F 116 40.06 16.81 28.59
CA ASN F 116 41.19 16.22 27.89
C ASN F 116 41.02 16.23 26.34
N VAL F 117 39.85 16.67 25.83
CA VAL F 117 39.57 16.76 24.38
C VAL F 117 40.44 17.87 23.77
N PHE F 118 41.24 17.51 22.74
CA PHE F 118 42.16 18.43 22.06
C PHE F 118 42.15 18.28 20.54
N PRO F 119 42.23 19.38 19.76
CA PRO F 119 42.29 19.25 18.29
C PRO F 119 43.73 19.00 17.80
N PRO F 120 43.95 18.34 16.63
CA PRO F 120 45.33 18.09 16.19
C PRO F 120 45.98 19.29 15.51
N GLU F 121 47.33 19.40 15.63
CA GLU F 121 48.11 20.45 14.97
C GLU F 121 48.85 19.81 13.78
N VAL F 122 48.25 19.97 12.58
CA VAL F 122 48.72 19.40 11.31
C VAL F 122 49.96 20.17 10.83
N ALA F 123 51.02 19.41 10.45
CA ALA F 123 52.28 19.93 9.93
C ALA F 123 52.75 19.10 8.74
N VAL F 124 53.01 19.75 7.60
CA VAL F 124 53.46 19.10 6.37
C VAL F 124 54.97 19.35 6.22
N PHE F 125 55.73 18.27 6.02
CA PHE F 125 57.18 18.29 5.86
C PHE F 125 57.53 18.03 4.39
N GLU F 126 58.19 19.02 3.75
CA GLU F 126 58.61 18.98 2.34
C GLU F 126 59.65 17.86 2.11
N PRO F 127 59.59 17.15 0.94
CA PRO F 127 60.54 16.03 0.70
C PRO F 127 62.02 16.42 0.76
N SER F 128 62.85 15.44 1.14
CA SER F 128 64.30 15.54 1.28
C SER F 128 65.00 15.73 -0.07
N GLU F 129 66.04 16.59 -0.10
CA GLU F 129 66.85 16.89 -1.29
C GLU F 129 67.66 15.67 -1.74
N ALA F 130 68.12 14.84 -0.78
CA ALA F 130 68.89 13.62 -1.03
C ALA F 130 68.03 12.53 -1.65
N GLU F 131 66.70 12.55 -1.38
CA GLU F 131 65.72 11.59 -1.89
C GLU F 131 65.48 11.79 -3.40
N ILE F 132 65.38 13.05 -3.85
CA ILE F 132 65.14 13.43 -5.26
C ILE F 132 66.35 13.04 -6.13
N SER F 133 67.57 13.14 -5.57
CA SER F 133 68.82 12.84 -6.27
C SER F 133 69.11 11.33 -6.34
N HIS F 134 68.56 10.53 -5.41
CA HIS F 134 68.82 9.08 -5.37
C HIS F 134 67.67 8.25 -6.00
N THR F 135 66.53 8.07 -5.28
CA THR F 135 65.40 7.25 -5.76
C THR F 135 64.57 7.95 -6.87
N GLN F 136 64.74 9.29 -7.04
CA GLN F 136 64.05 10.13 -8.03
C GLN F 136 62.52 10.13 -7.76
N LYS F 137 62.17 10.20 -6.47
CA LYS F 137 60.80 10.20 -5.93
C LYS F 137 60.70 11.18 -4.76
N ALA F 138 59.55 11.86 -4.64
CA ALA F 138 59.28 12.84 -3.57
C ALA F 138 58.28 12.29 -2.56
N THR F 139 58.66 12.25 -1.27
CA THR F 139 57.79 11.74 -0.20
C THR F 139 57.46 12.89 0.75
N LEU F 140 56.15 13.20 0.87
CA LEU F 140 55.63 14.25 1.73
C LEU F 140 55.10 13.65 3.03
N VAL F 141 55.72 13.98 4.17
CA VAL F 141 55.34 13.45 5.48
C VAL F 141 54.46 14.46 6.20
N CYS F 142 53.27 13.99 6.63
CA CYS F 142 52.27 14.79 7.36
C CYS F 142 52.18 14.28 8.79
N LEU F 143 52.28 15.19 9.77
CA LEU F 143 52.21 14.83 11.17
C LEU F 143 51.08 15.55 11.90
N ALA F 144 50.10 14.78 12.37
CA ALA F 144 48.95 15.25 13.14
C ALA F 144 49.16 14.80 14.59
N THR F 145 49.71 15.70 15.42
CA THR F 145 50.05 15.41 16.82
C THR F 145 49.18 16.20 17.80
N GLY F 146 49.04 15.66 19.01
CA GLY F 146 48.30 16.26 20.11
C GLY F 146 46.79 16.32 19.94
N PHE F 147 46.16 15.16 19.69
CA PHE F 147 44.70 15.07 19.54
C PHE F 147 44.11 13.99 20.43
N TYR F 148 42.93 14.26 21.01
CA TYR F 148 42.21 13.32 21.88
C TYR F 148 40.69 13.54 21.75
N PRO F 149 39.89 12.48 21.50
CA PRO F 149 40.26 11.08 21.30
C PRO F 149 40.67 10.81 19.84
N ASP F 150 40.97 9.54 19.49
CA ASP F 150 41.38 9.17 18.14
C ASP F 150 40.15 9.11 17.20
N HIS F 151 39.56 10.30 16.95
CA HIS F 151 38.38 10.51 16.11
C HIS F 151 38.75 11.40 14.91
N VAL F 152 39.83 11.03 14.20
CA VAL F 152 40.33 11.80 13.05
C VAL F 152 40.22 11.01 11.74
N GLU F 153 40.10 11.75 10.62
CA GLU F 153 40.02 11.22 9.26
C GLU F 153 41.03 11.98 8.40
N LEU F 154 42.15 11.32 8.05
CA LEU F 154 43.20 11.92 7.24
C LEU F 154 42.93 11.71 5.75
N SER F 155 43.10 12.78 4.96
CA SER F 155 42.90 12.79 3.52
C SER F 155 43.88 13.76 2.85
N TRP F 156 44.50 13.31 1.74
CA TRP F 156 45.46 14.11 0.96
C TRP F 156 44.75 14.77 -0.21
N TRP F 157 44.90 16.10 -0.34
CA TRP F 157 44.28 16.88 -1.41
C TRP F 157 45.36 17.53 -2.28
N VAL F 158 45.39 17.17 -3.57
CA VAL F 158 46.35 17.69 -4.54
C VAL F 158 45.58 18.39 -5.67
N ASN F 159 45.84 19.71 -5.84
CA ASN F 159 45.25 20.61 -6.84
C ASN F 159 43.70 20.63 -6.78
N GLY F 160 43.15 20.58 -5.57
CA GLY F 160 41.72 20.60 -5.32
C GLY F 160 41.00 19.27 -5.34
N LYS F 161 41.69 18.20 -5.78
CA LYS F 161 41.13 16.85 -5.85
C LYS F 161 41.76 15.93 -4.80
N GLU F 162 40.94 15.12 -4.11
CA GLU F 162 41.41 14.19 -3.09
C GLU F 162 42.09 12.99 -3.75
N VAL F 163 43.37 12.77 -3.41
CA VAL F 163 44.19 11.68 -3.97
C VAL F 163 44.29 10.51 -2.97
N HIS F 164 44.46 9.29 -3.52
CA HIS F 164 44.60 8.05 -2.74
C HIS F 164 45.89 7.32 -3.13
N SER F 165 46.37 7.52 -4.38
CA SER F 165 47.59 6.90 -4.90
C SER F 165 48.82 7.56 -4.26
N GLY F 166 49.65 6.73 -3.62
CA GLY F 166 50.86 7.15 -2.94
C GLY F 166 50.68 7.45 -1.45
N VAL F 167 49.42 7.38 -0.96
CA VAL F 167 49.06 7.65 0.43
C VAL F 167 49.37 6.41 1.29
N CYS F 168 50.17 6.61 2.35
CA CYS F 168 50.55 5.59 3.33
C CYS F 168 50.26 6.14 4.73
N THR F 169 49.12 5.76 5.32
CA THR F 169 48.71 6.22 6.64
C THR F 169 48.93 5.11 7.69
N ASP F 170 48.84 5.46 8.98
CA ASP F 170 49.00 4.55 10.12
C ASP F 170 47.70 3.79 10.42
N PRO F 171 47.75 2.50 10.84
CA PRO F 171 46.51 1.78 11.16
C PRO F 171 45.89 2.28 12.47
N GLN F 172 46.72 2.49 13.50
CA GLN F 172 46.32 2.99 14.82
C GLN F 172 47.21 4.17 15.24
N PRO F 173 46.64 5.25 15.82
CA PRO F 173 47.47 6.39 16.23
C PRO F 173 48.38 6.08 17.42
N LEU F 174 49.64 6.56 17.35
CA LEU F 174 50.67 6.35 18.36
C LEU F 174 50.50 7.31 19.56
N LYS F 175 50.62 6.76 20.78
CA LYS F 175 50.50 7.51 22.03
C LYS F 175 51.77 8.34 22.29
N GLU F 176 51.60 9.61 22.67
CA GLU F 176 52.71 10.53 22.97
C GLU F 176 53.39 10.13 24.28
N GLN F 177 52.60 9.75 25.31
CA GLN F 177 53.11 9.30 26.60
C GLN F 177 52.48 7.93 26.94
N PRO F 178 53.26 6.82 26.86
CA PRO F 178 52.67 5.50 27.16
C PRO F 178 52.42 5.26 28.65
N ALA F 179 53.07 6.05 29.53
CA ALA F 179 52.95 5.94 30.99
C ALA F 179 51.65 6.56 31.51
N LEU F 180 51.14 7.61 30.84
CA LEU F 180 49.91 8.32 31.24
C LEU F 180 48.73 7.99 30.32
N ASN F 181 47.52 7.95 30.91
CA ASN F 181 46.25 7.72 30.21
C ASN F 181 45.71 9.06 29.69
N ASP F 182 46.16 10.17 30.32
CA ASP F 182 45.80 11.56 30.00
C ASP F 182 46.42 12.03 28.68
N SER F 183 47.45 11.30 28.20
CA SER F 183 48.21 11.58 26.97
C SER F 183 47.34 11.64 25.71
N ARG F 184 47.77 12.46 24.73
CA ARG F 184 47.10 12.65 23.45
C ARG F 184 47.73 11.76 22.37
N TYR F 185 46.93 11.40 21.35
CA TYR F 185 47.36 10.55 20.24
C TYR F 185 48.09 11.36 19.15
N ALA F 186 48.87 10.65 18.33
CA ALA F 186 49.65 11.21 17.21
C ALA F 186 49.55 10.27 16.00
N LEU F 187 49.15 10.82 14.84
CA LEU F 187 48.99 10.04 13.60
C LEU F 187 49.93 10.56 12.51
N SER F 188 50.57 9.62 11.77
CA SER F 188 51.50 9.92 10.68
C SER F 188 50.97 9.42 9.35
N SER F 189 51.34 10.13 8.26
CA SER F 189 50.94 9.81 6.89
C SER F 189 52.02 10.25 5.90
N ARG F 190 52.23 9.44 4.85
CA ARG F 190 53.22 9.72 3.79
C ARG F 190 52.54 9.80 2.42
N LEU F 191 53.00 10.73 1.57
CA LEU F 191 52.51 10.91 0.20
C LEU F 191 53.68 10.82 -0.78
N ARG F 192 53.82 9.68 -1.46
CA ARG F 192 54.90 9.49 -2.42
C ARG F 192 54.41 9.81 -3.84
N VAL F 193 55.11 10.75 -4.49
CA VAL F 193 54.85 11.23 -5.85
C VAL F 193 56.17 11.26 -6.65
N SER F 194 56.08 11.42 -7.98
CA SER F 194 57.26 11.49 -8.87
C SER F 194 58.04 12.80 -8.65
N ALA F 195 59.36 12.77 -8.93
CA ALA F 195 60.27 13.91 -8.78
C ALA F 195 59.89 15.08 -9.69
N THR F 196 59.36 14.78 -10.90
CA THR F 196 58.93 15.76 -11.90
C THR F 196 57.70 16.54 -11.41
N PHE F 197 56.81 15.86 -10.66
CA PHE F 197 55.57 16.43 -10.11
C PHE F 197 55.85 17.45 -8.99
N TRP F 198 56.85 17.15 -8.11
CA TRP F 198 57.21 18.03 -7.00
C TRP F 198 58.01 19.25 -7.51
N GLN F 199 58.89 19.07 -8.51
CA GLN F 199 59.72 20.13 -9.09
C GLN F 199 58.88 21.26 -9.70
N ASN F 200 57.63 20.95 -10.13
CA ASN F 200 56.70 21.93 -10.69
C ASN F 200 56.15 22.82 -9.55
N PRO F 201 56.37 24.15 -9.59
CA PRO F 201 55.91 25.01 -8.48
C PRO F 201 54.40 25.30 -8.49
N ARG F 202 53.72 25.09 -9.63
CA ARG F 202 52.28 25.35 -9.78
C ARG F 202 51.43 24.31 -9.02
N ASN F 203 51.98 23.11 -8.75
CA ASN F 203 51.30 22.03 -8.03
C ASN F 203 51.12 22.37 -6.54
N HIS F 204 49.91 22.11 -6.02
CA HIS F 204 49.54 22.36 -4.62
C HIS F 204 49.36 21.04 -3.85
N PHE F 205 49.88 20.99 -2.62
CA PHE F 205 49.80 19.82 -1.74
C PHE F 205 49.17 20.23 -0.40
N ARG F 206 48.18 19.45 0.06
CA ARG F 206 47.45 19.71 1.31
C ARG F 206 47.14 18.40 2.05
N CYS F 207 47.37 18.41 3.38
CA CYS F 207 47.08 17.29 4.26
C CYS F 207 45.89 17.67 5.15
N GLN F 208 44.69 17.22 4.76
CA GLN F 208 43.44 17.52 5.45
C GLN F 208 43.13 16.48 6.52
N VAL F 209 42.89 16.94 7.77
CA VAL F 209 42.57 16.07 8.91
C VAL F 209 41.22 16.54 9.48
N GLN F 210 40.18 15.70 9.32
CA GLN F 210 38.83 15.99 9.81
C GLN F 210 38.70 15.49 11.25
N PHE F 211 38.64 16.43 12.21
CA PHE F 211 38.52 16.13 13.63
C PHE F 211 37.05 16.24 14.06
N TYR F 212 36.61 15.30 14.91
CA TYR F 212 35.25 15.24 15.44
C TYR F 212 35.28 15.49 16.95
N GLY F 213 34.66 16.59 17.37
CA GLY F 213 34.61 17.00 18.77
C GLY F 213 33.22 17.26 19.30
N LEU F 214 33.11 18.28 20.19
CA LEU F 214 31.85 18.68 20.83
C LEU F 214 30.97 19.48 19.87
N SER F 215 29.64 19.44 20.09
CA SER F 215 28.65 20.17 19.30
C SER F 215 28.49 21.59 19.84
N GLU F 216 27.70 22.44 19.13
CA GLU F 216 27.44 23.84 19.51
C GLU F 216 26.58 23.94 20.77
N ASN F 217 25.72 22.92 21.02
CA ASN F 217 24.82 22.86 22.18
C ASN F 217 25.55 22.48 23.47
N ASP F 218 26.76 21.87 23.36
CA ASP F 218 27.56 21.42 24.50
C ASP F 218 28.17 22.60 25.26
N GLU F 219 28.23 22.48 26.61
CA GLU F 219 28.74 23.49 27.53
C GLU F 219 30.28 23.47 27.59
N TRP F 220 30.89 24.68 27.62
CA TRP F 220 32.34 24.89 27.72
C TRP F 220 32.62 26.05 28.66
N THR F 221 33.42 25.81 29.72
CA THR F 221 33.76 26.81 30.74
C THR F 221 35.29 26.87 30.97
N GLN F 222 36.08 26.58 29.92
CA GLN F 222 37.55 26.62 29.99
C GLN F 222 38.13 27.81 29.22
N ASP F 223 39.31 28.29 29.67
CA ASP F 223 40.03 29.43 29.08
C ASP F 223 40.53 29.13 27.66
N ARG F 224 40.94 27.87 27.40
CA ARG F 224 41.43 27.42 26.09
C ARG F 224 40.29 27.30 25.06
N ALA F 225 40.64 27.25 23.76
CA ALA F 225 39.69 27.14 22.64
C ALA F 225 38.86 25.85 22.70
N LYS F 226 37.57 25.96 22.34
CA LYS F 226 36.62 24.85 22.34
C LYS F 226 36.93 23.86 21.20
N PRO F 227 37.11 22.55 21.51
CA PRO F 227 37.40 21.59 20.43
C PRO F 227 36.11 21.11 19.76
N VAL F 228 35.59 21.94 18.85
CA VAL F 228 34.36 21.66 18.10
C VAL F 228 34.67 20.75 16.88
N THR F 229 33.63 20.34 16.13
CA THR F 229 33.76 19.52 14.94
C THR F 229 34.22 20.46 13.80
N GLN F 230 35.55 20.69 13.75
CA GLN F 230 36.21 21.56 12.78
C GLN F 230 37.39 20.88 12.09
N ILE F 231 37.68 21.30 10.85
CA ILE F 231 38.77 20.76 10.01
C ILE F 231 40.07 21.56 10.22
N VAL F 232 41.20 20.84 10.35
CA VAL F 232 42.55 21.40 10.51
C VAL F 232 43.41 20.86 9.35
N SER F 233 44.06 21.77 8.58
CA SER F 233 44.90 21.39 7.44
C SER F 233 46.04 22.38 7.20
N ALA F 234 47.18 21.86 6.70
CA ALA F 234 48.38 22.63 6.37
C ALA F 234 48.74 22.44 4.89
N GLU F 235 49.16 23.52 4.21
CA GLU F 235 49.50 23.50 2.79
C GLU F 235 51.00 23.59 2.53
N ALA F 236 51.44 23.03 1.38
CA ALA F 236 52.83 23.03 0.92
C ALA F 236 52.88 23.15 -0.61
N TRP F 237 53.75 24.03 -1.13
CA TRP F 237 53.90 24.28 -2.57
C TRP F 237 55.18 23.64 -3.10
N GLY F 238 55.17 23.28 -4.39
CA GLY F 238 56.28 22.65 -5.08
C GLY F 238 57.51 23.53 -5.23
N ARG F 239 58.70 22.91 -5.14
CA ARG F 239 60.00 23.57 -5.25
C ARG F 239 60.87 22.90 -6.32
N ALA F 240 61.48 23.72 -7.20
CA ALA F 240 62.36 23.25 -8.28
C ALA F 240 63.75 22.88 -7.76
N ASP F 241 64.28 23.65 -6.78
CA ASP F 241 65.60 23.43 -6.18
C ASP F 241 65.61 22.20 -5.26
N GLN G 1 -32.68 25.13 -6.73
CA GLN G 1 -32.56 24.84 -8.16
C GLN G 1 -33.47 23.66 -8.54
N SER G 2 -34.19 23.81 -9.67
CA SER G 2 -35.12 22.80 -10.17
C SER G 2 -35.14 22.75 -11.71
N VAL G 3 -35.77 21.70 -12.29
CA VAL G 3 -35.88 21.49 -13.72
C VAL G 3 -37.32 21.05 -14.06
N THR G 4 -37.86 21.54 -15.20
CA THR G 4 -39.24 21.25 -15.63
C THR G 4 -39.28 20.66 -17.05
N GLN G 5 -40.14 19.65 -17.24
CA GLN G 5 -40.40 18.98 -18.52
C GLN G 5 -41.90 19.08 -18.84
N PRO G 6 -42.30 19.89 -19.85
CA PRO G 6 -43.74 20.04 -20.13
C PRO G 6 -44.39 18.82 -20.78
N ASP G 7 -43.60 18.01 -21.49
CA ASP G 7 -44.08 16.80 -22.17
C ASP G 7 -43.88 15.57 -21.29
N ILE G 8 -44.87 14.67 -21.27
CA ILE G 8 -44.85 13.44 -20.48
C ILE G 8 -44.76 12.20 -21.40
N HIS G 9 -45.37 12.27 -22.61
CA HIS G 9 -45.38 11.20 -23.59
C HIS G 9 -45.48 11.77 -25.01
N ILE G 10 -44.50 11.43 -25.88
CA ILE G 10 -44.44 11.87 -27.27
C ILE G 10 -44.43 10.64 -28.19
N THR G 11 -45.36 10.62 -29.17
CA THR G 11 -45.49 9.54 -30.16
C THR G 11 -45.07 10.10 -31.53
N VAL G 12 -44.04 9.52 -32.14
CA VAL G 12 -43.51 9.95 -33.44
C VAL G 12 -43.10 8.74 -34.31
N SER G 13 -43.12 8.92 -35.64
CA SER G 13 -42.74 7.90 -36.62
C SER G 13 -41.23 7.94 -36.88
N GLU G 14 -40.63 6.80 -37.28
CA GLU G 14 -39.21 6.67 -37.56
C GLU G 14 -38.78 7.53 -38.76
N GLY G 15 -37.68 8.25 -38.59
CA GLY G 15 -37.12 9.13 -39.62
C GLY G 15 -37.47 10.59 -39.44
N ALA G 16 -38.59 10.87 -38.75
CA ALA G 16 -39.08 12.22 -38.49
C ALA G 16 -38.21 12.97 -37.46
N SER G 17 -38.22 14.32 -37.53
CA SER G 17 -37.47 15.21 -36.63
C SER G 17 -38.01 15.15 -35.20
N LEU G 18 -37.12 15.30 -34.22
CA LEU G 18 -37.46 15.23 -32.80
C LEU G 18 -37.04 16.51 -32.06
N GLU G 19 -37.82 16.88 -31.02
CA GLU G 19 -37.56 18.04 -30.16
C GLU G 19 -38.17 17.79 -28.77
N LEU G 20 -37.30 17.50 -27.78
CA LEU G 20 -37.69 17.26 -26.39
C LEU G 20 -37.46 18.52 -25.56
N ARG G 21 -38.54 19.17 -25.12
CA ARG G 21 -38.50 20.41 -24.35
C ARG G 21 -38.07 20.16 -22.91
N CYS G 22 -37.15 21.03 -22.42
CA CYS G 22 -36.59 21.01 -21.06
C CYS G 22 -36.09 22.41 -20.72
N ASN G 23 -36.58 22.97 -19.60
CA ASN G 23 -36.20 24.31 -19.12
C ASN G 23 -35.80 24.26 -17.63
N TYR G 24 -34.76 25.03 -17.25
CA TYR G 24 -34.25 25.06 -15.88
C TYR G 24 -34.67 26.35 -15.14
N SER G 25 -34.66 26.29 -13.78
CA SER G 25 -35.05 27.37 -12.88
C SER G 25 -34.05 28.55 -12.91
N TYR G 26 -32.83 28.36 -12.36
CA TYR G 26 -31.79 29.41 -12.29
C TYR G 26 -30.38 28.81 -12.21
N GLY G 27 -29.37 29.66 -12.39
CA GLY G 27 -27.97 29.27 -12.34
C GLY G 27 -27.01 30.32 -12.86
N ALA G 28 -25.98 30.66 -12.07
CA ALA G 28 -24.93 31.61 -12.42
C ALA G 28 -24.01 31.02 -13.49
N THR G 29 -23.70 29.72 -13.35
CA THR G 29 -22.91 28.89 -14.27
C THR G 29 -23.58 27.49 -14.21
N PRO G 30 -24.66 27.26 -15.00
CA PRO G 30 -25.38 25.98 -14.89
C PRO G 30 -24.72 24.79 -15.57
N TYR G 31 -25.03 23.60 -15.04
CA TYR G 31 -24.59 22.29 -15.52
C TYR G 31 -25.82 21.54 -16.01
N LEU G 32 -26.06 21.54 -17.33
CA LEU G 32 -27.24 20.90 -17.91
C LEU G 32 -26.87 19.60 -18.61
N PHE G 33 -27.63 18.54 -18.29
CA PHE G 33 -27.40 17.19 -18.79
C PHE G 33 -28.65 16.58 -19.43
N TRP G 34 -28.45 15.50 -20.20
CA TRP G 34 -29.50 14.73 -20.87
C TRP G 34 -29.16 13.26 -20.76
N TYR G 35 -30.07 12.49 -20.14
CA TYR G 35 -29.92 11.06 -19.92
C TYR G 35 -31.02 10.26 -20.62
N VAL G 36 -30.66 9.10 -21.16
CA VAL G 36 -31.58 8.19 -21.84
C VAL G 36 -31.71 6.91 -20.98
N GLN G 37 -32.95 6.44 -20.75
CA GLN G 37 -33.20 5.24 -19.96
C GLN G 37 -34.07 4.25 -20.74
N SER G 38 -33.43 3.21 -21.27
CA SER G 38 -34.09 2.13 -22.02
C SER G 38 -34.84 1.19 -21.06
N PRO G 39 -35.98 0.57 -21.46
CA PRO G 39 -36.69 -0.33 -20.54
C PRO G 39 -35.85 -1.54 -20.14
N GLY G 40 -35.74 -1.75 -18.83
CA GLY G 40 -34.94 -2.82 -18.24
C GLY G 40 -33.47 -2.47 -18.11
N GLN G 41 -33.14 -1.19 -18.36
CA GLN G 41 -31.78 -0.66 -18.30
C GLN G 41 -31.71 0.62 -17.45
N GLY G 42 -30.50 1.04 -17.10
CA GLY G 42 -30.25 2.24 -16.32
C GLY G 42 -30.18 3.49 -17.18
N LEU G 43 -29.74 4.60 -16.58
CA LEU G 43 -29.62 5.88 -17.27
C LEU G 43 -28.24 6.04 -17.88
N GLN G 44 -28.18 6.55 -19.12
CA GLN G 44 -26.95 6.77 -19.89
C GLN G 44 -26.93 8.21 -20.40
N LEU G 45 -25.85 8.95 -20.09
CA LEU G 45 -25.66 10.34 -20.50
C LEU G 45 -25.48 10.45 -22.02
N LEU G 46 -26.30 11.30 -22.67
CA LEU G 46 -26.25 11.55 -24.11
C LEU G 46 -25.29 12.69 -24.41
N LEU G 47 -25.58 13.87 -23.83
CA LEU G 47 -24.79 15.08 -23.97
C LEU G 47 -24.83 15.92 -22.68
N LYS G 48 -23.91 16.89 -22.59
CA LYS G 48 -23.74 17.76 -21.43
C LYS G 48 -23.27 19.17 -21.83
N TYR G 49 -23.48 20.14 -20.93
CA TYR G 49 -23.04 21.53 -21.11
C TYR G 49 -22.72 22.16 -19.76
N PHE G 50 -21.62 22.94 -19.72
CA PHE G 50 -21.18 23.72 -18.57
C PHE G 50 -20.41 24.97 -19.02
N SER G 51 -19.70 24.88 -20.17
CA SER G 51 -18.92 25.97 -20.77
C SER G 51 -18.66 25.72 -22.27
N GLY G 52 -18.29 26.80 -22.97
CA GLY G 52 -17.97 26.76 -24.39
C GLY G 52 -19.11 27.10 -25.32
N ASP G 53 -19.16 26.42 -26.49
CA ASP G 53 -20.19 26.61 -27.52
C ASP G 53 -21.57 26.15 -27.03
N THR G 54 -22.59 26.96 -27.32
CA THR G 54 -24.00 26.74 -26.95
C THR G 54 -24.55 25.43 -27.55
N LEU G 55 -24.19 25.11 -28.81
CA LEU G 55 -24.64 23.89 -29.49
C LEU G 55 -23.65 22.76 -29.18
N VAL G 56 -24.11 21.76 -28.41
CA VAL G 56 -23.30 20.60 -28.01
C VAL G 56 -23.77 19.34 -28.72
N GLN G 57 -22.81 18.57 -29.28
CA GLN G 57 -23.07 17.31 -29.97
C GLN G 57 -22.75 16.15 -29.04
N GLY G 58 -23.70 15.22 -28.92
CA GLY G 58 -23.58 14.06 -28.06
C GLY G 58 -23.60 12.73 -28.79
N ILE G 59 -23.62 11.63 -28.01
CA ILE G 59 -23.64 10.26 -28.53
C ILE G 59 -25.03 9.92 -29.08
N LYS G 60 -25.11 8.85 -29.92
CA LYS G 60 -26.31 8.33 -30.58
C LYS G 60 -26.93 9.35 -31.57
N GLY G 61 -26.10 10.26 -32.09
CA GLY G 61 -26.50 11.28 -33.06
C GLY G 61 -27.46 12.33 -32.55
N PHE G 62 -27.28 12.75 -31.28
CA PHE G 62 -28.11 13.77 -30.64
C PHE G 62 -27.37 15.10 -30.51
N GLU G 63 -28.13 16.21 -30.55
CA GLU G 63 -27.61 17.58 -30.40
C GLU G 63 -28.58 18.44 -29.58
N ALA G 64 -28.04 19.44 -28.87
CA ALA G 64 -28.83 20.36 -28.05
C ALA G 64 -28.19 21.75 -27.98
N GLU G 65 -29.03 22.79 -27.96
CA GLU G 65 -28.60 24.18 -27.88
C GLU G 65 -29.02 24.79 -26.55
N PHE G 66 -28.08 25.48 -25.89
CA PHE G 66 -28.31 26.13 -24.59
C PHE G 66 -28.80 27.56 -24.77
N LYS G 67 -30.06 27.82 -24.40
CA LYS G 67 -30.66 29.14 -24.46
C LYS G 67 -30.68 29.71 -23.05
N ARG G 68 -29.84 30.71 -22.78
CA ARG G 68 -29.72 31.34 -21.45
C ARG G 68 -30.87 32.32 -21.20
N SER G 69 -31.26 33.10 -22.23
CA SER G 69 -32.34 34.09 -22.16
C SER G 69 -33.70 33.40 -21.96
N GLN G 70 -33.90 32.24 -22.61
CA GLN G 70 -35.13 31.45 -22.52
C GLN G 70 -35.05 30.42 -21.38
N SER G 71 -33.84 30.25 -20.78
CA SER G 71 -33.50 29.33 -19.68
C SER G 71 -33.90 27.88 -20.01
N SER G 72 -33.62 27.44 -21.26
CA SER G 72 -33.95 26.10 -21.74
C SER G 72 -32.75 25.39 -22.39
N PHE G 73 -32.82 24.05 -22.46
CA PHE G 73 -31.80 23.17 -23.05
C PHE G 73 -32.53 22.02 -23.75
N ASN G 74 -33.21 22.34 -24.86
CA ASN G 74 -34.00 21.41 -25.66
C ASN G 74 -33.11 20.47 -26.48
N LEU G 75 -33.43 19.16 -26.43
CA LEU G 75 -32.73 18.10 -27.15
C LEU G 75 -33.40 17.89 -28.52
N ARG G 76 -32.60 17.86 -29.60
CA ARG G 76 -33.12 17.69 -30.95
C ARG G 76 -32.34 16.66 -31.78
N LYS G 77 -33.04 15.98 -32.70
CA LYS G 77 -32.47 14.98 -33.60
C LYS G 77 -33.12 15.12 -35.00
N PRO G 78 -32.32 15.18 -36.09
CA PRO G 78 -32.92 15.35 -37.43
C PRO G 78 -33.71 14.12 -37.91
N SER G 79 -33.22 12.91 -37.59
CA SER G 79 -33.86 11.64 -37.95
C SER G 79 -33.84 10.69 -36.76
N VAL G 80 -35.03 10.32 -36.27
CA VAL G 80 -35.19 9.43 -35.13
C VAL G 80 -35.14 7.95 -35.61
N HIS G 81 -34.63 7.06 -34.74
CA HIS G 81 -34.48 5.61 -34.96
C HIS G 81 -35.39 4.85 -34.00
N TRP G 82 -35.69 3.56 -34.31
CA TRP G 82 -36.54 2.70 -33.47
C TRP G 82 -35.90 2.44 -32.10
N SER G 83 -34.55 2.44 -32.03
CA SER G 83 -33.76 2.21 -30.82
C SER G 83 -33.86 3.37 -29.82
N ASP G 84 -34.25 4.56 -30.29
CA ASP G 84 -34.38 5.77 -29.47
C ASP G 84 -35.65 5.74 -28.59
N ALA G 85 -36.54 4.74 -28.78
CA ALA G 85 -37.77 4.57 -28.00
C ALA G 85 -37.44 4.21 -26.55
N ALA G 86 -37.28 5.26 -25.71
CA ALA G 86 -36.93 5.16 -24.28
C ALA G 86 -37.36 6.42 -23.51
N GLU G 87 -37.20 6.41 -22.17
CA GLU G 87 -37.54 7.55 -21.32
C GLU G 87 -36.34 8.52 -21.27
N TYR G 88 -36.61 9.83 -21.45
CA TYR G 88 -35.59 10.87 -21.45
C TYR G 88 -35.70 11.79 -20.24
N PHE G 89 -34.59 11.96 -19.52
CA PHE G 89 -34.48 12.79 -18.32
C PHE G 89 -33.43 13.88 -18.49
N CYS G 90 -33.72 15.12 -18.06
CA CYS G 90 -32.74 16.20 -18.09
C CYS G 90 -32.44 16.67 -16.67
N ALA G 91 -31.15 16.67 -16.30
CA ALA G 91 -30.66 17.04 -14.98
C ALA G 91 -30.05 18.44 -14.94
N VAL G 92 -30.03 19.07 -13.75
CA VAL G 92 -29.48 20.42 -13.55
C VAL G 92 -28.50 20.44 -12.37
N GLY G 93 -27.43 21.23 -12.53
CA GLY G 93 -26.39 21.40 -11.52
C GLY G 93 -25.80 22.79 -11.51
N GLU G 94 -25.02 23.10 -10.46
CA GLU G 94 -24.34 24.39 -10.27
C GLU G 94 -22.88 24.15 -9.89
N THR G 95 -21.98 25.08 -10.26
CA THR G 95 -20.53 24.99 -10.00
C THR G 95 -20.19 24.92 -8.51
N GLY G 96 -20.83 25.77 -7.71
CA GLY G 96 -20.60 25.84 -6.27
C GLY G 96 -21.57 25.07 -5.41
N ALA G 97 -22.18 24.01 -5.99
CA ALA G 97 -23.12 23.15 -5.28
C ALA G 97 -22.98 21.71 -5.75
N ASN G 98 -22.66 20.81 -4.81
CA ASN G 98 -22.52 19.38 -5.10
C ASN G 98 -23.90 18.72 -4.96
N ASN G 99 -24.75 18.94 -5.98
CA ASN G 99 -26.12 18.44 -6.05
C ASN G 99 -26.57 18.33 -7.51
N LEU G 100 -27.52 17.40 -7.78
CA LEU G 100 -28.06 17.18 -9.10
C LEU G 100 -29.56 16.91 -9.00
N PHE G 101 -30.37 17.73 -9.69
CA PHE G 101 -31.83 17.62 -9.68
C PHE G 101 -32.32 17.06 -11.01
N PHE G 102 -32.86 15.83 -10.99
CA PHE G 102 -33.39 15.15 -12.16
C PHE G 102 -34.86 15.50 -12.42
N GLY G 103 -35.24 15.49 -13.70
CA GLY G 103 -36.60 15.79 -14.12
C GLY G 103 -37.55 14.62 -13.93
N THR G 104 -38.85 14.85 -14.18
CA THR G 104 -39.91 13.85 -14.06
C THR G 104 -39.75 12.74 -15.11
N GLY G 105 -39.24 13.12 -16.28
CA GLY G 105 -38.98 12.21 -17.39
C GLY G 105 -40.06 12.20 -18.45
N THR G 106 -39.64 12.21 -19.73
CA THR G 106 -40.54 12.18 -20.87
C THR G 106 -40.40 10.84 -21.59
N ARG G 107 -41.52 10.12 -21.72
CA ARG G 107 -41.57 8.82 -22.40
C ARG G 107 -41.61 9.03 -23.91
N LEU G 108 -40.82 8.23 -24.66
CA LEU G 108 -40.79 8.33 -26.12
C LEU G 108 -41.04 6.97 -26.76
N THR G 109 -41.95 6.94 -27.74
CA THR G 109 -42.31 5.74 -28.50
C THR G 109 -42.09 6.04 -29.99
N VAL G 110 -41.25 5.24 -30.64
CA VAL G 110 -40.92 5.37 -32.06
C VAL G 110 -41.50 4.17 -32.81
N ILE G 111 -42.47 4.43 -33.70
CA ILE G 111 -43.12 3.38 -34.49
C ILE G 111 -42.20 3.05 -35.70
N PRO G 112 -41.78 1.77 -35.85
CA PRO G 112 -40.86 1.42 -36.96
C PRO G 112 -41.55 1.50 -38.33
N TYR G 113 -40.82 2.02 -39.33
CA TYR G 113 -41.29 2.17 -40.70
C TYR G 113 -41.23 0.83 -41.44
N ILE G 114 -42.30 0.50 -42.17
CA ILE G 114 -42.42 -0.72 -42.98
C ILE G 114 -42.54 -0.30 -44.45
N GLN G 115 -41.55 -0.69 -45.28
CA GLN G 115 -41.49 -0.36 -46.69
C GLN G 115 -42.57 -1.13 -47.48
N ASN G 116 -42.77 -2.41 -47.16
CA ASN G 116 -43.78 -3.28 -47.80
C ASN G 116 -44.79 -3.74 -46.73
N PRO G 117 -45.82 -2.92 -46.40
CA PRO G 117 -46.78 -3.33 -45.37
C PRO G 117 -47.87 -4.26 -45.93
N ASP G 118 -48.03 -5.44 -45.32
CA ASP G 118 -49.04 -6.43 -45.71
C ASP G 118 -49.88 -6.81 -44.46
N PRO G 119 -50.89 -5.99 -44.09
CA PRO G 119 -51.69 -6.31 -42.88
C PRO G 119 -52.65 -7.47 -43.14
N ALA G 120 -52.59 -8.52 -42.30
CA ALA G 120 -53.43 -9.73 -42.42
C ALA G 120 -53.62 -10.42 -41.07
N VAL G 121 -54.85 -10.92 -40.83
CA VAL G 121 -55.23 -11.66 -39.62
C VAL G 121 -54.96 -13.15 -39.84
N TYR G 122 -54.33 -13.82 -38.85
CA TYR G 122 -53.98 -15.23 -38.95
C TYR G 122 -54.57 -16.06 -37.81
N GLN G 123 -55.25 -17.16 -38.14
CA GLN G 123 -55.86 -18.08 -37.18
C GLN G 123 -54.78 -19.05 -36.69
N LEU G 124 -54.27 -18.80 -35.48
CA LEU G 124 -53.21 -19.56 -34.85
C LEU G 124 -53.77 -20.77 -34.08
N ARG G 125 -53.07 -21.93 -34.16
CA ARG G 125 -53.50 -23.18 -33.52
C ARG G 125 -52.97 -23.25 -32.08
N ASP G 126 -53.87 -23.04 -31.11
CA ASP G 126 -53.56 -23.06 -29.69
C ASP G 126 -53.28 -24.48 -29.18
N SER G 127 -52.56 -24.58 -28.04
CA SER G 127 -52.20 -25.83 -27.39
C SER G 127 -53.42 -26.57 -26.83
N LYS G 128 -53.28 -27.89 -26.61
CA LYS G 128 -54.34 -28.76 -26.09
C LYS G 128 -54.61 -28.52 -24.60
N SER G 129 -53.55 -28.29 -23.80
CA SER G 129 -53.63 -28.07 -22.36
C SER G 129 -54.23 -26.70 -22.01
N SER G 130 -53.90 -25.65 -22.79
CA SER G 130 -54.40 -24.29 -22.57
C SER G 130 -55.86 -24.16 -23.02
N ASP G 131 -56.69 -23.54 -22.15
CA ASP G 131 -58.12 -23.30 -22.39
C ASP G 131 -58.35 -22.20 -23.42
N LYS G 132 -57.37 -21.31 -23.60
CA LYS G 132 -57.41 -20.15 -24.49
C LYS G 132 -57.05 -20.47 -25.95
N SER G 133 -57.60 -19.65 -26.88
CA SER G 133 -57.37 -19.70 -28.33
C SER G 133 -56.70 -18.38 -28.76
N VAL G 134 -55.70 -18.43 -29.65
CA VAL G 134 -54.94 -17.25 -30.06
C VAL G 134 -55.09 -16.93 -31.59
N CYS G 135 -55.03 -15.62 -31.92
CA CYS G 135 -55.09 -15.00 -33.25
C CYS G 135 -54.15 -13.78 -33.27
N LEU G 136 -53.48 -13.50 -34.41
CA LEU G 136 -52.53 -12.37 -34.50
C LEU G 136 -52.58 -11.64 -35.86
N PHE G 137 -52.12 -10.37 -35.87
CA PHE G 137 -52.02 -9.50 -37.04
C PHE G 137 -50.57 -9.01 -37.20
N THR G 138 -50.01 -9.12 -38.42
CA THR G 138 -48.61 -8.76 -38.71
C THR G 138 -48.50 -7.77 -39.88
N ASP G 139 -47.43 -6.93 -39.83
CA ASP G 139 -47.00 -5.93 -40.81
C ASP G 139 -48.06 -4.85 -41.09
N PHE G 140 -48.13 -3.84 -40.21
CA PHE G 140 -49.03 -2.69 -40.34
C PHE G 140 -48.23 -1.40 -40.16
N ASP G 141 -48.46 -0.42 -41.06
CA ASP G 141 -47.77 0.88 -41.08
C ASP G 141 -48.09 1.76 -39.86
N SER G 142 -47.31 2.86 -39.67
CA SER G 142 -47.43 3.81 -38.57
C SER G 142 -48.77 4.57 -38.53
N GLN G 143 -49.50 4.62 -39.67
CA GLN G 143 -50.81 5.27 -39.77
C GLN G 143 -51.90 4.52 -38.99
N THR G 144 -51.79 3.18 -38.94
CA THR G 144 -52.74 2.32 -38.23
C THR G 144 -52.35 2.18 -36.76
N ASN G 145 -53.30 2.48 -35.86
CA ASN G 145 -53.11 2.39 -34.41
C ASN G 145 -54.14 1.42 -33.80
N VAL G 146 -53.64 0.38 -33.12
CA VAL G 146 -54.50 -0.63 -32.48
C VAL G 146 -54.92 -0.12 -31.09
N SER G 147 -56.25 -0.15 -30.83
CA SER G 147 -56.86 0.31 -29.58
C SER G 147 -57.05 -0.84 -28.58
N GLN G 148 -57.19 -0.50 -27.28
CA GLN G 148 -57.39 -1.46 -26.18
C GLN G 148 -58.67 -2.29 -26.37
N SER G 149 -58.68 -3.51 -25.81
CA SER G 149 -59.79 -4.47 -25.90
C SER G 149 -61.09 -3.92 -25.31
N LYS G 150 -62.20 -4.09 -26.07
CA LYS G 150 -63.54 -3.64 -25.68
C LYS G 150 -64.13 -4.56 -24.61
N ASP G 151 -64.10 -5.89 -24.86
CA ASP G 151 -64.60 -6.90 -23.93
C ASP G 151 -63.62 -7.12 -22.78
N SER G 152 -64.14 -7.41 -21.58
CA SER G 152 -63.35 -7.63 -20.36
C SER G 152 -62.59 -8.95 -20.38
N ASP G 153 -63.26 -10.06 -20.78
CA ASP G 153 -62.67 -11.40 -20.83
C ASP G 153 -62.02 -11.68 -22.20
N VAL G 154 -61.54 -10.61 -22.86
CA VAL G 154 -60.82 -10.60 -24.13
C VAL G 154 -59.61 -9.68 -23.91
N TYR G 155 -58.39 -10.16 -24.21
CA TYR G 155 -57.17 -9.39 -23.96
C TYR G 155 -56.35 -9.23 -25.23
N ILE G 156 -55.91 -7.98 -25.51
CA ILE G 156 -55.06 -7.65 -26.66
C ILE G 156 -53.70 -7.15 -26.14
N THR G 157 -52.62 -7.40 -26.90
CA THR G 157 -51.27 -7.00 -26.51
C THR G 157 -50.51 -6.31 -27.64
N ASP G 158 -49.71 -5.29 -27.26
CA ASP G 158 -48.87 -4.49 -28.15
C ASP G 158 -47.49 -4.23 -27.48
N LYS G 159 -46.32 -4.29 -28.19
CA LYS G 159 -46.07 -4.58 -29.60
C LYS G 159 -44.60 -5.05 -29.80
N CYS G 160 -43.99 -4.76 -30.96
CA CYS G 160 -42.60 -5.04 -31.33
C CYS G 160 -42.12 -4.03 -32.36
N SER G 166 -29.40 -9.09 -34.40
CA SER G 166 -30.78 -8.70 -34.18
C SER G 166 -31.23 -7.70 -35.27
N MET G 167 -31.28 -8.19 -36.52
CA MET G 167 -31.70 -7.39 -37.69
C MET G 167 -32.62 -8.19 -38.63
N ASP G 168 -33.35 -9.19 -38.08
CA ASP G 168 -34.29 -10.03 -38.82
C ASP G 168 -35.51 -10.36 -37.93
N PHE G 169 -36.75 -9.96 -38.31
CA PHE G 169 -37.09 -9.22 -39.53
C PHE G 169 -37.53 -7.78 -39.20
N LYS G 170 -37.73 -6.94 -40.25
CA LYS G 170 -38.15 -5.55 -40.13
C LYS G 170 -39.60 -5.40 -39.63
N SER G 171 -40.49 -6.34 -40.01
CA SER G 171 -41.91 -6.33 -39.66
C SER G 171 -42.14 -6.61 -38.16
N ASN G 172 -43.29 -6.14 -37.64
CA ASN G 172 -43.73 -6.30 -36.25
C ASN G 172 -45.14 -6.92 -36.20
N SER G 173 -45.49 -7.55 -35.05
CA SER G 173 -46.79 -8.21 -34.87
C SER G 173 -47.42 -7.95 -33.49
N ALA G 174 -48.76 -8.06 -33.42
CA ALA G 174 -49.57 -7.88 -32.21
C ALA G 174 -50.46 -9.11 -31.99
N VAL G 175 -50.67 -9.52 -30.73
CA VAL G 175 -51.44 -10.71 -30.37
C VAL G 175 -52.75 -10.33 -29.65
N ALA G 176 -53.87 -10.95 -30.09
CA ALA G 176 -55.22 -10.78 -29.53
C ALA G 176 -55.80 -12.17 -29.23
N TRP G 177 -55.94 -12.53 -27.94
CA TRP G 177 -56.42 -13.85 -27.55
C TRP G 177 -57.40 -13.80 -26.34
N SER G 178 -58.25 -14.83 -26.23
CA SER G 178 -59.25 -14.98 -25.16
C SER G 178 -59.34 -16.42 -24.66
N ASN G 179 -59.66 -16.59 -23.36
CA ASN G 179 -59.81 -17.89 -22.70
C ASN G 179 -61.17 -18.54 -23.02
N LYS G 180 -62.04 -17.83 -23.76
CA LYS G 180 -63.37 -18.27 -24.19
C LYS G 180 -63.32 -19.40 -25.23
N SER G 181 -62.21 -19.48 -26.03
CA SER G 181 -61.93 -20.46 -27.10
C SER G 181 -62.80 -20.24 -28.36
N ASP G 182 -63.99 -19.61 -28.19
CA ASP G 182 -64.93 -19.32 -29.29
C ASP G 182 -64.70 -17.89 -29.84
N PHE G 183 -63.49 -17.33 -29.63
CA PHE G 183 -63.12 -15.99 -30.07
C PHE G 183 -62.83 -15.93 -31.57
N ALA G 184 -63.35 -14.89 -32.22
CA ALA G 184 -63.18 -14.60 -33.65
C ALA G 184 -62.28 -13.37 -33.80
N CYS G 185 -61.32 -13.43 -34.76
CA CYS G 185 -60.32 -12.40 -35.04
C CYS G 185 -60.96 -11.01 -35.28
N ALA G 186 -62.09 -10.95 -36.01
CA ALA G 186 -62.80 -9.70 -36.30
C ALA G 186 -63.58 -9.23 -35.07
N ASN G 190 -63.01 -5.38 -34.29
CA ASN G 190 -61.68 -4.76 -34.33
C ASN G 190 -61.80 -3.24 -34.51
N ASN G 191 -60.99 -2.46 -33.76
CA ASN G 191 -60.97 -1.00 -33.81
C ASN G 191 -59.98 -0.48 -34.86
N SER G 192 -60.49 0.30 -35.85
CA SER G 192 -59.79 0.95 -36.95
C SER G 192 -58.75 0.04 -37.63
N ILE G 193 -59.23 -0.87 -38.50
CA ILE G 193 -58.40 -1.82 -39.24
C ILE G 193 -58.37 -1.43 -40.72
N ILE G 194 -57.26 -1.77 -41.40
CA ILE G 194 -57.04 -1.48 -42.82
C ILE G 194 -58.04 -2.29 -43.69
N PRO G 195 -58.66 -1.67 -44.73
CA PRO G 195 -59.65 -2.39 -45.55
C PRO G 195 -59.10 -3.63 -46.27
N GLU G 196 -57.80 -3.59 -46.67
CA GLU G 196 -57.15 -4.71 -47.35
C GLU G 196 -56.52 -5.67 -46.33
N ASP G 197 -57.19 -6.80 -46.09
CA ASP G 197 -56.76 -7.85 -45.15
C ASP G 197 -56.91 -9.24 -45.78
N THR G 198 -55.97 -10.16 -45.47
CA THR G 198 -55.98 -11.54 -45.98
C THR G 198 -56.39 -12.51 -44.86
N PHE G 199 -57.20 -13.54 -45.23
CA PHE G 199 -57.74 -14.60 -44.37
C PHE G 199 -58.55 -14.04 -43.20
N GLY H 1 -17.91 -0.01 -15.16
CA GLY H 1 -19.30 -0.45 -15.08
C GLY H 1 -19.78 -0.60 -13.65
N VAL H 2 -21.11 -0.50 -13.47
CA VAL H 2 -21.76 -0.62 -12.17
C VAL H 2 -22.53 -1.96 -12.13
N THR H 3 -22.23 -2.79 -11.12
CA THR H 3 -22.87 -4.09 -10.91
C THR H 3 -23.76 -4.00 -9.67
N GLN H 4 -25.00 -4.48 -9.80
CA GLN H 4 -26.02 -4.47 -8.76
C GLN H 4 -26.59 -5.87 -8.52
N THR H 5 -26.55 -6.35 -7.26
CA THR H 5 -27.11 -7.65 -6.89
C THR H 5 -28.15 -7.48 -5.76
N PRO H 6 -29.37 -8.07 -5.87
CA PRO H 6 -29.86 -8.92 -6.97
C PRO H 6 -30.49 -8.10 -8.12
N LYS H 7 -31.29 -8.75 -8.98
CA LYS H 7 -31.98 -8.11 -10.10
C LYS H 7 -33.46 -7.89 -9.76
N PHE H 8 -34.06 -8.87 -9.06
CA PHE H 8 -35.46 -8.87 -8.60
C PHE H 8 -35.55 -9.47 -7.20
N GLN H 9 -36.44 -8.91 -6.35
CA GLN H 9 -36.62 -9.40 -4.98
C GLN H 9 -38.05 -9.17 -4.48
N VAL H 10 -38.65 -10.23 -3.92
CA VAL H 10 -39.99 -10.23 -3.33
C VAL H 10 -39.84 -10.38 -1.81
N LEU H 11 -40.32 -9.39 -1.03
CA LEU H 11 -40.21 -9.38 0.42
C LEU H 11 -41.54 -9.14 1.13
N LYS H 12 -41.65 -9.65 2.37
CA LYS H 12 -42.82 -9.49 3.23
C LYS H 12 -42.63 -8.26 4.12
N THR H 13 -43.74 -7.66 4.59
CA THR H 13 -43.73 -6.47 5.45
C THR H 13 -43.08 -6.83 6.79
N GLY H 14 -41.81 -6.41 6.94
CA GLY H 14 -41.01 -6.66 8.13
C GLY H 14 -39.67 -7.33 7.87
N GLN H 15 -39.52 -7.94 6.68
CA GLN H 15 -38.30 -8.65 6.26
C GLN H 15 -37.13 -7.69 6.01
N SER H 16 -35.88 -8.23 6.08
CA SER H 16 -34.65 -7.49 5.86
C SER H 16 -33.93 -7.96 4.59
N MET H 17 -33.40 -7.00 3.80
CA MET H 17 -32.68 -7.28 2.56
C MET H 17 -31.60 -6.22 2.30
N THR H 18 -30.43 -6.65 1.79
CA THR H 18 -29.29 -5.78 1.49
C THR H 18 -29.01 -5.78 -0.02
N LEU H 19 -28.93 -4.58 -0.61
CA LEU H 19 -28.64 -4.36 -2.03
C LEU H 19 -27.16 -4.03 -2.20
N GLN H 20 -26.39 -4.98 -2.75
CA GLN H 20 -24.94 -4.81 -2.95
C GLN H 20 -24.66 -4.16 -4.30
N CYS H 21 -23.80 -3.12 -4.30
CA CYS H 21 -23.41 -2.38 -5.50
C CYS H 21 -21.89 -2.22 -5.56
N ALA H 22 -21.31 -2.45 -6.75
CA ALA H 22 -19.87 -2.35 -6.98
C ALA H 22 -19.54 -1.71 -8.33
N GLN H 23 -18.48 -0.88 -8.37
CA GLN H 23 -18.00 -0.21 -9.58
C GLN H 23 -16.49 -0.40 -9.75
N ASP H 24 -16.04 -0.62 -10.99
CA ASP H 24 -14.63 -0.83 -11.32
C ASP H 24 -14.09 0.33 -12.18
N MET H 25 -14.52 1.57 -11.86
CA MET H 25 -14.13 2.79 -12.58
C MET H 25 -13.23 3.72 -11.77
N ASN H 26 -12.80 3.30 -10.56
CA ASN H 26 -11.94 4.03 -9.62
C ASN H 26 -12.58 5.39 -9.24
N HIS H 27 -13.92 5.40 -9.15
CA HIS H 27 -14.71 6.58 -8.79
C HIS H 27 -14.83 6.71 -7.29
N ASN H 28 -14.81 7.95 -6.79
CA ASN H 28 -14.91 8.27 -5.36
C ASN H 28 -16.37 8.33 -4.93
N SER H 29 -17.22 8.99 -5.71
CA SER H 29 -18.64 9.16 -5.40
C SER H 29 -19.51 7.99 -5.87
N MET H 30 -20.37 7.48 -4.98
CA MET H 30 -21.31 6.38 -5.23
C MET H 30 -22.70 6.79 -4.71
N TYR H 31 -23.75 6.43 -5.47
CA TYR H 31 -25.13 6.85 -5.18
C TYR H 31 -26.14 5.70 -5.14
N TRP H 32 -27.29 5.93 -4.48
CA TRP H 32 -28.40 4.98 -4.39
C TRP H 32 -29.73 5.72 -4.61
N TYR H 33 -30.34 5.51 -5.79
CA TYR H 33 -31.60 6.11 -6.21
C TYR H 33 -32.76 5.11 -6.21
N ARG H 34 -33.99 5.61 -6.43
CA ARG H 34 -35.21 4.83 -6.57
C ARG H 34 -36.08 5.49 -7.65
N GLN H 35 -36.46 4.71 -8.68
CA GLN H 35 -37.26 5.23 -9.79
C GLN H 35 -38.73 4.87 -9.62
N ASP H 36 -39.59 5.89 -9.63
CA ASP H 36 -41.04 5.77 -9.50
C ASP H 36 -41.74 6.52 -10.65
N PRO H 37 -42.86 5.97 -11.20
CA PRO H 37 -43.54 6.67 -12.32
C PRO H 37 -44.16 8.00 -11.90
N GLY H 38 -43.81 9.06 -12.65
CA GLY H 38 -44.28 10.41 -12.41
C GLY H 38 -43.37 11.26 -11.53
N MET H 39 -42.61 10.60 -10.63
CA MET H 39 -41.69 11.24 -9.69
C MET H 39 -40.28 11.39 -10.27
N GLY H 40 -39.81 10.35 -10.96
CA GLY H 40 -38.48 10.31 -11.56
C GLY H 40 -37.45 9.68 -10.65
N LEU H 41 -36.28 10.34 -10.49
CA LEU H 41 -35.22 9.84 -9.62
C LEU H 41 -35.19 10.59 -8.30
N ARG H 42 -35.20 9.85 -7.20
CA ARG H 42 -35.15 10.38 -5.84
C ARG H 42 -34.01 9.70 -5.08
N LEU H 43 -32.98 10.50 -4.74
CA LEU H 43 -31.80 10.02 -4.04
C LEU H 43 -32.12 9.67 -2.59
N ILE H 44 -31.70 8.48 -2.17
CA ILE H 44 -31.91 7.92 -0.82
C ILE H 44 -30.70 8.28 0.05
N TYR H 45 -29.51 7.83 -0.37
CA TYR H 45 -28.22 8.04 0.29
C TYR H 45 -27.12 8.15 -0.74
N TYR H 46 -26.01 8.81 -0.39
CA TYR H 46 -24.87 8.96 -1.28
C TYR H 46 -23.57 9.06 -0.50
N SER H 47 -22.51 8.43 -1.04
CA SER H 47 -21.17 8.43 -0.47
C SER H 47 -20.24 9.18 -1.40
N ALA H 48 -19.88 10.42 -1.02
CA ALA H 48 -19.01 11.31 -1.79
C ALA H 48 -17.57 10.76 -1.92
N SER H 49 -17.08 10.10 -0.85
CA SER H 49 -15.75 9.49 -0.77
C SER H 49 -15.79 8.32 0.23
N GLU H 50 -14.74 7.47 0.23
CA GLU H 50 -14.65 6.31 1.15
C GLU H 50 -14.58 6.78 2.61
N GLY H 51 -15.42 6.17 3.45
CA GLY H 51 -15.54 6.51 4.87
C GLY H 51 -16.33 7.77 5.12
N THR H 52 -17.27 8.11 4.20
CA THR H 52 -18.14 9.28 4.27
C THR H 52 -19.53 8.90 3.77
N THR H 53 -20.58 9.22 4.55
CA THR H 53 -21.98 8.94 4.21
C THR H 53 -22.86 10.16 4.49
N ASP H 54 -23.79 10.46 3.56
CA ASP H 54 -24.70 11.60 3.67
C ASP H 54 -26.11 11.25 3.17
N LYS H 55 -27.14 11.79 3.86
CA LYS H 55 -28.56 11.58 3.55
C LYS H 55 -28.97 12.30 2.28
N GLY H 56 -29.86 11.68 1.51
CA GLY H 56 -30.41 12.23 0.28
C GLY H 56 -31.67 13.02 0.54
N GLU H 57 -32.75 12.74 -0.21
CA GLU H 57 -34.04 13.40 -0.04
C GLU H 57 -35.07 12.45 0.60
N VAL H 58 -34.89 11.12 0.41
CA VAL H 58 -35.77 10.09 0.96
C VAL H 58 -34.90 9.02 1.70
N PRO H 59 -34.29 9.36 2.87
CA PRO H 59 -33.44 8.37 3.56
C PRO H 59 -34.15 7.55 4.65
N ASN H 60 -35.46 7.81 4.89
CA ASN H 60 -36.26 7.14 5.92
C ASN H 60 -36.56 5.68 5.53
N GLY H 61 -36.19 4.76 6.42
CA GLY H 61 -36.38 3.33 6.25
C GLY H 61 -35.22 2.64 5.56
N TYR H 62 -34.08 3.35 5.40
CA TYR H 62 -32.87 2.85 4.75
C TYR H 62 -31.61 3.22 5.53
N ASN H 63 -30.54 2.43 5.36
CA ASN H 63 -29.22 2.64 5.98
C ASN H 63 -28.13 2.12 5.04
N VAL H 64 -27.02 2.86 4.91
CA VAL H 64 -25.93 2.49 4.02
C VAL H 64 -24.59 2.31 4.75
N SER H 65 -23.65 1.60 4.10
CA SER H 65 -22.30 1.35 4.60
C SER H 65 -21.33 1.24 3.43
N ARG H 66 -20.33 2.16 3.39
CA ARG H 66 -19.30 2.18 2.36
C ARG H 66 -18.12 1.35 2.87
N LEU H 67 -18.03 0.09 2.40
CA LEU H 67 -17.00 -0.89 2.78
C LEU H 67 -15.61 -0.43 2.31
N ASN H 68 -15.51 -0.02 1.03
CA ASN H 68 -14.28 0.44 0.39
C ASN H 68 -14.62 1.38 -0.78
N LYS H 69 -13.59 1.77 -1.58
CA LYS H 69 -13.71 2.68 -2.72
C LYS H 69 -14.59 2.11 -3.85
N ARG H 70 -14.63 0.77 -4.01
CA ARG H 70 -15.39 0.13 -5.08
C ARG H 70 -16.81 -0.35 -4.66
N GLU H 71 -17.01 -0.75 -3.39
CA GLU H 71 -18.30 -1.27 -2.94
C GLU H 71 -19.07 -0.30 -2.02
N PHE H 72 -20.40 -0.26 -2.18
CA PHE H 72 -21.35 0.55 -1.41
C PHE H 72 -22.70 -0.17 -1.38
N SER H 73 -23.15 -0.57 -0.18
CA SER H 73 -24.38 -1.34 0.00
C SER H 73 -25.53 -0.54 0.62
N LEU H 74 -26.78 -0.89 0.24
CA LEU H 74 -28.04 -0.30 0.72
C LEU H 74 -28.80 -1.35 1.53
N ARG H 75 -28.86 -1.16 2.87
CA ARG H 75 -29.53 -2.08 3.80
C ARG H 75 -30.92 -1.58 4.19
N LEU H 76 -31.89 -2.52 4.22
CA LEU H 76 -33.27 -2.30 4.62
C LEU H 76 -33.53 -3.13 5.89
N GLU H 77 -33.79 -2.46 7.03
CA GLU H 77 -34.03 -3.14 8.30
C GLU H 77 -35.44 -3.76 8.33
N SER H 78 -36.48 -2.96 8.02
CA SER H 78 -37.87 -3.43 7.98
C SER H 78 -38.54 -2.99 6.69
N ALA H 79 -39.00 -3.98 5.89
CA ALA H 79 -39.65 -3.74 4.60
C ALA H 79 -41.06 -3.17 4.76
N ALA H 80 -41.40 -2.17 3.93
CA ALA H 80 -42.68 -1.49 3.91
C ALA H 80 -43.27 -1.45 2.49
N PRO H 81 -44.62 -1.56 2.30
CA PRO H 81 -45.19 -1.53 0.93
C PRO H 81 -44.93 -0.23 0.17
N SER H 82 -44.53 0.85 0.88
CA SER H 82 -44.19 2.15 0.30
C SER H 82 -42.79 2.13 -0.35
N GLN H 83 -41.98 1.10 -0.03
CA GLN H 83 -40.62 0.91 -0.55
C GLN H 83 -40.62 0.07 -1.86
N THR H 84 -41.82 -0.23 -2.41
CA THR H 84 -42.01 -0.98 -3.66
C THR H 84 -41.61 -0.06 -4.82
N SER H 85 -40.35 -0.18 -5.28
CA SER H 85 -39.77 0.62 -6.36
C SER H 85 -38.52 -0.05 -6.93
N VAL H 86 -38.12 0.35 -8.15
CA VAL H 86 -36.91 -0.16 -8.79
C VAL H 86 -35.74 0.75 -8.34
N TYR H 87 -34.71 0.15 -7.73
CA TYR H 87 -33.55 0.86 -7.18
C TYR H 87 -32.38 0.83 -8.16
N PHE H 88 -31.78 2.01 -8.39
CA PHE H 88 -30.63 2.19 -9.28
C PHE H 88 -29.42 2.71 -8.52
N CYS H 89 -28.26 2.11 -8.78
CA CYS H 89 -26.99 2.52 -8.18
C CYS H 89 -26.16 3.26 -9.21
N ALA H 90 -25.66 4.44 -8.85
CA ALA H 90 -24.87 5.29 -9.74
C ALA H 90 -23.48 5.59 -9.16
N SER H 91 -22.57 6.11 -10.00
CA SER H 91 -21.20 6.49 -9.62
C SER H 91 -20.62 7.55 -10.56
N SER H 92 -19.91 8.53 -9.98
CA SER H 92 -19.22 9.61 -10.68
C SER H 92 -17.82 9.78 -10.07
N GLU H 93 -16.86 10.28 -10.88
CA GLU H 93 -15.45 10.47 -10.52
C GLU H 93 -15.24 11.10 -9.13
N ALA H 94 -15.90 12.25 -8.84
CA ALA H 94 -15.75 12.93 -7.55
C ALA H 94 -16.96 13.79 -7.20
N ARG H 95 -17.57 14.48 -8.19
CA ARG H 95 -18.69 15.38 -7.94
C ARG H 95 -19.98 14.89 -8.57
N ARG H 96 -21.13 15.35 -8.04
CA ARG H 96 -22.47 14.96 -8.49
C ARG H 96 -22.76 15.48 -9.91
N TYR H 97 -22.09 16.56 -10.34
CA TYR H 97 -22.27 17.12 -11.68
C TYR H 97 -21.26 16.55 -12.69
N ASN H 98 -20.73 15.34 -12.42
CA ASN H 98 -19.85 14.60 -13.33
C ASN H 98 -20.68 13.52 -14.00
N GLU H 99 -20.18 12.91 -15.10
CA GLU H 99 -20.92 11.86 -15.80
C GLU H 99 -21.23 10.71 -14.84
N GLN H 100 -22.53 10.48 -14.61
CA GLN H 100 -23.01 9.43 -13.71
C GLN H 100 -23.25 8.15 -14.50
N PHE H 101 -22.64 7.05 -14.03
CA PHE H 101 -22.75 5.73 -14.64
C PHE H 101 -23.66 4.87 -13.77
N PHE H 102 -24.77 4.40 -14.35
CA PHE H 102 -25.81 3.63 -13.64
C PHE H 102 -25.71 2.12 -13.88
N GLY H 103 -26.22 1.35 -12.91
CA GLY H 103 -26.27 -0.10 -12.97
C GLY H 103 -27.49 -0.63 -13.71
N PRO H 104 -27.69 -1.96 -13.76
CA PRO H 104 -28.87 -2.50 -14.47
C PRO H 104 -30.19 -2.21 -13.77
N GLY H 105 -30.16 -2.09 -12.44
CA GLY H 105 -31.34 -1.82 -11.62
C GLY H 105 -31.86 -3.04 -10.89
N THR H 106 -32.44 -2.82 -9.70
CA THR H 106 -33.00 -3.88 -8.87
C THR H 106 -34.47 -3.58 -8.57
N ARG H 107 -35.38 -4.37 -9.19
CA ARG H 107 -36.82 -4.23 -8.99
C ARG H 107 -37.20 -4.85 -7.66
N LEU H 108 -37.90 -4.06 -6.81
CA LEU H 108 -38.32 -4.52 -5.48
C LEU H 108 -39.83 -4.37 -5.32
N THR H 109 -40.48 -5.43 -4.80
CA THR H 109 -41.92 -5.46 -4.56
C THR H 109 -42.17 -6.00 -3.15
N VAL H 110 -42.71 -5.14 -2.27
CA VAL H 110 -43.02 -5.48 -0.88
C VAL H 110 -44.52 -5.71 -0.77
N LEU H 111 -44.91 -6.90 -0.26
CA LEU H 111 -46.32 -7.28 -0.11
C LEU H 111 -46.63 -7.65 1.34
N GLU H 112 -47.90 -7.39 1.75
CA GLU H 112 -48.41 -7.69 3.08
C GLU H 112 -48.81 -9.17 3.17
N ASP H 113 -49.36 -9.71 2.05
CA ASP H 113 -49.81 -11.10 1.93
C ASP H 113 -48.92 -11.85 0.93
N LEU H 114 -48.40 -13.02 1.35
CA LEU H 114 -47.52 -13.87 0.53
C LEU H 114 -48.33 -14.98 -0.19
N LYS H 115 -49.66 -14.85 -0.23
CA LYS H 115 -50.55 -15.83 -0.87
C LYS H 115 -50.81 -15.48 -2.35
N ASN H 116 -50.57 -14.21 -2.73
CA ASN H 116 -50.80 -13.73 -4.10
C ASN H 116 -49.52 -13.74 -4.96
N VAL H 117 -48.69 -14.79 -4.82
CA VAL H 117 -47.48 -14.96 -5.64
C VAL H 117 -47.61 -16.27 -6.41
N PHE H 118 -47.71 -16.17 -7.75
CA PHE H 118 -47.93 -17.31 -8.63
C PHE H 118 -46.90 -17.41 -9.77
N PRO H 119 -46.31 -18.59 -10.03
CA PRO H 119 -45.39 -18.73 -11.17
C PRO H 119 -46.18 -18.82 -12.48
N PRO H 120 -45.66 -18.34 -13.64
CA PRO H 120 -46.46 -18.42 -14.88
C PRO H 120 -46.39 -19.79 -15.56
N GLU H 121 -47.30 -20.00 -16.54
CA GLU H 121 -47.36 -21.22 -17.35
C GLU H 121 -46.69 -20.95 -18.69
N VAL H 122 -45.73 -21.80 -19.07
CA VAL H 122 -44.99 -21.65 -20.33
C VAL H 122 -45.75 -22.40 -21.43
N ALA H 123 -46.73 -21.71 -22.04
CA ALA H 123 -47.55 -22.25 -23.12
C ALA H 123 -46.90 -21.92 -24.47
N VAL H 124 -45.94 -22.78 -24.88
CA VAL H 124 -45.20 -22.63 -26.14
C VAL H 124 -46.13 -22.99 -27.29
N PHE H 125 -46.38 -22.00 -28.16
CA PHE H 125 -47.25 -22.13 -29.33
C PHE H 125 -46.50 -22.79 -30.49
N GLU H 126 -47.18 -23.73 -31.17
CA GLU H 126 -46.65 -24.44 -32.33
C GLU H 126 -46.99 -23.63 -33.59
N PRO H 127 -45.99 -23.18 -34.39
CA PRO H 127 -46.29 -22.35 -35.59
C PRO H 127 -47.46 -22.83 -36.44
N SER H 128 -48.34 -21.88 -36.84
CA SER H 128 -49.54 -22.12 -37.65
C SER H 128 -49.18 -22.63 -39.03
N GLU H 129 -49.96 -23.60 -39.54
CA GLU H 129 -49.79 -24.23 -40.86
C GLU H 129 -50.09 -23.22 -41.99
N ALA H 130 -51.05 -22.31 -41.75
CA ALA H 130 -51.45 -21.27 -42.71
C ALA H 130 -50.36 -20.18 -42.85
N GLU H 131 -49.55 -19.99 -41.80
CA GLU H 131 -48.46 -19.01 -41.75
C GLU H 131 -47.28 -19.44 -42.66
N ILE H 132 -46.92 -20.75 -42.63
CA ILE H 132 -45.83 -21.32 -43.43
C ILE H 132 -46.16 -21.28 -44.93
N SER H 133 -47.45 -21.44 -45.28
CA SER H 133 -47.93 -21.45 -46.66
C SER H 133 -48.07 -20.02 -47.25
N HIS H 134 -48.25 -19.00 -46.40
CA HIS H 134 -48.44 -17.62 -46.85
C HIS H 134 -47.16 -16.77 -46.77
N THR H 135 -46.78 -16.30 -45.56
CA THR H 135 -45.61 -15.45 -45.34
C THR H 135 -44.26 -16.21 -45.46
N GLN H 136 -44.29 -17.57 -45.43
CA GLN H 136 -43.13 -18.48 -45.51
C GLN H 136 -42.14 -18.20 -44.35
N LYS H 137 -42.68 -17.95 -43.14
CA LYS H 137 -41.90 -17.67 -41.94
C LYS H 137 -42.67 -18.11 -40.69
N ALA H 138 -42.08 -19.02 -39.90
CA ALA H 138 -42.68 -19.56 -38.70
C ALA H 138 -42.53 -18.62 -37.51
N THR H 139 -43.58 -18.52 -36.68
CA THR H 139 -43.64 -17.68 -35.48
C THR H 139 -44.05 -18.52 -34.27
N LEU H 140 -43.30 -18.39 -33.16
CA LEU H 140 -43.57 -19.10 -31.91
C LEU H 140 -43.95 -18.09 -30.82
N VAL H 141 -45.26 -17.93 -30.55
CA VAL H 141 -45.73 -16.97 -29.54
C VAL H 141 -45.89 -17.68 -28.17
N CYS H 142 -44.80 -17.70 -27.40
CA CYS H 142 -44.75 -18.27 -26.05
C CYS H 142 -45.41 -17.27 -25.10
N LEU H 143 -46.60 -17.63 -24.58
CA LEU H 143 -47.38 -16.76 -23.70
C LEU H 143 -47.24 -17.17 -22.23
N ALA H 144 -47.32 -16.17 -21.34
CA ALA H 144 -47.26 -16.32 -19.88
C ALA H 144 -48.52 -15.72 -19.28
N THR H 145 -49.31 -16.55 -18.57
CA THR H 145 -50.59 -16.14 -17.97
C THR H 145 -50.59 -16.53 -16.48
N GLY H 146 -51.11 -15.62 -15.65
CA GLY H 146 -51.25 -15.81 -14.22
C GLY H 146 -49.94 -15.74 -13.46
N PHE H 147 -49.29 -14.56 -13.44
CA PHE H 147 -48.04 -14.35 -12.71
C PHE H 147 -48.06 -13.05 -11.91
N TYR H 148 -47.48 -13.11 -10.70
CA TYR H 148 -47.39 -11.98 -9.77
C TYR H 148 -46.15 -12.16 -8.85
N PRO H 149 -45.24 -11.16 -8.76
CA PRO H 149 -45.26 -9.85 -9.43
C PRO H 149 -44.65 -9.91 -10.83
N ASP H 150 -44.33 -8.73 -11.43
CA ASP H 150 -43.75 -8.62 -12.77
C ASP H 150 -42.25 -8.99 -12.79
N HIS H 151 -41.78 -9.73 -11.77
CA HIS H 151 -40.39 -10.18 -11.64
C HIS H 151 -40.17 -11.40 -12.54
N VAL H 152 -40.21 -11.16 -13.86
CA VAL H 152 -40.08 -12.18 -14.89
C VAL H 152 -39.24 -11.64 -16.07
N GLU H 153 -38.22 -12.42 -16.46
CA GLU H 153 -37.34 -12.12 -17.60
C GLU H 153 -37.33 -13.34 -18.54
N LEU H 154 -37.78 -13.13 -19.78
CA LEU H 154 -37.88 -14.19 -20.78
C LEU H 154 -36.64 -14.23 -21.67
N SER H 155 -36.20 -15.45 -22.03
CA SER H 155 -35.05 -15.72 -22.89
C SER H 155 -35.33 -16.91 -23.79
N TRP H 156 -35.07 -16.74 -25.10
CA TRP H 156 -35.27 -17.80 -26.09
C TRP H 156 -33.97 -18.56 -26.31
N TRP H 157 -34.02 -19.89 -26.19
CA TRP H 157 -32.86 -20.76 -26.37
C TRP H 157 -33.08 -21.72 -27.54
N VAL H 158 -32.23 -21.62 -28.57
CA VAL H 158 -32.30 -22.46 -29.77
C VAL H 158 -30.98 -23.22 -29.92
N ASN H 159 -31.07 -24.57 -29.89
CA ASN H 159 -29.97 -25.54 -30.01
C ASN H 159 -28.87 -25.33 -28.96
N GLY H 160 -29.27 -24.97 -27.74
CA GLY H 160 -28.38 -24.74 -26.61
C GLY H 160 -27.82 -23.34 -26.47
N LYS H 161 -28.02 -22.49 -27.48
CA LYS H 161 -27.53 -21.11 -27.49
C LYS H 161 -28.70 -20.12 -27.37
N GLU H 162 -28.53 -19.06 -26.55
CA GLU H 162 -29.54 -18.03 -26.33
C GLU H 162 -29.59 -17.11 -27.55
N VAL H 163 -30.76 -17.01 -28.19
CA VAL H 163 -30.99 -16.20 -29.39
C VAL H 163 -31.71 -14.88 -29.04
N HIS H 164 -31.44 -13.83 -29.83
CA HIS H 164 -32.05 -12.51 -29.69
C HIS H 164 -32.71 -12.08 -30.99
N SER H 165 -32.23 -12.59 -32.14
CA SER H 165 -32.77 -12.29 -33.47
C SER H 165 -34.13 -12.98 -33.65
N GLY H 166 -35.16 -12.18 -33.95
CA GLY H 166 -36.52 -12.65 -34.15
C GLY H 166 -37.39 -12.61 -32.89
N VAL H 167 -36.78 -12.25 -31.74
CA VAL H 167 -37.46 -12.17 -30.45
C VAL H 167 -38.24 -10.84 -30.35
N CYS H 168 -39.55 -10.94 -30.07
CA CYS H 168 -40.46 -9.81 -29.91
C CYS H 168 -41.22 -9.98 -28.59
N THR H 169 -40.80 -9.24 -27.55
CA THR H 169 -41.40 -9.30 -26.22
C THR H 169 -42.07 -7.95 -25.86
N ASP H 170 -43.13 -8.02 -25.03
CA ASP H 170 -43.90 -6.86 -24.56
C ASP H 170 -43.07 -5.99 -23.59
N PRO H 171 -43.20 -4.63 -23.65
CA PRO H 171 -42.44 -3.80 -22.72
C PRO H 171 -42.99 -3.88 -21.29
N GLN H 172 -44.32 -3.85 -21.15
CA GLN H 172 -45.04 -3.95 -19.87
C GLN H 172 -46.13 -5.02 -19.96
N PRO H 173 -46.25 -5.94 -18.97
CA PRO H 173 -47.29 -6.97 -19.05
C PRO H 173 -48.65 -6.46 -18.58
N GLU H 176 -55.24 -9.15 -15.76
CA GLU H 176 -56.51 -9.46 -16.40
C GLU H 176 -57.65 -8.58 -15.87
N GLN H 177 -57.81 -8.54 -14.53
CA GLN H 177 -58.85 -7.75 -13.86
C GLN H 177 -58.35 -6.30 -13.63
N PRO H 178 -59.00 -5.28 -14.23
CA PRO H 178 -58.53 -3.89 -14.02
C PRO H 178 -58.93 -3.31 -12.66
N ALA H 179 -59.95 -3.91 -12.00
CA ALA H 179 -60.46 -3.47 -10.70
C ALA H 179 -59.58 -3.93 -9.53
N LEU H 180 -59.01 -5.15 -9.62
CA LEU H 180 -58.18 -5.75 -8.58
C LEU H 180 -56.81 -5.05 -8.46
N ASN H 181 -56.39 -4.73 -7.22
CA ASN H 181 -55.13 -4.06 -6.92
C ASN H 181 -53.94 -5.02 -7.00
N ASP H 182 -54.16 -6.31 -6.67
CA ASP H 182 -53.14 -7.36 -6.72
C ASP H 182 -53.43 -8.34 -7.88
N SER H 183 -53.89 -7.78 -9.02
CA SER H 183 -54.24 -8.53 -10.23
C SER H 183 -53.02 -9.04 -10.98
N ARG H 184 -53.11 -10.28 -11.50
CA ARG H 184 -52.05 -10.93 -12.27
C ARG H 184 -52.08 -10.44 -13.72
N TYR H 185 -50.91 -10.09 -14.27
CA TYR H 185 -50.74 -9.59 -15.64
C TYR H 185 -50.40 -10.72 -16.62
N ALA H 186 -50.36 -10.41 -17.93
CA ALA H 186 -50.04 -11.35 -18.99
C ALA H 186 -49.03 -10.76 -19.99
N LEU H 187 -47.94 -11.50 -20.25
CA LEU H 187 -46.87 -11.10 -21.17
C LEU H 187 -46.76 -12.05 -22.34
N SER H 188 -46.61 -11.50 -23.56
CA SER H 188 -46.48 -12.27 -24.79
C SER H 188 -45.11 -12.08 -25.43
N SER H 189 -44.49 -13.19 -25.87
CA SER H 189 -43.16 -13.20 -26.51
C SER H 189 -43.19 -14.06 -27.77
N ARG H 190 -42.83 -13.46 -28.92
CA ARG H 190 -42.83 -14.12 -30.23
C ARG H 190 -41.42 -14.37 -30.74
N LEU H 191 -41.21 -15.52 -31.42
CA LEU H 191 -39.94 -15.90 -32.03
C LEU H 191 -40.16 -16.19 -33.52
N ARG H 192 -39.77 -15.23 -34.38
CA ARG H 192 -39.91 -15.33 -35.83
C ARG H 192 -38.63 -15.90 -36.45
N VAL H 193 -38.77 -17.05 -37.13
CA VAL H 193 -37.69 -17.76 -37.82
C VAL H 193 -38.15 -18.16 -39.23
N SER H 194 -37.20 -18.54 -40.11
CA SER H 194 -37.50 -18.96 -41.48
C SER H 194 -38.23 -20.30 -41.51
N ALA H 195 -39.04 -20.54 -42.56
CA ALA H 195 -39.84 -21.76 -42.75
C ALA H 195 -38.96 -23.01 -42.90
N THR H 196 -37.76 -22.86 -43.51
CA THR H 196 -36.78 -23.94 -43.71
C THR H 196 -36.19 -24.40 -42.37
N PHE H 197 -36.01 -23.47 -41.41
CA PHE H 197 -35.46 -23.73 -40.08
C PHE H 197 -36.43 -24.54 -39.20
N TRP H 198 -37.75 -24.24 -39.30
CA TRP H 198 -38.79 -24.93 -38.52
C TRP H 198 -39.07 -26.33 -39.09
N GLN H 199 -39.03 -26.50 -40.42
CA GLN H 199 -39.27 -27.77 -41.12
C GLN H 199 -38.25 -28.85 -40.75
N ASN H 200 -37.03 -28.44 -40.32
CA ASN H 200 -35.97 -29.34 -39.89
C ASN H 200 -36.32 -29.90 -38.50
N PRO H 201 -36.46 -31.24 -38.34
CA PRO H 201 -36.86 -31.80 -37.03
C PRO H 201 -35.74 -31.83 -35.99
N ARG H 202 -34.46 -31.73 -36.42
CA ARG H 202 -33.29 -31.78 -35.54
C ARG H 202 -33.15 -30.50 -34.69
N ASN H 203 -33.74 -29.37 -35.15
CA ASN H 203 -33.70 -28.09 -34.44
C ASN H 203 -34.56 -28.10 -33.17
N HIS H 204 -34.02 -27.56 -32.07
CA HIS H 204 -34.67 -27.49 -30.76
C HIS H 204 -35.03 -26.04 -30.41
N PHE H 205 -36.25 -25.84 -29.86
CA PHE H 205 -36.76 -24.54 -29.45
C PHE H 205 -37.20 -24.59 -27.98
N ARG H 206 -36.76 -23.62 -27.17
CA ARG H 206 -37.10 -23.58 -25.75
C ARG H 206 -37.33 -22.14 -25.27
N CYS H 207 -38.52 -21.90 -24.68
CA CYS H 207 -38.92 -20.62 -24.12
C CYS H 207 -38.64 -20.64 -22.62
N GLN H 208 -37.46 -20.11 -22.23
CA GLN H 208 -37.03 -20.10 -20.82
C GLN H 208 -37.57 -18.88 -20.10
N VAL H 209 -38.15 -19.10 -18.90
CA VAL H 209 -38.72 -18.06 -18.04
C VAL H 209 -38.01 -18.14 -16.68
N GLN H 210 -37.24 -17.10 -16.34
CA GLN H 210 -36.52 -17.00 -15.07
C GLN H 210 -37.43 -16.38 -14.03
N PHE H 211 -37.75 -17.14 -12.97
CA PHE H 211 -38.64 -16.65 -11.91
C PHE H 211 -37.87 -16.33 -10.64
N TYR H 212 -38.18 -15.16 -10.06
CA TYR H 212 -37.56 -14.67 -8.83
C TYR H 212 -38.62 -14.57 -7.72
N GLY H 213 -38.74 -15.66 -6.96
CA GLY H 213 -39.70 -15.77 -5.87
C GLY H 213 -39.07 -15.79 -4.50
N LEU H 214 -39.56 -16.68 -3.62
CA LEU H 214 -39.11 -16.84 -2.24
C LEU H 214 -37.88 -17.74 -2.13
N SER H 215 -37.08 -17.55 -1.07
CA SER H 215 -35.89 -18.34 -0.79
C SER H 215 -36.25 -19.59 0.03
N GLU H 216 -35.26 -20.50 0.24
CA GLU H 216 -35.44 -21.75 1.00
C GLU H 216 -35.68 -21.49 2.50
N ASN H 217 -35.15 -20.37 3.03
CA ASN H 217 -35.28 -19.97 4.43
C ASN H 217 -36.66 -19.39 4.75
N ASP H 218 -37.41 -18.93 3.71
CA ASP H 218 -38.75 -18.34 3.86
C ASP H 218 -39.80 -19.38 4.26
N GLU H 219 -40.74 -18.96 5.14
CA GLU H 219 -41.84 -19.77 5.67
C GLU H 219 -42.99 -19.91 4.65
N TRP H 220 -43.53 -21.13 4.54
CA TRP H 220 -44.67 -21.46 3.65
C TRP H 220 -45.60 -22.43 4.38
N THR H 221 -46.89 -22.04 4.52
CA THR H 221 -47.90 -22.84 5.23
C THR H 221 -49.17 -23.01 4.35
N GLN H 222 -49.01 -23.04 3.01
CA GLN H 222 -50.12 -23.20 2.07
C GLN H 222 -50.10 -24.59 1.42
N ASP H 223 -51.28 -25.09 1.03
CA ASP H 223 -51.49 -26.39 0.37
C ASP H 223 -50.85 -26.45 -1.02
N ARG H 224 -50.87 -25.33 -1.77
CA ARG H 224 -50.29 -25.23 -3.11
C ARG H 224 -48.76 -25.20 -3.06
N ALA H 225 -48.10 -25.47 -4.23
CA ALA H 225 -46.64 -25.50 -4.38
C ALA H 225 -46.00 -24.14 -4.07
N LYS H 226 -44.82 -24.18 -3.41
CA LYS H 226 -44.06 -23.00 -3.01
C LYS H 226 -43.43 -22.30 -4.24
N PRO H 227 -43.67 -20.99 -4.46
CA PRO H 227 -43.09 -20.31 -5.63
C PRO H 227 -41.65 -19.88 -5.33
N VAL H 228 -40.72 -20.85 -5.42
CA VAL H 228 -39.29 -20.68 -5.16
C VAL H 228 -38.57 -20.14 -6.43
N THR H 229 -37.30 -19.70 -6.30
CA THR H 229 -36.46 -19.17 -7.38
C THR H 229 -36.06 -20.35 -8.30
N GLN H 230 -37.00 -20.76 -9.18
CA GLN H 230 -36.82 -21.87 -10.11
C GLN H 230 -37.24 -21.45 -11.52
N ILE H 231 -36.46 -21.89 -12.54
CA ILE H 231 -36.73 -21.55 -13.93
C ILE H 231 -37.89 -22.40 -14.47
N VAL H 232 -38.84 -21.76 -15.15
CA VAL H 232 -39.99 -22.42 -15.78
C VAL H 232 -39.72 -22.45 -17.27
N SER H 233 -39.47 -23.66 -17.82
CA SER H 233 -39.15 -23.82 -19.23
C SER H 233 -39.92 -24.95 -19.89
N ALA H 234 -40.39 -24.71 -21.12
CA ALA H 234 -41.09 -25.68 -21.95
C ALA H 234 -40.40 -25.76 -23.32
N GLU H 235 -40.25 -26.98 -23.84
CA GLU H 235 -39.56 -27.26 -25.10
C GLU H 235 -40.51 -27.63 -26.24
N ALA H 236 -40.08 -27.36 -27.49
CA ALA H 236 -40.80 -27.66 -28.73
C ALA H 236 -39.82 -28.05 -29.84
N TRP H 237 -40.13 -29.14 -30.56
CA TRP H 237 -39.29 -29.66 -31.64
C TRP H 237 -39.89 -29.35 -33.01
N GLY H 238 -39.02 -29.23 -34.01
CA GLY H 238 -39.39 -28.92 -35.39
C GLY H 238 -40.21 -29.99 -36.07
N ARG H 239 -41.16 -29.56 -36.92
CA ARG H 239 -42.05 -30.45 -37.68
C ARG H 239 -42.01 -30.12 -39.18
N ALA H 240 -41.86 -31.17 -40.01
CA ALA H 240 -41.80 -31.05 -41.47
C ALA H 240 -43.18 -30.82 -42.08
N ASP H 241 -44.22 -31.50 -41.55
CA ASP H 241 -45.61 -31.38 -42.01
C ASP H 241 -46.55 -30.98 -40.87
N PRO I 2 17.84 -29.27 22.82
CA PRO I 2 18.37 -30.43 22.08
C PRO I 2 18.91 -30.01 20.72
N SER I 3 18.03 -29.92 19.69
CA SER I 3 18.34 -29.53 18.31
C SER I 3 17.08 -29.00 17.64
N GLY I 4 17.20 -27.86 16.96
CA GLY I 4 16.10 -27.18 16.29
C GLY I 4 15.70 -27.78 14.96
N GLU I 5 14.41 -27.65 14.63
CA GLU I 5 13.81 -28.14 13.39
C GLU I 5 14.08 -27.18 12.23
N GLY I 6 14.47 -27.74 11.09
CA GLY I 6 14.73 -26.99 9.87
C GLY I 6 13.46 -26.42 9.26
N SER I 7 13.57 -25.25 8.61
CA SER I 7 12.42 -24.57 8.01
C SER I 7 12.75 -24.01 6.63
N PHE I 8 11.75 -24.03 5.72
CA PHE I 8 11.87 -23.49 4.36
C PHE I 8 11.70 -21.98 4.38
N GLN I 9 12.69 -21.24 3.84
CA GLN I 9 12.66 -19.79 3.77
C GLN I 9 11.99 -19.35 2.46
N PRO I 10 10.90 -18.55 2.50
CA PRO I 10 10.26 -18.13 1.24
C PRO I 10 11.04 -16.99 0.57
N SER I 11 11.15 -17.06 -0.76
CA SER I 11 11.84 -16.06 -1.57
C SER I 11 10.99 -14.81 -1.68
N GLN I 12 11.58 -13.63 -1.38
CA GLN I 12 10.89 -12.34 -1.43
C GLN I 12 10.63 -11.93 -2.86
N GLU I 13 9.40 -11.48 -3.15
CA GLU I 13 8.98 -11.02 -4.47
C GLU I 13 9.65 -9.68 -4.81
N ASN I 14 9.83 -9.40 -6.12
CA ASN I 14 10.47 -8.16 -6.60
C ASN I 14 9.64 -6.93 -6.23
N PRO I 15 10.17 -6.01 -5.38
CA PRO I 15 9.38 -4.83 -5.00
C PRO I 15 9.32 -3.75 -6.10
N GLN I 16 10.25 -3.79 -7.06
CA GLN I 16 10.33 -2.85 -8.18
C GLN I 16 9.21 -3.12 -9.19
N PRO J 2 -28.17 32.07 -2.41
CA PRO J 2 -26.82 32.53 -2.75
C PRO J 2 -26.06 31.50 -3.58
N SER J 3 -25.25 31.99 -4.53
CA SER J 3 -24.45 31.12 -5.41
C SER J 3 -23.15 30.71 -4.73
N GLY J 4 -22.90 29.40 -4.75
CA GLY J 4 -21.70 28.80 -4.17
C GLY J 4 -20.43 29.10 -4.94
N GLU J 5 -19.28 28.98 -4.26
CA GLU J 5 -17.96 29.23 -4.82
C GLU J 5 -17.47 28.05 -5.64
N GLY J 6 -16.94 28.35 -6.82
CA GLY J 6 -16.38 27.37 -7.75
C GLY J 6 -15.09 26.78 -7.23
N SER J 7 -14.83 25.50 -7.54
CA SER J 7 -13.63 24.80 -7.09
C SER J 7 -13.00 23.96 -8.20
N PHE J 8 -11.66 23.88 -8.21
CA PHE J 8 -10.89 23.10 -9.18
C PHE J 8 -10.87 21.63 -8.77
N GLN J 9 -11.30 20.75 -9.68
CA GLN J 9 -11.33 19.30 -9.45
C GLN J 9 -10.01 18.68 -9.89
N PRO J 10 -9.26 18.00 -8.99
CA PRO J 10 -7.99 17.40 -9.43
C PRO J 10 -8.21 16.10 -10.20
N SER J 11 -7.42 15.90 -11.26
CA SER J 11 -7.48 14.72 -12.11
C SER J 11 -6.86 13.52 -11.39
N GLN J 12 -7.60 12.40 -11.34
CA GLN J 12 -7.15 11.18 -10.68
C GLN J 12 -6.03 10.51 -11.47
N GLU J 13 -4.96 10.10 -10.77
CA GLU J 13 -3.79 9.43 -11.34
C GLU J 13 -4.16 8.02 -11.80
N ASN J 14 -3.44 7.48 -12.80
CA ASN J 14 -3.67 6.14 -13.36
C ASN J 14 -3.40 5.05 -12.31
N PRO J 15 -4.45 4.28 -11.90
CA PRO J 15 -4.22 3.23 -10.87
C PRO J 15 -3.52 1.99 -11.43
N GLN J 16 -3.55 1.78 -12.76
CA GLN J 16 -2.93 0.64 -13.43
C GLN J 16 -1.40 0.80 -13.46
#